data_2L9U
#
_entry.id   2L9U
#
_entity_poly.entity_id   1
_entity_poly.type   'polypeptide(L)'
_entity_poly.pdbx_seq_one_letter_code
;MGRTHLTMALTVIAGLVVIFMMLGGTFLYWRGRRHHHHHH
;
_entity_poly.pdbx_strand_id   A,B
#
# COMPACT_ATOMS: atom_id res chain seq x y z
N MET A 1 -5.23 -16.28 24.70
CA MET A 1 -5.56 -15.34 23.62
C MET A 1 -7.02 -15.48 23.21
N GLY A 2 -7.62 -14.36 22.80
CA GLY A 2 -9.01 -14.38 22.38
C GLY A 2 -9.50 -13.02 21.94
N ARG A 3 -9.35 -12.02 22.82
CA ARG A 3 -9.78 -10.66 22.52
C ARG A 3 -8.60 -9.71 22.51
N THR A 4 -7.51 -10.11 23.15
CA THR A 4 -6.31 -9.29 23.23
C THR A 4 -5.53 -9.35 21.92
N HIS A 5 -5.61 -10.48 21.23
CA HIS A 5 -4.91 -10.66 19.96
C HIS A 5 -5.45 -9.69 18.91
N LEU A 6 -6.59 -9.09 19.20
CA LEU A 6 -7.21 -8.15 18.28
C LEU A 6 -6.40 -6.85 18.19
N THR A 7 -5.77 -6.48 19.30
CA THR A 7 -4.97 -5.27 19.34
C THR A 7 -3.82 -5.33 18.33
N MET A 8 -3.03 -6.39 18.41
CA MET A 8 -1.90 -6.57 17.50
C MET A 8 -2.38 -6.72 16.06
N ALA A 9 -3.35 -7.60 15.85
CA ALA A 9 -3.90 -7.82 14.52
C ALA A 9 -4.46 -6.55 13.93
N LEU A 10 -5.15 -5.75 14.75
CA LEU A 10 -5.73 -4.49 14.31
C LEU A 10 -4.65 -3.54 13.82
N THR A 11 -3.56 -3.46 14.55
CA THR A 11 -2.45 -2.58 14.20
C THR A 11 -1.86 -2.96 12.84
N VAL A 12 -1.66 -4.26 12.63
CA VAL A 12 -1.12 -4.75 11.38
C VAL A 12 -2.01 -4.36 10.19
N ILE A 13 -3.30 -4.65 10.31
CA ILE A 13 -4.25 -4.32 9.26
C ILE A 13 -4.26 -2.82 8.97
N ALA A 14 -4.40 -2.02 10.02
CA ALA A 14 -4.42 -0.57 9.88
C ALA A 14 -3.11 -0.05 9.27
N GLY A 15 -1.99 -0.60 9.74
CA GLY A 15 -0.70 -0.18 9.23
C GLY A 15 -0.60 -0.32 7.72
N LEU A 16 -0.95 -1.49 7.21
CA LEU A 16 -0.90 -1.75 5.77
C LEU A 16 -1.81 -0.79 5.02
N VAL A 17 -3.06 -0.70 5.46
CA VAL A 17 -4.03 0.19 4.82
C VAL A 17 -3.49 1.61 4.73
N VAL A 18 -3.03 2.14 5.86
CA VAL A 18 -2.50 3.50 5.90
C VAL A 18 -1.36 3.67 4.89
N ILE A 19 -0.56 2.62 4.72
CA ILE A 19 0.55 2.66 3.79
C ILE A 19 0.07 2.76 2.35
N PHE A 20 -0.83 1.84 1.97
CA PHE A 20 -1.38 1.83 0.62
C PHE A 20 -2.08 3.13 0.30
N MET A 21 -2.81 3.67 1.27
CA MET A 21 -3.52 4.93 1.09
C MET A 21 -2.55 6.10 1.03
N MET A 22 -1.72 6.23 2.07
CA MET A 22 -0.74 7.31 2.13
C MET A 22 0.17 7.29 0.91
N LEU A 23 0.78 6.13 0.66
CA LEU A 23 1.68 5.98 -0.49
C LEU A 23 1.00 6.39 -1.77
N GLY A 24 -0.19 5.83 -2.01
CA GLY A 24 -0.94 6.15 -3.22
C GLY A 24 -1.27 7.62 -3.32
N GLY A 25 -1.87 8.16 -2.26
CA GLY A 25 -2.24 9.57 -2.27
C GLY A 25 -1.04 10.49 -2.31
N THR A 26 0.06 10.06 -1.69
CA THR A 26 1.28 10.85 -1.66
C THR A 26 1.97 10.83 -3.02
N PHE A 27 2.20 9.64 -3.55
CA PHE A 27 2.85 9.50 -4.86
C PHE A 27 2.10 10.27 -5.93
N LEU A 28 0.81 9.99 -6.06
CA LEU A 28 -0.02 10.67 -7.06
C LEU A 28 0.01 12.17 -6.86
N TYR A 29 -0.18 12.60 -5.61
CA TYR A 29 -0.18 14.02 -5.29
C TYR A 29 1.16 14.67 -5.65
N TRP A 30 2.25 14.03 -5.23
CA TRP A 30 3.59 14.54 -5.50
C TRP A 30 3.81 14.70 -7.00
N ARG A 31 3.53 13.63 -7.76
CA ARG A 31 3.70 13.66 -9.20
C ARG A 31 2.98 14.85 -9.81
N GLY A 32 1.69 14.98 -9.51
CA GLY A 32 0.91 16.07 -10.03
C GLY A 32 1.42 17.43 -9.59
N ARG A 33 1.80 17.53 -8.32
CA ARG A 33 2.30 18.78 -7.76
C ARG A 33 3.44 19.32 -8.62
N ARG A 34 4.45 18.50 -8.85
CA ARG A 34 5.61 18.89 -9.66
C ARG A 34 5.20 19.11 -11.11
N HIS A 35 4.14 18.43 -11.53
CA HIS A 35 3.65 18.54 -12.90
C HIS A 35 3.34 19.99 -13.24
N HIS A 36 2.64 20.67 -12.35
CA HIS A 36 2.26 22.06 -12.55
C HIS A 36 2.93 22.96 -11.52
N HIS A 37 3.56 24.03 -12.00
CA HIS A 37 4.25 24.97 -11.12
C HIS A 37 3.27 26.01 -10.57
N HIS A 38 2.24 26.32 -11.35
CA HIS A 38 1.24 27.30 -10.94
C HIS A 38 0.33 26.72 -9.86
N HIS A 39 -0.43 27.60 -9.21
CA HIS A 39 -1.33 27.18 -8.14
C HIS A 39 -2.47 26.33 -8.70
N HIS A 40 -3.09 25.54 -7.83
CA HIS A 40 -4.20 24.67 -8.23
C HIS A 40 -5.41 25.50 -8.65
N MET B 1 -9.37 -25.80 19.10
CA MET B 1 -10.43 -26.04 18.13
C MET B 1 -11.24 -24.77 17.91
N GLY B 2 -11.20 -24.24 16.70
CA GLY B 2 -11.93 -23.03 16.38
C GLY B 2 -11.13 -22.07 15.53
N ARG B 3 -11.35 -22.09 14.22
CA ARG B 3 -10.64 -21.22 13.31
C ARG B 3 -11.46 -20.97 12.04
N THR B 4 -12.24 -19.89 12.05
CA THR B 4 -13.08 -19.54 10.92
C THR B 4 -12.87 -18.09 10.51
N HIS B 5 -12.96 -17.18 11.47
CA HIS B 5 -12.78 -15.76 11.20
C HIS B 5 -11.36 -15.47 10.73
N LEU B 6 -10.48 -16.46 10.88
CA LEU B 6 -9.09 -16.32 10.46
C LEU B 6 -8.98 -16.28 8.94
N THR B 7 -9.87 -17.01 8.26
CA THR B 7 -9.87 -17.06 6.81
C THR B 7 -10.08 -15.67 6.21
N MET B 8 -11.17 -15.01 6.60
CA MET B 8 -11.47 -13.68 6.10
C MET B 8 -10.38 -12.68 6.51
N ALA B 9 -10.03 -12.70 7.80
CA ALA B 9 -9.02 -11.79 8.31
C ALA B 9 -7.70 -11.99 7.59
N LEU B 10 -7.33 -13.25 7.33
CA LEU B 10 -6.10 -13.57 6.65
C LEU B 10 -6.07 -12.96 5.24
N THR B 11 -7.20 -13.07 4.54
CA THR B 11 -7.32 -12.54 3.19
C THR B 11 -7.09 -11.03 3.18
N VAL B 12 -7.71 -10.34 4.13
CA VAL B 12 -7.59 -8.89 4.23
C VAL B 12 -6.13 -8.48 4.42
N ILE B 13 -5.47 -9.10 5.39
CA ILE B 13 -4.08 -8.81 5.68
C ILE B 13 -3.20 -9.06 4.47
N ALA B 14 -3.34 -10.24 3.88
CA ALA B 14 -2.56 -10.61 2.70
C ALA B 14 -2.83 -9.65 1.54
N GLY B 15 -4.10 -9.33 1.34
CA GLY B 15 -4.48 -8.44 0.26
C GLY B 15 -3.73 -7.12 0.32
N LEU B 16 -3.77 -6.47 1.49
CA LEU B 16 -3.09 -5.19 1.67
C LEU B 16 -1.60 -5.32 1.42
N VAL B 17 -0.97 -6.30 2.06
CA VAL B 17 0.45 -6.53 1.91
C VAL B 17 0.83 -6.67 0.43
N VAL B 18 0.13 -7.56 -0.27
CA VAL B 18 0.38 -7.79 -1.69
C VAL B 18 0.29 -6.48 -2.48
N ILE B 19 -0.63 -5.62 -2.08
CA ILE B 19 -0.81 -4.33 -2.75
C ILE B 19 0.39 -3.43 -2.54
N PHE B 20 0.76 -3.24 -1.27
CA PHE B 20 1.90 -2.39 -0.93
C PHE B 20 3.18 -2.89 -1.60
N MET B 21 3.34 -4.21 -1.63
CA MET B 21 4.51 -4.82 -2.24
C MET B 21 4.46 -4.70 -3.77
N MET B 22 3.37 -5.20 -4.35
CA MET B 22 3.19 -5.15 -5.79
C MET B 22 3.27 -3.71 -6.31
N LEU B 23 2.48 -2.84 -5.72
CA LEU B 23 2.45 -1.43 -6.11
C LEU B 23 3.86 -0.83 -6.05
N GLY B 24 4.52 -1.01 -4.92
CA GLY B 24 5.87 -0.49 -4.75
C GLY B 24 6.84 -1.06 -5.75
N GLY B 25 6.88 -2.39 -5.86
CA GLY B 25 7.78 -3.04 -6.79
C GLY B 25 7.44 -2.73 -8.24
N THR B 26 6.14 -2.56 -8.51
CA THR B 26 5.69 -2.27 -9.86
C THR B 26 6.01 -0.83 -10.26
N PHE B 27 5.61 0.11 -9.40
CA PHE B 27 5.86 1.53 -9.67
C PHE B 27 7.36 1.79 -9.87
N LEU B 28 8.16 1.39 -8.88
CA LEU B 28 9.60 1.58 -8.96
C LEU B 28 10.18 0.92 -10.21
N TYR B 29 9.77 -0.32 -10.45
CA TYR B 29 10.25 -1.06 -11.61
C TYR B 29 9.89 -0.35 -12.91
N TRP B 30 8.62 0.04 -13.03
CA TRP B 30 8.14 0.73 -14.21
C TRP B 30 8.94 2.01 -14.46
N ARG B 31 9.05 2.85 -13.43
CA ARG B 31 9.79 4.10 -13.53
C ARG B 31 11.20 3.85 -14.06
N GLY B 32 11.93 2.96 -13.41
CA GLY B 32 13.27 2.65 -13.84
C GLY B 32 13.33 2.08 -15.25
N ARG B 33 12.39 1.20 -15.57
CA ARG B 33 12.34 0.58 -16.89
C ARG B 33 12.30 1.65 -17.98
N ARG B 34 11.26 2.47 -17.96
CA ARG B 34 11.10 3.53 -18.95
C ARG B 34 11.26 4.91 -18.30
N HIS B 35 12.46 5.20 -17.82
CA HIS B 35 12.74 6.48 -17.18
C HIS B 35 12.41 7.64 -18.11
N HIS B 36 12.52 7.38 -19.41
CA HIS B 36 12.23 8.41 -20.42
C HIS B 36 10.86 9.04 -20.19
N HIS B 37 10.79 10.36 -20.33
CA HIS B 37 9.54 11.09 -20.12
C HIS B 37 8.43 10.48 -20.98
N HIS B 38 7.19 10.85 -20.66
CA HIS B 38 6.03 10.35 -21.40
C HIS B 38 5.68 11.27 -22.56
N HIS B 39 4.96 10.75 -23.55
CA HIS B 39 4.55 11.53 -24.71
C HIS B 39 3.05 11.45 -24.91
N HIS B 40 2.29 11.60 -23.83
CA HIS B 40 0.84 11.55 -23.90
C HIS B 40 0.21 12.07 -22.60
N MET A 1 -10.42 -18.05 23.43
CA MET A 1 -10.34 -16.72 24.05
C MET A 1 -9.22 -15.90 23.43
N GLY A 2 -9.13 -14.63 23.82
CA GLY A 2 -8.10 -13.75 23.30
C GLY A 2 -8.66 -12.45 22.78
N ARG A 3 -8.57 -11.41 23.59
CA ARG A 3 -9.08 -10.09 23.20
C ARG A 3 -7.95 -9.06 23.14
N THR A 4 -6.84 -9.37 23.82
CA THR A 4 -5.68 -8.48 23.85
C THR A 4 -4.90 -8.57 22.55
N HIS A 5 -4.91 -9.75 21.93
CA HIS A 5 -4.19 -9.97 20.69
C HIS A 5 -4.77 -9.10 19.56
N LEU A 6 -5.94 -8.55 19.81
CA LEU A 6 -6.61 -7.69 18.83
C LEU A 6 -5.87 -6.38 18.67
N THR A 7 -5.27 -5.89 19.76
CA THR A 7 -4.53 -4.64 19.74
C THR A 7 -3.37 -4.70 18.74
N MET A 8 -2.52 -5.71 18.88
CA MET A 8 -1.38 -5.87 17.99
C MET A 8 -1.84 -6.14 16.57
N ALA A 9 -2.76 -7.08 16.41
CA ALA A 9 -3.28 -7.42 15.08
C ALA A 9 -3.91 -6.21 14.41
N LEU A 10 -4.64 -5.41 15.18
CA LEU A 10 -5.28 -4.22 14.66
C LEU A 10 -4.25 -3.22 14.13
N THR A 11 -3.18 -3.04 14.88
CA THR A 11 -2.12 -2.12 14.49
C THR A 11 -1.50 -2.54 13.16
N VAL A 12 -1.24 -3.83 13.01
CA VAL A 12 -0.65 -4.36 11.79
C VAL A 12 -1.55 -4.11 10.59
N ILE A 13 -2.82 -4.50 10.71
CA ILE A 13 -3.78 -4.31 9.63
C ILE A 13 -3.92 -2.84 9.26
N ALA A 14 -4.04 -1.99 10.29
CA ALA A 14 -4.18 -0.56 10.07
C ALA A 14 -2.93 0.02 9.42
N GLY A 15 -1.77 -0.47 9.84
CA GLY A 15 -0.51 0.02 9.28
C GLY A 15 -0.41 -0.21 7.79
N LEU A 16 -0.67 -1.44 7.37
CA LEU A 16 -0.61 -1.79 5.95
C LEU A 16 -1.59 -0.95 5.14
N VAL A 17 -2.81 -0.82 5.65
CA VAL A 17 -3.84 -0.04 4.97
C VAL A 17 -3.41 1.40 4.79
N VAL A 18 -3.01 2.04 5.89
CA VAL A 18 -2.56 3.43 5.85
C VAL A 18 -1.44 3.62 4.84
N ILE A 19 -0.61 2.58 4.69
CA ILE A 19 0.51 2.64 3.74
C ILE A 19 0.02 2.71 2.31
N PHE A 20 -0.85 1.78 1.94
CA PHE A 20 -1.40 1.74 0.59
C PHE A 20 -2.13 3.04 0.25
N MET A 21 -2.87 3.56 1.22
CA MET A 21 -3.61 4.79 1.03
C MET A 21 -2.67 5.99 0.97
N MET A 22 -1.85 6.15 2.00
CA MET A 22 -0.90 7.25 2.06
C MET A 22 0.02 7.24 0.85
N LEU A 23 0.66 6.10 0.60
CA LEU A 23 1.57 5.97 -0.53
C LEU A 23 0.87 6.33 -1.83
N GLY A 24 -0.31 5.76 -2.05
CA GLY A 24 -1.06 6.04 -3.26
C GLY A 24 -1.42 7.51 -3.39
N GLY A 25 -2.03 8.06 -2.35
CA GLY A 25 -2.42 9.45 -2.38
C GLY A 25 -1.22 10.39 -2.42
N THR A 26 -0.12 9.98 -1.78
CA THR A 26 1.09 10.79 -1.74
C THR A 26 1.79 10.78 -3.09
N PHE A 27 2.07 9.58 -3.61
CA PHE A 27 2.75 9.44 -4.89
C PHE A 27 2.01 10.20 -5.98
N LEU A 28 0.72 9.90 -6.14
CA LEU A 28 -0.10 10.57 -7.15
C LEU A 28 -0.09 12.08 -6.95
N TYR A 29 -0.36 12.51 -5.73
CA TYR A 29 -0.39 13.94 -5.41
C TYR A 29 0.95 14.59 -5.74
N TRP A 30 2.03 13.95 -5.33
CA TRP A 30 3.37 14.47 -5.58
C TRP A 30 3.62 14.63 -7.08
N ARG A 31 3.38 13.56 -7.83
CA ARG A 31 3.58 13.58 -9.27
C ARG A 31 2.85 14.75 -9.90
N GLY A 32 1.67 15.07 -9.37
CA GLY A 32 0.89 16.18 -9.90
C GLY A 32 1.40 17.53 -9.44
N ARG A 33 1.46 17.71 -8.12
CA ARG A 33 1.93 18.97 -7.54
C ARG A 33 3.29 19.33 -8.10
N ARG A 34 4.06 18.32 -8.50
CA ARG A 34 5.39 18.55 -9.06
C ARG A 34 5.33 18.66 -10.57
N HIS A 35 4.32 18.06 -11.18
CA HIS A 35 4.15 18.09 -12.63
C HIS A 35 3.98 19.52 -13.12
N HIS A 36 3.20 20.31 -12.37
CA HIS A 36 2.95 21.70 -12.74
C HIS A 36 3.66 22.64 -11.78
N HIS A 37 4.04 23.81 -12.28
CA HIS A 37 4.73 24.80 -11.47
C HIS A 37 3.88 26.05 -11.29
N HIS A 38 3.45 26.29 -10.05
CA HIS A 38 2.62 27.45 -9.74
C HIS A 38 3.48 28.65 -9.37
N HIS A 39 3.18 29.79 -9.99
CA HIS A 39 3.94 31.02 -9.73
C HIS A 39 3.64 31.55 -8.33
N HIS A 40 2.36 31.75 -8.03
CA HIS A 40 1.96 32.24 -6.73
C HIS A 40 1.75 31.10 -5.74
N MET B 1 -10.36 -26.89 15.48
CA MET B 1 -11.20 -26.74 16.66
C MET B 1 -11.84 -25.36 16.71
N GLY B 2 -12.01 -24.76 15.54
CA GLY B 2 -12.62 -23.44 15.47
C GLY B 2 -11.78 -22.46 14.66
N ARG B 3 -11.93 -22.50 13.35
CA ARG B 3 -11.18 -21.62 12.46
C ARG B 3 -11.92 -21.39 11.16
N THR B 4 -12.72 -20.32 11.11
CA THR B 4 -13.49 -20.00 9.91
C THR B 4 -13.31 -18.54 9.53
N HIS B 5 -13.50 -17.65 10.49
CA HIS B 5 -13.35 -16.21 10.25
C HIS B 5 -11.92 -15.87 9.87
N LEU B 6 -11.01 -16.82 10.07
CA LEU B 6 -9.61 -16.62 9.75
C LEU B 6 -9.40 -16.57 8.24
N THR B 7 -10.20 -17.32 7.51
CA THR B 7 -10.11 -17.36 6.05
C THR B 7 -10.32 -15.98 5.45
N MET B 8 -11.46 -15.38 5.76
CA MET B 8 -11.78 -14.05 5.25
C MET B 8 -10.77 -13.01 5.74
N ALA B 9 -10.51 -13.02 7.05
CA ALA B 9 -9.57 -12.08 7.63
C ALA B 9 -8.18 -12.22 7.00
N LEU B 10 -7.77 -13.46 6.77
CA LEU B 10 -6.47 -13.73 6.17
C LEU B 10 -6.38 -13.13 4.76
N THR B 11 -7.45 -13.30 3.98
CA THR B 11 -7.48 -12.76 2.63
C THR B 11 -7.33 -11.25 2.63
N VAL B 12 -8.02 -10.58 3.55
CA VAL B 12 -7.96 -9.12 3.65
C VAL B 12 -6.54 -8.66 3.97
N ILE B 13 -5.96 -9.24 5.01
CA ILE B 13 -4.60 -8.88 5.42
C ILE B 13 -3.60 -9.13 4.29
N ALA B 14 -3.71 -10.30 3.67
CA ALA B 14 -2.82 -10.67 2.57
C ALA B 14 -3.00 -9.73 1.38
N GLY B 15 -4.25 -9.36 1.11
CA GLY B 15 -4.55 -8.48 0.00
C GLY B 15 -3.85 -7.14 0.14
N LEU B 16 -4.03 -6.48 1.28
CA LEU B 16 -3.42 -5.19 1.53
C LEU B 16 -1.90 -5.27 1.42
N VAL B 17 -1.32 -6.31 2.02
CA VAL B 17 0.12 -6.51 1.98
C VAL B 17 0.62 -6.64 0.55
N VAL B 18 0.03 -7.55 -0.21
CA VAL B 18 0.42 -7.77 -1.59
C VAL B 18 0.34 -6.48 -2.39
N ILE B 19 -0.60 -5.62 -2.03
CA ILE B 19 -0.78 -4.34 -2.72
C ILE B 19 0.41 -3.42 -2.48
N PHE B 20 0.77 -3.22 -1.22
CA PHE B 20 1.89 -2.37 -0.85
C PHE B 20 3.18 -2.87 -1.49
N MET B 21 3.36 -4.18 -1.50
CA MET B 21 4.55 -4.79 -2.09
C MET B 21 4.52 -4.70 -3.60
N MET B 22 3.45 -5.21 -4.21
CA MET B 22 3.30 -5.18 -5.66
C MET B 22 3.39 -3.75 -6.18
N LEU B 23 2.57 -2.87 -5.63
CA LEU B 23 2.55 -1.47 -6.05
C LEU B 23 3.94 -0.86 -5.94
N GLY B 24 4.59 -1.04 -4.80
CA GLY B 24 5.92 -0.50 -4.59
C GLY B 24 6.92 -1.06 -5.58
N GLY B 25 6.98 -2.38 -5.68
CA GLY B 25 7.92 -3.02 -6.60
C GLY B 25 7.58 -2.74 -8.05
N THR B 26 6.29 -2.59 -8.35
CA THR B 26 5.85 -2.32 -9.70
C THR B 26 6.16 -0.88 -10.10
N PHE B 27 5.71 0.07 -9.29
CA PHE B 27 5.94 1.49 -9.56
C PHE B 27 7.43 1.77 -9.77
N LEU B 28 8.22 1.41 -8.77
CA LEU B 28 9.66 1.61 -8.82
C LEU B 28 10.26 0.95 -10.06
N TYR B 29 9.93 -0.33 -10.26
CA TYR B 29 10.43 -1.08 -11.39
C TYR B 29 10.07 -0.39 -12.71
N TRP B 30 8.81 0.01 -12.83
CA TRP B 30 8.34 0.68 -14.03
C TRP B 30 9.11 1.97 -14.29
N ARG B 31 9.17 2.83 -13.27
CA ARG B 31 9.89 4.10 -13.38
C ARG B 31 11.31 3.87 -13.88
N GLY B 32 11.93 2.79 -13.41
CA GLY B 32 13.30 2.48 -13.82
C GLY B 32 13.36 1.88 -15.21
N ARG B 33 12.36 1.08 -15.56
CA ARG B 33 12.32 0.45 -16.88
C ARG B 33 12.26 1.49 -17.99
N ARG B 34 11.22 2.32 -17.96
CA ARG B 34 11.04 3.36 -18.97
C ARG B 34 10.99 4.74 -18.31
N HIS B 35 12.13 5.18 -17.79
CA HIS B 35 12.23 6.48 -17.14
C HIS B 35 12.11 7.61 -18.17
N HIS B 36 12.78 7.45 -19.30
CA HIS B 36 12.76 8.45 -20.35
C HIS B 36 11.32 8.76 -20.77
N HIS B 37 10.54 7.72 -21.05
CA HIS B 37 9.15 7.89 -21.45
C HIS B 37 8.40 8.77 -20.46
N HIS B 38 8.08 8.21 -19.30
CA HIS B 38 7.37 8.96 -18.27
C HIS B 38 6.10 9.59 -18.84
N HIS B 39 5.47 10.46 -18.05
CA HIS B 39 4.26 11.14 -18.48
C HIS B 39 3.19 10.13 -18.92
N HIS B 40 2.38 9.69 -17.97
CA HIS B 40 1.33 8.72 -18.26
C HIS B 40 0.47 9.17 -19.43
N MET A 1 -11.66 -17.19 23.92
CA MET A 1 -11.85 -16.95 22.50
C MET A 1 -10.73 -16.07 21.95
N GLY A 2 -10.15 -15.24 22.80
CA GLY A 2 -9.08 -14.35 22.38
C GLY A 2 -9.58 -13.00 21.93
N ARG A 3 -9.44 -12.00 22.80
CA ARG A 3 -9.88 -10.65 22.49
C ARG A 3 -8.71 -9.68 22.49
N THR A 4 -7.62 -10.07 23.14
CA THR A 4 -6.44 -9.23 23.22
C THR A 4 -5.64 -9.29 21.91
N HIS A 5 -5.71 -10.43 21.24
CA HIS A 5 -4.99 -10.61 19.98
C HIS A 5 -5.53 -9.65 18.91
N LEU A 6 -6.68 -9.06 19.19
CA LEU A 6 -7.30 -8.13 18.25
C LEU A 6 -6.51 -6.83 18.16
N THR A 7 -5.89 -6.45 19.27
CA THR A 7 -5.09 -5.23 19.32
C THR A 7 -3.94 -5.28 18.32
N MET A 8 -3.13 -6.34 18.41
CA MET A 8 -2.00 -6.51 17.52
C MET A 8 -2.47 -6.67 16.07
N ALA A 9 -3.43 -7.55 15.87
CA ALA A 9 -3.96 -7.79 14.52
C ALA A 9 -4.52 -6.52 13.92
N LEU A 10 -5.23 -5.74 14.73
CA LEU A 10 -5.82 -4.49 14.27
C LEU A 10 -4.74 -3.52 13.79
N THR A 11 -3.66 -3.43 14.54
CA THR A 11 -2.55 -2.54 14.19
C THR A 11 -1.95 -2.92 12.84
N VAL A 12 -1.74 -4.22 12.64
CA VAL A 12 -1.18 -4.71 11.38
C VAL A 12 -2.05 -4.34 10.19
N ILE A 13 -3.34 -4.63 10.31
CA ILE A 13 -4.29 -4.32 9.24
C ILE A 13 -4.31 -2.83 8.94
N ALA A 14 -4.46 -2.02 10.00
CA ALA A 14 -4.50 -0.58 9.85
C ALA A 14 -3.20 -0.05 9.25
N GLY A 15 -2.08 -0.58 9.73
CA GLY A 15 -0.78 -0.15 9.23
C GLY A 15 -0.66 -0.29 7.72
N LEU A 16 -1.00 -1.47 7.21
CA LEU A 16 -0.93 -1.74 5.78
C LEU A 16 -1.84 -0.78 5.01
N VAL A 17 -3.09 -0.70 5.44
CA VAL A 17 -4.07 0.17 4.79
C VAL A 17 -3.54 1.60 4.69
N VAL A 18 -3.09 2.15 5.82
CA VAL A 18 -2.57 3.50 5.86
C VAL A 18 -1.42 3.67 4.86
N ILE A 19 -0.62 2.63 4.70
CA ILE A 19 0.51 2.67 3.78
C ILE A 19 0.03 2.76 2.33
N PHE A 20 -0.85 1.83 1.95
CA PHE A 20 -1.39 1.81 0.60
C PHE A 20 -2.10 3.12 0.27
N MET A 21 -2.84 3.64 1.24
CA MET A 21 -3.57 4.89 1.05
C MET A 21 -2.61 6.07 0.99
N MET A 22 -1.78 6.21 2.02
CA MET A 22 -0.82 7.30 2.09
C MET A 22 0.11 7.29 0.87
N LEU A 23 0.72 6.14 0.63
CA LEU A 23 1.64 5.99 -0.49
C LEU A 23 0.96 6.37 -1.81
N GLY A 24 -0.23 5.83 -2.02
CA GLY A 24 -0.97 6.13 -3.24
C GLY A 24 -1.30 7.61 -3.37
N GLY A 25 -1.91 8.17 -2.33
CA GLY A 25 -2.25 9.58 -2.35
C GLY A 25 -1.04 10.48 -2.37
N THR A 26 0.04 10.03 -1.74
CA THR A 26 1.28 10.81 -1.68
C THR A 26 1.98 10.81 -3.03
N PHE A 27 2.19 9.62 -3.58
CA PHE A 27 2.86 9.48 -4.86
C PHE A 27 2.15 10.28 -5.94
N LEU A 28 0.85 10.03 -6.11
CA LEU A 28 0.05 10.72 -7.10
C LEU A 28 0.09 12.23 -6.88
N TYR A 29 -0.10 12.64 -5.63
CA TYR A 29 -0.08 14.05 -5.28
C TYR A 29 1.27 14.68 -5.61
N TRP A 30 2.34 14.02 -5.17
CA TRP A 30 3.70 14.52 -5.43
C TRP A 30 3.93 14.71 -6.92
N ARG A 31 3.66 13.67 -7.70
CA ARG A 31 3.85 13.72 -9.14
C ARG A 31 3.15 14.94 -9.73
N GLY A 32 1.86 15.07 -9.45
CA GLY A 32 1.10 16.19 -9.97
C GLY A 32 1.61 17.53 -9.46
N ARG A 33 1.97 17.58 -8.18
CA ARG A 33 2.48 18.80 -7.58
C ARG A 33 3.63 19.38 -8.39
N ARG A 34 4.64 18.55 -8.64
CA ARG A 34 5.81 18.98 -9.41
C ARG A 34 5.42 19.24 -10.87
N HIS A 35 4.55 18.40 -11.41
CA HIS A 35 4.10 18.55 -12.80
C HIS A 35 3.55 19.96 -13.04
N HIS A 36 2.94 20.54 -12.01
CA HIS A 36 2.38 21.88 -12.11
C HIS A 36 3.48 22.94 -12.13
N HIS A 37 3.09 24.19 -12.34
CA HIS A 37 4.05 25.29 -12.39
C HIS A 37 4.21 25.92 -11.01
N HIS A 38 5.43 25.96 -10.51
CA HIS A 38 5.72 26.54 -9.20
C HIS A 38 6.92 27.48 -9.28
N HIS A 39 6.75 28.68 -8.73
CA HIS A 39 7.81 29.69 -8.73
C HIS A 39 8.66 29.58 -7.48
N HIS A 40 8.03 29.13 -6.39
CA HIS A 40 8.74 28.98 -5.11
C HIS A 40 8.21 27.77 -4.34
N MET B 1 -10.12 -26.68 18.59
CA MET B 1 -10.98 -26.59 17.42
C MET B 1 -11.72 -25.25 17.37
N GLY B 2 -11.22 -24.33 16.56
CA GLY B 2 -11.85 -23.02 16.45
C GLY B 2 -11.04 -22.07 15.60
N ARG B 3 -11.25 -22.12 14.29
CA ARG B 3 -10.53 -21.25 13.36
C ARG B 3 -11.36 -21.02 12.09
N THR B 4 -12.14 -19.94 12.08
CA THR B 4 -12.97 -19.61 10.94
C THR B 4 -12.77 -18.16 10.51
N HIS B 5 -12.88 -17.25 11.47
CA HIS B 5 -12.71 -15.83 11.20
C HIS B 5 -11.29 -15.53 10.74
N LEU B 6 -10.40 -16.51 10.89
CA LEU B 6 -9.01 -16.35 10.48
C LEU B 6 -8.89 -16.32 8.96
N THR B 7 -9.77 -17.06 8.29
CA THR B 7 -9.76 -17.12 6.83
C THR B 7 -9.97 -15.74 6.23
N MET B 8 -11.08 -15.09 6.60
CA MET B 8 -11.39 -13.76 6.09
C MET B 8 -10.32 -12.75 6.51
N ALA B 9 -9.98 -12.75 7.79
CA ALA B 9 -8.97 -11.84 8.32
C ALA B 9 -7.64 -12.03 7.60
N LEU B 10 -7.27 -13.27 7.36
CA LEU B 10 -6.01 -13.59 6.68
C LEU B 10 -5.99 -12.99 5.28
N THR B 11 -7.11 -13.13 4.57
CA THR B 11 -7.22 -12.60 3.22
C THR B 11 -7.02 -11.08 3.19
N VAL B 12 -7.65 -10.40 4.13
CA VAL B 12 -7.55 -8.95 4.22
C VAL B 12 -6.09 -8.52 4.43
N ILE B 13 -5.44 -9.12 5.41
CA ILE B 13 -4.04 -8.81 5.70
C ILE B 13 -3.15 -9.06 4.49
N ALA B 14 -3.28 -10.25 3.92
CA ALA B 14 -2.48 -10.62 2.75
C ALA B 14 -2.76 -9.68 1.57
N GLY B 15 -4.03 -9.37 1.36
CA GLY B 15 -4.41 -8.48 0.28
C GLY B 15 -3.67 -7.15 0.33
N LEU B 16 -3.73 -6.50 1.49
CA LEU B 16 -3.07 -5.21 1.67
C LEU B 16 -1.57 -5.33 1.43
N VAL B 17 -0.94 -6.30 2.09
CA VAL B 17 0.50 -6.53 1.94
C VAL B 17 0.88 -6.67 0.47
N VAL B 18 0.18 -7.55 -0.24
CA VAL B 18 0.45 -7.78 -1.65
C VAL B 18 0.36 -6.48 -2.45
N ILE B 19 -0.58 -5.63 -2.05
CA ILE B 19 -0.77 -4.35 -2.74
C ILE B 19 0.43 -3.43 -2.52
N PHE B 20 0.79 -3.23 -1.25
CA PHE B 20 1.92 -2.37 -0.91
C PHE B 20 3.20 -2.87 -1.56
N MET B 21 3.38 -4.19 -1.58
CA MET B 21 4.56 -4.79 -2.18
C MET B 21 4.52 -4.68 -3.71
N MET B 22 3.43 -5.18 -4.30
CA MET B 22 3.27 -5.14 -5.74
C MET B 22 3.35 -3.71 -6.26
N LEU B 23 2.53 -2.83 -5.69
CA LEU B 23 2.51 -1.43 -6.08
C LEU B 23 3.90 -0.81 -6.01
N GLY B 24 4.57 -1.01 -4.87
CA GLY B 24 5.90 -0.47 -4.70
C GLY B 24 6.88 -1.02 -5.72
N GLY B 25 6.96 -2.35 -5.83
CA GLY B 25 7.86 -2.97 -6.78
C GLY B 25 7.49 -2.67 -8.21
N THR B 26 6.20 -2.52 -8.47
CA THR B 26 5.71 -2.24 -9.82
C THR B 26 6.02 -0.80 -10.22
N PHE B 27 5.64 0.14 -9.37
CA PHE B 27 5.87 1.55 -9.63
C PHE B 27 7.36 1.83 -9.88
N LEU B 28 8.18 1.43 -8.92
CA LEU B 28 9.62 1.64 -9.02
C LEU B 28 10.18 0.97 -10.28
N TYR B 29 9.76 -0.28 -10.50
CA TYR B 29 10.22 -1.03 -11.67
C TYR B 29 9.82 -0.33 -12.96
N TRP B 30 8.55 0.05 -13.06
CA TRP B 30 8.05 0.73 -14.24
C TRP B 30 8.85 2.01 -14.52
N ARG B 31 8.96 2.86 -13.50
CA ARG B 31 9.70 4.11 -13.64
C ARG B 31 11.10 3.87 -14.20
N GLY B 32 11.85 2.96 -13.55
CA GLY B 32 13.19 2.66 -14.00
C GLY B 32 13.21 2.06 -15.40
N ARG B 33 12.27 1.16 -15.67
CA ARG B 33 12.19 0.51 -16.98
C ARG B 33 12.08 1.55 -18.09
N ARG B 34 10.93 2.22 -18.16
CA ARG B 34 10.70 3.23 -19.18
C ARG B 34 10.47 4.60 -18.54
N HIS B 35 11.51 5.15 -17.94
CA HIS B 35 11.41 6.46 -17.30
C HIS B 35 10.82 7.49 -18.24
N HIS B 36 11.18 7.40 -19.52
CA HIS B 36 10.67 8.34 -20.53
C HIS B 36 9.43 7.78 -21.20
N HIS B 37 8.27 8.25 -20.76
CA HIS B 37 6.99 7.81 -21.32
C HIS B 37 5.95 8.92 -21.27
N HIS B 38 5.59 9.33 -20.06
CA HIS B 38 4.60 10.39 -19.87
C HIS B 38 3.26 9.99 -20.48
N HIS B 39 2.93 8.71 -20.40
CA HIS B 39 1.68 8.20 -20.94
C HIS B 39 1.70 8.19 -22.47
N HIS B 40 1.68 9.39 -23.06
CA HIS B 40 1.71 9.52 -24.50
C HIS B 40 0.54 8.78 -25.14
N MET A 1 -11.57 -17.49 21.53
CA MET A 1 -10.83 -17.16 20.32
C MET A 1 -9.75 -16.12 20.59
N GLY A 2 -9.96 -15.33 21.64
CA GLY A 2 -8.99 -14.30 21.99
C GLY A 2 -9.55 -12.90 21.84
N ARG A 3 -9.14 -11.99 22.72
CA ARG A 3 -9.60 -10.61 22.67
C ARG A 3 -8.42 -9.65 22.59
N THR A 4 -7.32 -10.02 23.24
CA THR A 4 -6.13 -9.18 23.24
C THR A 4 -5.40 -9.26 21.89
N HIS A 5 -5.44 -10.44 21.28
CA HIS A 5 -4.79 -10.65 19.99
C HIS A 5 -5.34 -9.69 18.93
N LEU A 6 -6.50 -9.11 19.22
CA LEU A 6 -7.14 -8.18 18.30
C LEU A 6 -6.34 -6.88 18.20
N THR A 7 -5.71 -6.50 19.31
CA THR A 7 -4.91 -5.28 19.35
C THR A 7 -3.77 -5.33 18.34
N MET A 8 -2.97 -6.39 18.41
CA MET A 8 -1.84 -6.56 17.50
C MET A 8 -2.33 -6.71 16.07
N ALA A 9 -3.29 -7.61 15.86
CA ALA A 9 -3.84 -7.85 14.53
C ALA A 9 -4.41 -6.56 13.93
N LEU A 10 -5.11 -5.79 14.76
CA LEU A 10 -5.71 -4.53 14.31
C LEU A 10 -4.63 -3.56 13.82
N THR A 11 -3.54 -3.47 14.57
CA THR A 11 -2.45 -2.58 14.21
C THR A 11 -1.86 -2.95 12.85
N VAL A 12 -1.65 -4.25 12.63
CA VAL A 12 -1.10 -4.73 11.38
C VAL A 12 -1.99 -4.35 10.19
N ILE A 13 -3.29 -4.63 10.32
CA ILE A 13 -4.24 -4.31 9.26
C ILE A 13 -4.25 -2.81 8.97
N ALA A 14 -4.39 -2.02 10.03
CA ALA A 14 -4.42 -0.56 9.88
C ALA A 14 -3.11 -0.05 9.27
N GLY A 15 -1.99 -0.59 9.74
CA GLY A 15 -0.70 -0.17 9.22
C GLY A 15 -0.60 -0.30 7.72
N LEU A 16 -0.95 -1.48 7.20
CA LEU A 16 -0.90 -1.74 5.77
C LEU A 16 -1.81 -0.77 5.01
N VAL A 17 -3.06 -0.68 5.46
CA VAL A 17 -4.03 0.21 4.83
C VAL A 17 -3.50 1.63 4.72
N VAL A 18 -3.04 2.16 5.86
CA VAL A 18 -2.50 3.52 5.90
C VAL A 18 -1.37 3.69 4.89
N ILE A 19 -0.58 2.64 4.73
CA ILE A 19 0.55 2.68 3.78
C ILE A 19 0.05 2.77 2.35
N PHE A 20 -0.84 1.85 1.97
CA PHE A 20 -1.39 1.83 0.62
C PHE A 20 -2.09 3.15 0.30
N MET A 21 -2.82 3.67 1.27
CA MET A 21 -3.55 4.93 1.10
C MET A 21 -2.58 6.11 1.04
N MET A 22 -1.74 6.24 2.06
CA MET A 22 -0.78 7.32 2.12
C MET A 22 0.14 7.30 0.90
N LEU A 23 0.75 6.15 0.65
CA LEU A 23 1.65 6.00 -0.49
C LEU A 23 0.96 6.39 -1.80
N GLY A 24 -0.22 5.84 -2.02
CA GLY A 24 -0.97 6.15 -3.22
C GLY A 24 -1.32 7.61 -3.33
N GLY A 25 -1.91 8.16 -2.28
CA GLY A 25 -2.30 9.57 -2.27
C GLY A 25 -1.09 10.49 -2.33
N THR A 26 0.01 10.06 -1.72
CA THR A 26 1.23 10.86 -1.70
C THR A 26 1.91 10.85 -3.06
N PHE A 27 2.18 9.65 -3.57
CA PHE A 27 2.82 9.49 -4.87
C PHE A 27 2.08 10.27 -5.95
N LEU A 28 0.78 9.98 -6.08
CA LEU A 28 -0.05 10.65 -7.08
C LEU A 28 -0.02 12.17 -6.88
N TYR A 29 -0.29 12.60 -5.66
CA TYR A 29 -0.29 14.02 -5.34
C TYR A 29 1.04 14.67 -5.70
N TRP A 30 2.12 14.02 -5.32
CA TRP A 30 3.47 14.53 -5.61
C TRP A 30 3.69 14.67 -7.10
N ARG A 31 3.42 13.59 -7.84
CA ARG A 31 3.59 13.59 -9.28
C ARG A 31 2.84 14.75 -9.93
N GLY A 32 1.71 15.12 -9.33
CA GLY A 32 0.92 16.22 -9.85
C GLY A 32 1.47 17.58 -9.46
N ARG A 33 1.59 17.81 -8.16
CA ARG A 33 2.12 19.08 -7.65
C ARG A 33 3.44 19.42 -8.33
N ARG A 34 4.20 18.39 -8.69
CA ARG A 34 5.49 18.59 -9.34
C ARG A 34 5.33 19.37 -10.65
N HIS A 35 4.66 18.74 -11.62
CA HIS A 35 4.44 19.37 -12.91
C HIS A 35 3.78 20.74 -12.76
N HIS A 36 2.75 20.80 -11.90
CA HIS A 36 2.04 22.04 -11.67
C HIS A 36 2.96 23.09 -11.06
N HIS A 37 2.78 24.34 -11.47
CA HIS A 37 3.60 25.44 -10.97
C HIS A 37 2.84 26.25 -9.92
N HIS A 38 3.17 26.00 -8.65
CA HIS A 38 2.51 26.70 -7.55
C HIS A 38 3.08 28.11 -7.39
N HIS A 39 4.40 28.23 -7.53
CA HIS A 39 5.07 29.52 -7.40
C HIS A 39 4.48 30.54 -8.38
N HIS A 40 4.54 30.22 -9.66
CA HIS A 40 4.01 31.11 -10.69
C HIS A 40 2.49 31.01 -10.76
N MET B 1 -10.87 -26.80 18.55
CA MET B 1 -11.40 -26.67 17.20
C MET B 1 -12.12 -25.33 17.02
N GLY B 2 -11.42 -24.37 16.42
CA GLY B 2 -12.00 -23.06 16.21
C GLY B 2 -11.16 -22.19 15.29
N ARG B 3 -11.47 -22.22 14.01
CA ARG B 3 -10.73 -21.43 13.02
C ARG B 3 -11.60 -21.12 11.81
N THR B 4 -12.24 -19.96 11.83
CA THR B 4 -13.11 -19.54 10.74
C THR B 4 -12.87 -18.08 10.37
N HIS B 5 -13.06 -17.19 11.34
CA HIS B 5 -12.85 -15.76 11.12
C HIS B 5 -11.43 -15.48 10.64
N LEU B 6 -10.55 -16.45 10.83
CA LEU B 6 -9.15 -16.30 10.43
C LEU B 6 -9.03 -16.26 8.90
N THR B 7 -9.92 -17.00 8.22
CA THR B 7 -9.90 -17.04 6.77
C THR B 7 -10.10 -15.65 6.17
N MET B 8 -11.19 -15.00 6.56
CA MET B 8 -11.49 -13.66 6.07
C MET B 8 -10.42 -12.66 6.49
N ALA B 9 -10.07 -12.67 7.77
CA ALA B 9 -9.06 -11.77 8.31
C ALA B 9 -7.73 -11.97 7.58
N LEU B 10 -7.38 -13.23 7.33
CA LEU B 10 -6.13 -13.55 6.64
C LEU B 10 -6.10 -12.95 5.25
N THR B 11 -7.22 -13.06 4.53
CA THR B 11 -7.32 -12.53 3.18
C THR B 11 -7.11 -11.02 3.17
N VAL B 12 -7.72 -10.33 4.12
CA VAL B 12 -7.59 -8.88 4.22
C VAL B 12 -6.14 -8.48 4.42
N ILE B 13 -5.48 -9.10 5.39
CA ILE B 13 -4.09 -8.80 5.68
C ILE B 13 -3.20 -9.05 4.46
N ALA B 14 -3.34 -10.23 3.87
CA ALA B 14 -2.56 -10.59 2.69
C ALA B 14 -2.83 -9.64 1.53
N GLY B 15 -4.11 -9.31 1.34
CA GLY B 15 -4.49 -8.41 0.26
C GLY B 15 -3.74 -7.09 0.32
N LEU B 16 -3.78 -6.45 1.49
CA LEU B 16 -3.10 -5.18 1.67
C LEU B 16 -1.60 -5.31 1.42
N VAL B 17 -0.98 -6.28 2.07
CA VAL B 17 0.45 -6.52 1.90
C VAL B 17 0.82 -6.66 0.43
N VAL B 18 0.12 -7.54 -0.27
CA VAL B 18 0.38 -7.78 -1.69
C VAL B 18 0.29 -6.47 -2.47
N ILE B 19 -0.63 -5.60 -2.09
CA ILE B 19 -0.82 -4.32 -2.75
C ILE B 19 0.38 -3.41 -2.53
N PHE B 20 0.76 -3.22 -1.27
CA PHE B 20 1.89 -2.38 -0.93
C PHE B 20 3.17 -2.88 -1.60
N MET B 21 3.34 -4.20 -1.63
CA MET B 21 4.51 -4.81 -2.23
C MET B 21 4.46 -4.70 -3.75
N MET B 22 3.37 -5.19 -4.34
CA MET B 22 3.20 -5.13 -5.79
C MET B 22 3.28 -3.70 -6.30
N LEU B 23 2.48 -2.82 -5.71
CA LEU B 23 2.47 -1.41 -6.11
C LEU B 23 3.87 -0.81 -6.04
N GLY B 24 4.53 -1.00 -4.90
CA GLY B 24 5.87 -0.47 -4.73
C GLY B 24 6.85 -1.05 -5.73
N GLY B 25 6.89 -2.38 -5.83
CA GLY B 25 7.79 -3.04 -6.76
C GLY B 25 7.46 -2.74 -8.21
N THR B 26 6.17 -2.55 -8.48
CA THR B 26 5.73 -2.26 -9.85
C THR B 26 6.06 -0.82 -10.23
N PHE B 27 5.62 0.12 -9.41
CA PHE B 27 5.86 1.53 -9.66
C PHE B 27 7.35 1.80 -9.86
N LEU B 28 8.16 1.41 -8.88
CA LEU B 28 9.60 1.61 -8.94
C LEU B 28 10.18 0.95 -10.18
N TYR B 29 9.85 -0.32 -10.39
CA TYR B 29 10.33 -1.07 -11.54
C TYR B 29 9.97 -0.36 -12.84
N TRP B 30 8.72 0.06 -12.94
CA TRP B 30 8.24 0.76 -14.14
C TRP B 30 9.02 2.05 -14.37
N ARG B 31 9.10 2.87 -13.33
CA ARG B 31 9.82 4.14 -13.41
C ARG B 31 11.24 3.93 -13.91
N GLY B 32 11.82 2.79 -13.57
CA GLY B 32 13.18 2.48 -14.00
C GLY B 32 13.24 1.97 -15.42
N ARG B 33 12.52 0.88 -15.69
CA ARG B 33 12.50 0.28 -17.02
C ARG B 33 12.18 1.33 -18.08
N ARG B 34 11.38 2.33 -17.69
CA ARG B 34 10.99 3.40 -18.60
C ARG B 34 12.22 4.15 -19.11
N HIS B 35 13.08 4.57 -18.19
CA HIS B 35 14.28 5.31 -18.55
C HIS B 35 15.23 4.44 -19.38
N HIS B 36 15.33 3.17 -19.00
CA HIS B 36 16.19 2.23 -19.71
C HIS B 36 15.50 1.70 -20.97
N HIS B 37 15.35 2.57 -21.97
CA HIS B 37 14.71 2.19 -23.21
C HIS B 37 15.49 1.08 -23.92
N HIS B 38 14.78 0.24 -24.65
CA HIS B 38 15.41 -0.87 -25.37
C HIS B 38 15.02 -0.84 -26.85
N HIS B 39 15.81 -1.55 -27.67
CA HIS B 39 15.56 -1.60 -29.11
C HIS B 39 15.08 -2.98 -29.52
N HIS B 40 14.87 -3.17 -30.82
CA HIS B 40 14.41 -4.44 -31.34
C HIS B 40 15.09 -4.76 -32.67
N MET A 1 -8.18 -17.64 22.41
CA MET A 1 -8.51 -16.24 22.15
C MET A 1 -9.00 -15.54 23.41
N GLY A 2 -8.50 -14.34 23.65
CA GLY A 2 -8.90 -13.58 24.82
C GLY A 2 -9.25 -12.14 24.50
N ARG A 3 -9.66 -11.89 23.25
CA ARG A 3 -10.03 -10.56 22.81
C ARG A 3 -8.83 -9.60 22.92
N THR A 4 -7.64 -10.17 23.07
CA THR A 4 -6.43 -9.37 23.19
C THR A 4 -5.62 -9.40 21.89
N HIS A 5 -5.66 -10.54 21.20
CA HIS A 5 -4.94 -10.69 19.94
C HIS A 5 -5.49 -9.75 18.88
N LEU A 6 -6.65 -9.16 19.16
CA LEU A 6 -7.28 -8.23 18.22
C LEU A 6 -6.50 -6.92 18.15
N THR A 7 -5.89 -6.53 19.27
CA THR A 7 -5.10 -5.31 19.32
C THR A 7 -3.95 -5.34 18.32
N MET A 8 -3.14 -6.38 18.42
CA MET A 8 -1.99 -6.53 17.53
C MET A 8 -2.45 -6.69 16.08
N ALA A 9 -3.40 -7.59 15.86
CA ALA A 9 -3.94 -7.83 14.52
C ALA A 9 -4.50 -6.55 13.92
N LEU A 10 -5.22 -5.79 14.73
CA LEU A 10 -5.83 -4.54 14.27
C LEU A 10 -4.76 -3.56 13.80
N THR A 11 -3.67 -3.45 14.57
CA THR A 11 -2.59 -2.55 14.23
C THR A 11 -1.98 -2.91 12.88
N VAL A 12 -1.75 -4.21 12.66
CA VAL A 12 -1.17 -4.68 11.41
C VAL A 12 -2.05 -4.31 10.22
N ILE A 13 -3.34 -4.61 10.32
CA ILE A 13 -4.28 -4.31 9.25
C ILE A 13 -4.31 -2.81 8.96
N ALA A 14 -4.45 -2.01 10.01
CA ALA A 14 -4.49 -0.56 9.86
C ALA A 14 -3.19 -0.04 9.26
N GLY A 15 -2.07 -0.57 9.72
CA GLY A 15 -0.77 -0.15 9.22
C GLY A 15 -0.67 -0.29 7.71
N LEU A 16 -0.99 -1.47 7.21
CA LEU A 16 -0.93 -1.74 5.77
C LEU A 16 -1.84 -0.79 5.00
N VAL A 17 -3.10 -0.69 5.44
CA VAL A 17 -4.07 0.18 4.80
C VAL A 17 -3.54 1.61 4.69
N VAL A 18 -3.09 2.15 5.82
CA VAL A 18 -2.56 3.51 5.86
C VAL A 18 -1.43 3.69 4.86
N ILE A 19 -0.62 2.64 4.70
CA ILE A 19 0.50 2.67 3.77
C ILE A 19 0.02 2.76 2.32
N PHE A 20 -0.86 1.84 1.95
CA PHE A 20 -1.40 1.81 0.59
C PHE A 20 -2.11 3.12 0.27
N MET A 21 -2.85 3.65 1.24
CA MET A 21 -3.58 4.90 1.05
C MET A 21 -2.62 6.08 0.99
N MET A 22 -1.79 6.21 2.02
CA MET A 22 -0.83 7.31 2.09
C MET A 22 0.09 7.29 0.88
N LEU A 23 0.72 6.14 0.62
CA LEU A 23 1.62 5.99 -0.51
C LEU A 23 0.94 6.38 -1.81
N GLY A 24 -0.25 5.84 -2.03
CA GLY A 24 -1.00 6.13 -3.24
C GLY A 24 -1.32 7.62 -3.37
N GLY A 25 -1.92 8.18 -2.33
CA GLY A 25 -2.28 9.59 -2.35
C GLY A 25 -1.06 10.49 -2.37
N THR A 26 0.02 10.04 -1.74
CA THR A 26 1.25 10.83 -1.69
C THR A 26 1.97 10.81 -3.04
N PHE A 27 2.16 9.62 -3.59
CA PHE A 27 2.84 9.48 -4.88
C PHE A 27 2.12 10.28 -5.96
N LEU A 28 0.82 10.02 -6.11
CA LEU A 28 0.02 10.72 -7.11
C LEU A 28 0.06 12.23 -6.89
N TYR A 29 -0.12 12.64 -5.64
CA TYR A 29 -0.11 14.05 -5.29
C TYR A 29 1.24 14.69 -5.63
N TRP A 30 2.31 14.03 -5.20
CA TRP A 30 3.66 14.53 -5.44
C TRP A 30 3.89 14.71 -6.94
N ARG A 31 3.62 13.67 -7.71
CA ARG A 31 3.81 13.72 -9.16
C ARG A 31 3.11 14.94 -9.75
N GLY A 32 1.82 15.09 -9.47
CA GLY A 32 1.07 16.21 -9.98
C GLY A 32 1.59 17.54 -9.48
N ARG A 33 1.94 17.59 -8.19
CA ARG A 33 2.46 18.80 -7.59
C ARG A 33 3.60 19.38 -8.41
N ARG A 34 4.65 18.57 -8.60
CA ARG A 34 5.81 19.00 -9.37
C ARG A 34 5.44 19.27 -10.82
N HIS A 35 4.51 18.47 -11.34
CA HIS A 35 4.06 18.63 -12.73
C HIS A 35 3.63 20.06 -13.00
N HIS A 36 2.95 20.67 -12.03
CA HIS A 36 2.47 22.04 -12.17
C HIS A 36 3.52 23.03 -11.67
N HIS A 37 3.22 24.32 -11.80
CA HIS A 37 4.13 25.36 -11.37
C HIS A 37 5.53 25.15 -11.96
N HIS A 38 5.57 24.80 -13.24
CA HIS A 38 6.84 24.57 -13.93
C HIS A 38 7.41 25.87 -14.47
N HIS A 39 6.53 26.84 -14.74
CA HIS A 39 6.95 28.13 -15.26
C HIS A 39 7.58 28.98 -14.16
N HIS A 40 6.84 29.17 -13.07
CA HIS A 40 7.33 29.96 -11.95
C HIS A 40 7.91 29.07 -10.86
N MET B 1 -12.04 -27.35 18.66
CA MET B 1 -11.34 -26.51 17.70
C MET B 1 -12.32 -25.63 16.93
N GLY B 2 -11.79 -24.71 16.13
CA GLY B 2 -12.63 -23.82 15.35
C GLY B 2 -11.87 -23.12 14.24
N ARG B 3 -11.38 -21.93 14.54
CA ARG B 3 -10.62 -21.15 13.56
C ARG B 3 -11.43 -20.95 12.29
N THR B 4 -12.18 -19.85 12.23
CA THR B 4 -12.99 -19.54 11.07
C THR B 4 -12.80 -18.10 10.62
N HIS B 5 -12.91 -17.17 11.57
CA HIS B 5 -12.74 -15.76 11.27
C HIS B 5 -11.32 -15.46 10.80
N LEU B 6 -10.42 -16.43 10.97
CA LEU B 6 -9.04 -16.29 10.57
C LEU B 6 -8.91 -16.28 9.05
N THR B 7 -9.78 -17.02 8.38
CA THR B 7 -9.78 -17.11 6.93
C THR B 7 -9.98 -15.73 6.30
N MET B 8 -11.08 -15.08 6.66
CA MET B 8 -11.39 -13.76 6.13
C MET B 8 -10.33 -12.74 6.54
N ALA B 9 -10.00 -12.73 7.82
CA ALA B 9 -8.99 -11.81 8.34
C ALA B 9 -7.65 -12.00 7.63
N LEU B 10 -7.28 -13.26 7.41
CA LEU B 10 -6.02 -13.58 6.73
C LEU B 10 -6.00 -13.00 5.32
N THR B 11 -7.12 -13.15 4.61
CA THR B 11 -7.22 -12.64 3.25
C THR B 11 -7.02 -11.14 3.20
N VAL B 12 -7.66 -10.43 4.13
CA VAL B 12 -7.54 -8.97 4.21
C VAL B 12 -6.09 -8.54 4.41
N ILE B 13 -5.43 -9.13 5.40
CA ILE B 13 -4.05 -8.81 5.70
C ILE B 13 -3.16 -9.07 4.48
N ALA B 14 -3.28 -10.26 3.91
CA ALA B 14 -2.49 -10.63 2.74
C ALA B 14 -2.76 -9.69 1.57
N GLY B 15 -4.04 -9.36 1.36
CA GLY B 15 -4.41 -8.47 0.28
C GLY B 15 -3.68 -7.15 0.34
N LEU B 16 -3.74 -6.49 1.50
CA LEU B 16 -3.07 -5.21 1.68
C LEU B 16 -1.57 -5.32 1.44
N VAL B 17 -0.95 -6.31 2.08
CA VAL B 17 0.49 -6.53 1.93
C VAL B 17 0.87 -6.67 0.46
N VAL B 18 0.18 -7.56 -0.25
CA VAL B 18 0.44 -7.78 -1.65
C VAL B 18 0.35 -6.49 -2.45
N ILE B 19 -0.58 -5.63 -2.06
CA ILE B 19 -0.77 -4.35 -2.74
C ILE B 19 0.42 -3.43 -2.52
N PHE B 20 0.78 -3.23 -1.26
CA PHE B 20 1.91 -2.37 -0.91
C PHE B 20 3.19 -2.87 -1.57
N MET B 21 3.37 -4.18 -1.60
CA MET B 21 4.55 -4.79 -2.20
C MET B 21 4.50 -4.68 -3.72
N MET B 22 3.43 -5.18 -4.31
CA MET B 22 3.25 -5.14 -5.76
C MET B 22 3.33 -3.70 -6.27
N LEU B 23 2.52 -2.83 -5.69
CA LEU B 23 2.49 -1.43 -6.09
C LEU B 23 3.89 -0.82 -6.02
N GLY B 24 4.55 -1.02 -4.89
CA GLY B 24 5.90 -0.48 -4.71
C GLY B 24 6.87 -1.02 -5.74
N GLY B 25 6.94 -2.34 -5.84
CA GLY B 25 7.85 -2.97 -6.79
C GLY B 25 7.47 -2.68 -8.23
N THR B 26 6.18 -2.52 -8.48
CA THR B 26 5.68 -2.24 -9.83
C THR B 26 5.99 -0.80 -10.24
N PHE B 27 5.61 0.14 -9.38
CA PHE B 27 5.85 1.55 -9.66
C PHE B 27 7.33 1.82 -9.89
N LEU B 28 8.17 1.44 -8.93
CA LEU B 28 9.60 1.65 -9.04
C LEU B 28 10.15 0.97 -10.29
N TYR B 29 9.74 -0.27 -10.52
CA TYR B 29 10.19 -1.03 -11.69
C TYR B 29 9.80 -0.32 -12.98
N TRP B 30 8.53 0.06 -13.07
CA TRP B 30 8.02 0.74 -14.26
C TRP B 30 8.82 2.01 -14.53
N ARG B 31 8.95 2.86 -13.52
CA ARG B 31 9.68 4.11 -13.65
C ARG B 31 11.07 3.86 -14.23
N GLY B 32 11.82 2.97 -13.60
CA GLY B 32 13.16 2.66 -14.06
C GLY B 32 13.16 2.05 -15.45
N ARG B 33 12.20 1.16 -15.71
CA ARG B 33 12.10 0.51 -17.02
C ARG B 33 12.09 1.54 -18.13
N ARG B 34 11.11 2.45 -18.10
CA ARG B 34 10.99 3.48 -19.12
C ARG B 34 12.13 4.49 -19.02
N HIS B 35 12.60 4.72 -17.80
CA HIS B 35 13.69 5.66 -17.57
C HIS B 35 15.04 4.97 -17.74
N HIS B 36 15.26 4.37 -18.91
CA HIS B 36 16.51 3.68 -19.20
C HIS B 36 17.68 4.65 -19.18
N HIS B 37 18.87 4.16 -19.53
CA HIS B 37 20.07 4.98 -19.55
C HIS B 37 20.64 5.06 -20.96
N HIS B 38 19.79 5.39 -21.93
CA HIS B 38 20.21 5.50 -23.32
C HIS B 38 20.84 4.19 -23.80
N HIS B 39 20.01 3.24 -24.19
CA HIS B 39 20.49 1.95 -24.67
C HIS B 39 20.76 1.99 -26.17
N HIS B 40 21.90 1.44 -26.58
CA HIS B 40 22.27 1.42 -27.99
C HIS B 40 22.74 0.02 -28.41
N MET A 1 -11.50 -17.70 22.37
CA MET A 1 -10.49 -17.62 21.32
C MET A 1 -9.48 -16.51 21.61
N GLY A 2 -9.91 -15.52 22.39
CA GLY A 2 -9.05 -14.41 22.73
C GLY A 2 -9.52 -13.09 22.14
N ARG A 3 -9.41 -12.02 22.93
CA ARG A 3 -9.84 -10.71 22.48
C ARG A 3 -8.66 -9.74 22.47
N THR A 4 -7.56 -10.12 23.12
CA THR A 4 -6.38 -9.28 23.18
C THR A 4 -5.60 -9.34 21.87
N HIS A 5 -5.66 -10.48 21.20
CA HIS A 5 -4.96 -10.65 19.93
C HIS A 5 -5.50 -9.70 18.88
N LEU A 6 -6.65 -9.10 19.16
CA LEU A 6 -7.28 -8.16 18.23
C LEU A 6 -6.48 -6.87 18.14
N THR A 7 -5.86 -6.48 19.26
CA THR A 7 -5.06 -5.26 19.30
C THR A 7 -3.91 -5.31 18.31
N MET A 8 -3.11 -6.36 18.39
CA MET A 8 -1.98 -6.54 17.49
C MET A 8 -2.44 -6.69 16.05
N ALA A 9 -3.41 -7.58 15.83
CA ALA A 9 -3.95 -7.81 14.50
C ALA A 9 -4.51 -6.53 13.89
N LEU A 10 -5.21 -5.76 14.71
CA LEU A 10 -5.80 -4.50 14.26
C LEU A 10 -4.72 -3.53 13.77
N THR A 11 -3.64 -3.44 14.53
CA THR A 11 -2.53 -2.56 14.18
C THR A 11 -1.93 -2.94 12.83
N VAL A 12 -1.73 -4.24 12.62
CA VAL A 12 -1.16 -4.72 11.36
C VAL A 12 -2.04 -4.34 10.18
N ILE A 13 -3.34 -4.63 10.28
CA ILE A 13 -4.28 -4.32 9.23
C ILE A 13 -4.30 -2.82 8.94
N ALA A 14 -4.45 -2.03 9.99
CA ALA A 14 -4.49 -0.57 9.85
C ALA A 14 -3.18 -0.04 9.25
N GLY A 15 -2.06 -0.58 9.72
CA GLY A 15 -0.77 -0.15 9.22
C GLY A 15 -0.66 -0.29 7.70
N LEU A 16 -1.00 -1.47 7.20
CA LEU A 16 -0.93 -1.72 5.77
C LEU A 16 -1.84 -0.77 5.00
N VAL A 17 -3.10 -0.69 5.43
CA VAL A 17 -4.07 0.19 4.79
C VAL A 17 -3.54 1.61 4.69
N VAL A 18 -3.09 2.15 5.82
CA VAL A 18 -2.56 3.51 5.87
C VAL A 18 -1.43 3.69 4.86
N ILE A 19 -0.62 2.65 4.70
CA ILE A 19 0.50 2.69 3.76
C ILE A 19 0.01 2.77 2.33
N PHE A 20 -0.86 1.85 1.95
CA PHE A 20 -1.40 1.82 0.60
C PHE A 20 -2.11 3.13 0.27
N MET A 21 -2.85 3.66 1.23
CA MET A 21 -3.58 4.90 1.04
C MET A 21 -2.62 6.09 0.98
N MET A 22 -1.80 6.23 2.03
CA MET A 22 -0.83 7.32 2.09
C MET A 22 0.09 7.30 0.88
N LEU A 23 0.71 6.15 0.62
CA LEU A 23 1.63 6.00 -0.51
C LEU A 23 0.94 6.39 -1.81
N GLY A 24 -0.25 5.83 -2.04
CA GLY A 24 -0.99 6.14 -3.25
C GLY A 24 -1.34 7.61 -3.37
N GLY A 25 -1.93 8.17 -2.32
CA GLY A 25 -2.30 9.56 -2.33
C GLY A 25 -1.10 10.48 -2.36
N THR A 26 0.00 10.06 -1.73
CA THR A 26 1.22 10.85 -1.70
C THR A 26 1.92 10.84 -3.05
N PHE A 27 2.14 9.65 -3.59
CA PHE A 27 2.81 9.50 -4.88
C PHE A 27 2.08 10.30 -5.96
N LEU A 28 0.79 10.03 -6.10
CA LEU A 28 -0.03 10.72 -7.10
C LEU A 28 0.01 12.23 -6.88
N TYR A 29 -0.21 12.64 -5.64
CA TYR A 29 -0.21 14.06 -5.29
C TYR A 29 1.13 14.70 -5.63
N TRP A 30 2.21 14.04 -5.23
CA TRP A 30 3.56 14.55 -5.49
C TRP A 30 3.79 14.72 -6.99
N ARG A 31 3.52 13.67 -7.75
CA ARG A 31 3.71 13.70 -9.20
C ARG A 31 2.92 14.85 -9.82
N GLY A 32 1.79 15.18 -9.21
CA GLY A 32 0.96 16.26 -9.72
C GLY A 32 1.40 17.62 -9.20
N ARG A 33 2.08 17.62 -8.06
CA ARG A 33 2.56 18.85 -7.45
C ARG A 33 3.73 19.43 -8.24
N ARG A 34 4.70 18.57 -8.58
CA ARG A 34 5.87 19.00 -9.32
C ARG A 34 5.48 19.47 -10.72
N HIS A 35 4.55 18.76 -11.34
CA HIS A 35 4.09 19.09 -12.69
C HIS A 35 3.47 20.49 -12.71
N HIS A 36 2.81 20.86 -11.62
CA HIS A 36 2.17 22.16 -11.51
C HIS A 36 3.18 23.28 -11.72
N HIS A 37 4.16 23.38 -10.83
CA HIS A 37 5.18 24.41 -10.93
C HIS A 37 6.58 23.79 -10.93
N HIS A 38 7.33 24.05 -11.99
CA HIS A 38 8.69 23.52 -12.12
C HIS A 38 9.66 24.28 -11.23
N HIS A 39 10.16 23.62 -10.19
CA HIS A 39 11.09 24.22 -9.26
C HIS A 39 12.28 23.32 -9.01
N HIS A 40 13.39 23.90 -8.58
CA HIS A 40 14.61 23.14 -8.30
C HIS A 40 14.37 22.12 -7.19
N MET B 1 -12.70 -27.40 18.44
CA MET B 1 -11.90 -26.71 17.44
C MET B 1 -12.77 -25.74 16.63
N GLY B 2 -12.21 -24.58 16.29
CA GLY B 2 -12.95 -23.60 15.53
C GLY B 2 -12.15 -23.06 14.35
N ARG B 3 -11.49 -21.93 14.55
CA ARG B 3 -10.69 -21.31 13.50
C ARG B 3 -11.53 -21.09 12.24
N THR B 4 -12.12 -19.91 12.14
CA THR B 4 -12.96 -19.57 10.98
C THR B 4 -12.76 -18.13 10.56
N HIS B 5 -12.85 -17.22 11.53
CA HIS B 5 -12.68 -15.80 11.27
C HIS B 5 -11.26 -15.50 10.78
N LEU B 6 -10.37 -16.48 10.93
CA LEU B 6 -8.99 -16.33 10.52
C LEU B 6 -8.87 -16.30 8.99
N THR B 7 -9.76 -17.03 8.33
CA THR B 7 -9.75 -17.11 6.87
C THR B 7 -9.97 -15.72 6.27
N MET B 8 -11.06 -15.06 6.64
CA MET B 8 -11.38 -13.73 6.13
C MET B 8 -10.30 -12.73 6.54
N ALA B 9 -9.96 -12.73 7.82
CA ALA B 9 -8.94 -11.82 8.35
C ALA B 9 -7.62 -12.01 7.62
N LEU B 10 -7.26 -13.26 7.38
CA LEU B 10 -6.00 -13.57 6.69
C LEU B 10 -5.99 -12.97 5.28
N THR B 11 -7.11 -13.11 4.58
CA THR B 11 -7.22 -12.58 3.23
C THR B 11 -7.03 -11.07 3.21
N VAL B 12 -7.65 -10.38 4.16
CA VAL B 12 -7.54 -8.93 4.24
C VAL B 12 -6.09 -8.50 4.44
N ILE B 13 -5.43 -9.11 5.41
CA ILE B 13 -4.03 -8.80 5.71
C ILE B 13 -3.15 -9.05 4.49
N ALA B 14 -3.28 -10.24 3.91
CA ALA B 14 -2.50 -10.60 2.74
C ALA B 14 -2.77 -9.67 1.57
N GLY B 15 -4.05 -9.35 1.36
CA GLY B 15 -4.42 -8.46 0.28
C GLY B 15 -3.69 -7.13 0.33
N LEU B 16 -3.74 -6.49 1.49
CA LEU B 16 -3.08 -5.20 1.67
C LEU B 16 -1.58 -5.31 1.42
N VAL B 17 -0.95 -6.29 2.07
CA VAL B 17 0.48 -6.51 1.92
C VAL B 17 0.86 -6.66 0.45
N VAL B 18 0.16 -7.54 -0.25
CA VAL B 18 0.42 -7.78 -1.67
C VAL B 18 0.33 -6.47 -2.47
N ILE B 19 -0.61 -5.62 -2.07
CA ILE B 19 -0.80 -4.34 -2.75
C ILE B 19 0.40 -3.42 -2.54
N PHE B 20 0.76 -3.22 -1.27
CA PHE B 20 1.89 -2.36 -0.92
C PHE B 20 3.17 -2.85 -1.59
N MET B 21 3.35 -4.17 -1.62
CA MET B 21 4.53 -4.77 -2.23
C MET B 21 4.48 -4.66 -3.74
N MET B 22 3.40 -5.17 -4.33
CA MET B 22 3.22 -5.13 -5.78
C MET B 22 3.30 -3.70 -6.30
N LEU B 23 2.49 -2.82 -5.70
CA LEU B 23 2.46 -1.41 -6.11
C LEU B 23 3.86 -0.80 -6.04
N GLY B 24 4.52 -0.98 -4.91
CA GLY B 24 5.86 -0.44 -4.73
C GLY B 24 6.84 -1.00 -5.74
N GLY B 25 6.88 -2.33 -5.85
CA GLY B 25 7.80 -2.97 -6.79
C GLY B 25 7.44 -2.67 -8.23
N THR B 26 6.15 -2.51 -8.50
CA THR B 26 5.69 -2.23 -9.85
C THR B 26 5.99 -0.79 -10.25
N PHE B 27 5.60 0.16 -9.41
CA PHE B 27 5.84 1.57 -9.67
C PHE B 27 7.32 1.84 -9.89
N LEU B 28 8.14 1.45 -8.93
CA LEU B 28 9.59 1.66 -9.03
C LEU B 28 10.14 0.98 -10.27
N TYR B 29 9.75 -0.27 -10.49
CA TYR B 29 10.21 -1.02 -11.65
C TYR B 29 9.83 -0.33 -12.95
N TRP B 30 8.57 0.08 -13.04
CA TRP B 30 8.07 0.77 -14.23
C TRP B 30 8.87 2.04 -14.50
N ARG B 31 8.97 2.89 -13.47
CA ARG B 31 9.71 4.14 -13.59
C ARG B 31 11.13 3.89 -14.07
N GLY B 32 11.69 2.76 -13.70
CA GLY B 32 13.05 2.42 -14.09
C GLY B 32 13.12 1.88 -15.51
N ARG B 33 12.39 0.81 -15.77
CA ARG B 33 12.38 0.19 -17.09
C ARG B 33 12.09 1.23 -18.18
N ARG B 34 11.32 2.25 -17.81
CA ARG B 34 10.97 3.31 -18.75
C ARG B 34 12.18 4.20 -19.04
N HIS B 35 12.92 4.54 -17.99
CA HIS B 35 14.10 5.37 -18.13
C HIS B 35 13.71 6.82 -18.43
N HIS B 36 13.17 7.04 -19.63
CA HIS B 36 12.75 8.37 -20.05
C HIS B 36 11.24 8.54 -19.88
N HIS B 37 10.83 9.68 -19.33
CA HIS B 37 9.43 9.96 -19.12
C HIS B 37 8.94 11.06 -20.06
N HIS B 38 7.64 11.34 -20.02
CA HIS B 38 7.05 12.36 -20.88
C HIS B 38 6.20 13.32 -20.07
N HIS B 39 6.52 13.45 -18.79
CA HIS B 39 5.78 14.34 -17.90
C HIS B 39 4.29 14.06 -17.96
N HIS B 40 3.86 13.06 -17.21
CA HIS B 40 2.45 12.68 -17.18
C HIS B 40 1.95 12.31 -18.57
N MET A 1 -12.48 -16.62 22.32
CA MET A 1 -12.51 -16.00 20.99
C MET A 1 -11.26 -15.16 20.75
N GLY A 2 -10.82 -14.45 21.78
CA GLY A 2 -9.64 -13.61 21.67
C GLY A 2 -9.98 -12.14 21.58
N ARG A 3 -9.65 -11.40 22.61
CA ARG A 3 -9.93 -9.96 22.65
C ARG A 3 -8.62 -9.16 22.71
N THR A 4 -7.55 -9.82 23.13
CA THR A 4 -6.26 -9.17 23.22
C THR A 4 -5.51 -9.22 21.89
N HIS A 5 -5.45 -10.39 21.29
CA HIS A 5 -4.77 -10.57 20.01
C HIS A 5 -5.32 -9.60 18.96
N LEU A 6 -6.52 -9.08 19.23
CA LEU A 6 -7.15 -8.14 18.30
C LEU A 6 -6.36 -6.85 18.20
N THR A 7 -5.73 -6.46 19.31
CA THR A 7 -4.93 -5.23 19.34
C THR A 7 -3.80 -5.30 18.33
N MET A 8 -3.00 -6.35 18.41
CA MET A 8 -1.87 -6.53 17.51
C MET A 8 -2.35 -6.68 16.07
N ALA A 9 -3.31 -7.58 15.86
CA ALA A 9 -3.85 -7.81 14.53
C ALA A 9 -4.42 -6.54 13.93
N LEU A 10 -5.12 -5.76 14.76
CA LEU A 10 -5.72 -4.50 14.31
C LEU A 10 -4.65 -3.54 13.81
N THR A 11 -3.56 -3.44 14.56
CA THR A 11 -2.46 -2.56 14.20
C THR A 11 -1.87 -2.94 12.84
N VAL A 12 -1.67 -4.23 12.64
CA VAL A 12 -1.11 -4.72 11.38
C VAL A 12 -1.99 -4.34 10.20
N ILE A 13 -3.29 -4.63 10.32
CA ILE A 13 -4.24 -4.31 9.26
C ILE A 13 -4.26 -2.82 8.97
N ALA A 14 -4.40 -2.01 10.01
CA ALA A 14 -4.43 -0.56 9.87
C ALA A 14 -3.14 -0.05 9.25
N GLY A 15 -2.01 -0.57 9.73
CA GLY A 15 -0.72 -0.16 9.22
C GLY A 15 -0.62 -0.29 7.71
N LEU A 16 -0.96 -1.47 7.20
CA LEU A 16 -0.91 -1.73 5.77
C LEU A 16 -1.82 -0.77 5.01
N VAL A 17 -3.07 -0.69 5.45
CA VAL A 17 -4.05 0.18 4.80
C VAL A 17 -3.51 1.61 4.71
N VAL A 18 -3.06 2.15 5.83
CA VAL A 18 -2.54 3.51 5.88
C VAL A 18 -1.40 3.68 4.88
N ILE A 19 -0.60 2.63 4.71
CA ILE A 19 0.53 2.67 3.78
C ILE A 19 0.03 2.76 2.33
N PHE A 20 -0.84 1.85 1.96
CA PHE A 20 -1.39 1.82 0.61
C PHE A 20 -2.09 3.13 0.28
N MET A 21 -2.83 3.66 1.25
CA MET A 21 -3.56 4.91 1.07
C MET A 21 -2.60 6.09 1.00
N MET A 22 -1.77 6.23 2.04
CA MET A 22 -0.80 7.31 2.10
C MET A 22 0.12 7.29 0.89
N LEU A 23 0.74 6.14 0.63
CA LEU A 23 1.64 6.00 -0.50
C LEU A 23 0.95 6.39 -1.80
N GLY A 24 -0.23 5.84 -2.03
CA GLY A 24 -0.98 6.14 -3.24
C GLY A 24 -1.32 7.60 -3.35
N GLY A 25 -1.91 8.16 -2.29
CA GLY A 25 -2.28 9.57 -2.30
C GLY A 25 -1.08 10.48 -2.34
N THR A 26 0.02 10.05 -1.72
CA THR A 26 1.24 10.84 -1.69
C THR A 26 1.94 10.83 -3.05
N PHE A 27 2.17 9.64 -3.58
CA PHE A 27 2.83 9.49 -4.86
C PHE A 27 2.09 10.28 -5.94
N LEU A 28 0.80 10.01 -6.09
CA LEU A 28 -0.01 10.70 -7.09
C LEU A 28 0.02 12.21 -6.87
N TYR A 29 -0.21 12.62 -5.64
CA TYR A 29 -0.20 14.04 -5.30
C TYR A 29 1.14 14.68 -5.64
N TRP A 30 2.22 14.03 -5.24
CA TRP A 30 3.56 14.54 -5.51
C TRP A 30 3.79 14.70 -7.01
N ARG A 31 3.52 13.64 -7.76
CA ARG A 31 3.70 13.66 -9.20
C ARG A 31 2.90 14.81 -9.83
N GLY A 32 1.78 15.14 -9.21
CA GLY A 32 0.94 16.21 -9.72
C GLY A 32 1.45 17.59 -9.34
N ARG A 33 1.62 17.81 -8.03
CA ARG A 33 2.10 19.10 -7.54
C ARG A 33 3.41 19.49 -8.23
N ARG A 34 4.16 18.49 -8.66
CA ARG A 34 5.44 18.72 -9.33
C ARG A 34 5.22 19.27 -10.74
N HIS A 35 4.24 18.69 -11.44
CA HIS A 35 3.93 19.11 -12.80
C HIS A 35 3.62 20.61 -12.85
N HIS A 36 3.03 21.12 -11.78
CA HIS A 36 2.69 22.54 -11.69
C HIS A 36 3.95 23.40 -11.64
N HIS A 37 3.86 24.60 -12.20
CA HIS A 37 5.00 25.52 -12.22
C HIS A 37 4.73 26.72 -11.32
N HIS A 38 3.46 27.13 -11.24
CA HIS A 38 3.08 28.26 -10.41
C HIS A 38 3.46 28.03 -8.96
N HIS A 39 3.18 26.84 -8.45
CA HIS A 39 3.49 26.49 -7.08
C HIS A 39 4.99 26.21 -6.91
N HIS A 40 5.64 27.01 -6.07
CA HIS A 40 7.07 26.85 -5.83
C HIS A 40 7.38 25.46 -5.27
N MET B 1 -14.40 -22.94 18.07
CA MET B 1 -14.96 -21.71 17.50
C MET B 1 -13.91 -20.62 17.42
N GLY B 2 -14.16 -19.61 16.59
CA GLY B 2 -13.23 -18.51 16.44
C GLY B 2 -12.01 -18.90 15.63
N ARG B 3 -12.20 -19.84 14.70
CA ARG B 3 -11.10 -20.29 13.85
C ARG B 3 -11.38 -20.01 12.38
N THR B 4 -12.67 -19.86 12.05
CA THR B 4 -13.07 -19.58 10.68
C THR B 4 -12.82 -18.13 10.32
N HIS B 5 -13.03 -17.23 11.29
CA HIS B 5 -12.82 -15.81 11.07
C HIS B 5 -11.40 -15.53 10.60
N LEU B 6 -10.51 -16.48 10.84
CA LEU B 6 -9.11 -16.34 10.44
C LEU B 6 -8.98 -16.30 8.92
N THR B 7 -9.85 -17.03 8.24
CA THR B 7 -9.84 -17.07 6.78
C THR B 7 -10.04 -15.69 6.19
N MET B 8 -11.14 -15.04 6.57
CA MET B 8 -11.45 -13.70 6.07
C MET B 8 -10.37 -12.70 6.49
N ALA B 9 -10.03 -12.71 7.77
CA ALA B 9 -9.02 -11.81 8.30
C ALA B 9 -7.69 -11.99 7.58
N LEU B 10 -7.33 -13.25 7.34
CA LEU B 10 -6.08 -13.57 6.66
C LEU B 10 -6.05 -12.97 5.26
N THR B 11 -7.17 -13.09 4.54
CA THR B 11 -7.27 -12.56 3.19
C THR B 11 -7.06 -11.05 3.17
N VAL B 12 -7.69 -10.36 4.12
CA VAL B 12 -7.57 -8.91 4.21
C VAL B 12 -6.12 -8.50 4.42
N ILE B 13 -5.45 -9.12 5.39
CA ILE B 13 -4.06 -8.80 5.69
C ILE B 13 -3.17 -9.05 4.48
N ALA B 14 -3.31 -10.24 3.89
CA ALA B 14 -2.52 -10.61 2.72
C ALA B 14 -2.79 -9.65 1.56
N GLY B 15 -4.07 -9.34 1.34
CA GLY B 15 -4.45 -8.45 0.27
C GLY B 15 -3.71 -7.12 0.33
N LEU B 16 -3.75 -6.48 1.49
CA LEU B 16 -3.08 -5.20 1.67
C LEU B 16 -1.58 -5.32 1.42
N VAL B 17 -0.96 -6.30 2.08
CA VAL B 17 0.48 -6.52 1.92
C VAL B 17 0.85 -6.66 0.45
N VAL B 18 0.15 -7.55 -0.25
CA VAL B 18 0.43 -7.78 -1.67
C VAL B 18 0.33 -6.48 -2.46
N ILE B 19 -0.60 -5.62 -2.07
CA ILE B 19 -0.80 -4.35 -2.74
C ILE B 19 0.41 -3.42 -2.52
N PHE B 20 0.78 -3.23 -1.26
CA PHE B 20 1.91 -2.37 -0.92
C PHE B 20 3.18 -2.87 -1.59
N MET B 21 3.35 -4.19 -1.61
CA MET B 21 4.54 -4.79 -2.22
C MET B 21 4.48 -4.68 -3.74
N MET B 22 3.40 -5.19 -4.32
CA MET B 22 3.23 -5.13 -5.77
C MET B 22 3.30 -3.70 -6.29
N LEU B 23 2.50 -2.83 -5.70
CA LEU B 23 2.47 -1.43 -6.10
C LEU B 23 3.87 -0.81 -6.04
N GLY B 24 4.53 -1.00 -4.90
CA GLY B 24 5.87 -0.47 -4.73
C GLY B 24 6.86 -1.03 -5.74
N GLY B 25 6.90 -2.35 -5.84
CA GLY B 25 7.80 -3.00 -6.78
C GLY B 25 7.46 -2.70 -8.23
N THR B 26 6.16 -2.54 -8.50
CA THR B 26 5.71 -2.25 -9.85
C THR B 26 6.02 -0.81 -10.25
N PHE B 27 5.61 0.13 -9.40
CA PHE B 27 5.85 1.54 -9.66
C PHE B 27 7.33 1.81 -9.88
N LEU B 28 8.15 1.43 -8.91
CA LEU B 28 9.59 1.62 -9.01
C LEU B 28 10.16 0.96 -10.25
N TYR B 29 9.78 -0.29 -10.47
CA TYR B 29 10.24 -1.05 -11.63
C TYR B 29 9.87 -0.34 -12.93
N TRP B 30 8.61 0.06 -13.02
CA TRP B 30 8.12 0.75 -14.21
C TRP B 30 8.90 2.03 -14.46
N ARG B 31 9.01 2.86 -13.44
CA ARG B 31 9.73 4.12 -13.55
C ARG B 31 11.17 3.88 -14.01
N GLY B 32 11.72 2.72 -13.64
CA GLY B 32 13.08 2.40 -14.03
C GLY B 32 13.17 1.86 -15.44
N ARG B 33 12.43 0.80 -15.73
CA ARG B 33 12.44 0.20 -17.05
C ARG B 33 12.20 1.26 -18.13
N ARG B 34 11.44 2.29 -17.77
CA ARG B 34 11.14 3.37 -18.71
C ARG B 34 12.34 4.29 -18.89
N HIS B 35 12.66 5.04 -17.85
CA HIS B 35 13.78 5.97 -17.89
C HIS B 35 13.71 6.88 -19.11
N HIS B 36 12.56 7.53 -19.28
CA HIS B 36 12.36 8.42 -20.41
C HIS B 36 12.36 9.88 -19.96
N HIS B 37 12.00 10.11 -18.70
CA HIS B 37 11.96 11.46 -18.14
C HIS B 37 12.03 11.41 -16.62
N HIS B 38 12.25 12.58 -16.00
CA HIS B 38 12.33 12.68 -14.56
C HIS B 38 11.68 13.97 -14.07
N HIS B 39 10.57 14.35 -14.68
CA HIS B 39 9.86 15.57 -14.32
C HIS B 39 8.35 15.36 -14.39
N HIS B 40 7.76 14.94 -13.27
CA HIS B 40 6.32 14.71 -13.22
C HIS B 40 5.89 14.30 -11.80
N MET A 1 -12.12 -15.26 25.21
CA MET A 1 -11.29 -16.35 24.70
C MET A 1 -10.42 -15.87 23.53
N GLY A 2 -9.99 -14.62 23.60
CA GLY A 2 -9.17 -14.07 22.54
C GLY A 2 -9.64 -12.70 22.08
N ARG A 3 -9.50 -11.71 22.95
CA ARG A 3 -9.93 -10.35 22.62
C ARG A 3 -8.73 -9.39 22.60
N THR A 4 -7.66 -9.79 23.26
CA THR A 4 -6.45 -8.98 23.33
C THR A 4 -5.66 -9.05 22.03
N HIS A 5 -5.74 -10.21 21.36
CA HIS A 5 -5.03 -10.42 20.10
C HIS A 5 -5.56 -9.47 19.03
N LEU A 6 -6.71 -8.86 19.29
CA LEU A 6 -7.32 -7.94 18.34
C LEU A 6 -6.51 -6.65 18.24
N THR A 7 -5.88 -6.26 19.34
CA THR A 7 -5.08 -5.05 19.37
C THR A 7 -3.93 -5.12 18.37
N MET A 8 -3.14 -6.19 18.47
CA MET A 8 -2.00 -6.39 17.57
C MET A 8 -2.47 -6.56 16.13
N ALA A 9 -3.45 -7.44 15.93
CA ALA A 9 -3.99 -7.71 14.61
C ALA A 9 -4.53 -6.43 13.98
N LEU A 10 -5.22 -5.63 14.79
CA LEU A 10 -5.80 -4.38 14.31
C LEU A 10 -4.72 -3.44 13.82
N THR A 11 -3.62 -3.34 14.57
CA THR A 11 -2.52 -2.46 14.21
C THR A 11 -1.92 -2.87 12.87
N VAL A 12 -1.73 -4.17 12.67
CA VAL A 12 -1.17 -4.68 11.42
C VAL A 12 -2.05 -4.31 10.23
N ILE A 13 -3.34 -4.60 10.35
CA ILE A 13 -4.29 -4.30 9.28
C ILE A 13 -4.31 -2.80 8.97
N ALA A 14 -4.45 -1.99 10.02
CA ALA A 14 -4.49 -0.55 9.87
C ALA A 14 -3.19 -0.02 9.26
N GLY A 15 -2.07 -0.57 9.73
CA GLY A 15 -0.78 -0.14 9.22
C GLY A 15 -0.67 -0.29 7.72
N LEU A 16 -1.00 -1.47 7.21
CA LEU A 16 -0.93 -1.74 5.78
C LEU A 16 -1.84 -0.80 5.01
N VAL A 17 -3.09 -0.70 5.45
CA VAL A 17 -4.06 0.17 4.80
C VAL A 17 -3.53 1.60 4.69
N VAL A 18 -3.10 2.14 5.83
CA VAL A 18 -2.57 3.51 5.86
C VAL A 18 -1.43 3.68 4.86
N ILE A 19 -0.62 2.63 4.70
CA ILE A 19 0.50 2.67 3.78
C ILE A 19 0.01 2.76 2.33
N PHE A 20 -0.87 1.83 1.95
CA PHE A 20 -1.41 1.80 0.60
C PHE A 20 -2.11 3.12 0.27
N MET A 21 -2.85 3.64 1.23
CA MET A 21 -3.58 4.89 1.04
C MET A 21 -2.62 6.07 0.98
N MET A 22 -1.79 6.21 2.02
CA MET A 22 -0.83 7.30 2.09
C MET A 22 0.09 7.28 0.87
N LEU A 23 0.71 6.13 0.63
CA LEU A 23 1.62 5.99 -0.50
C LEU A 23 0.94 6.37 -1.81
N GLY A 24 -0.26 5.83 -2.03
CA GLY A 24 -1.00 6.13 -3.24
C GLY A 24 -1.31 7.61 -3.37
N GLY A 25 -1.92 8.17 -2.34
CA GLY A 25 -2.27 9.58 -2.36
C GLY A 25 -1.05 10.48 -2.38
N THR A 26 0.02 10.04 -1.75
CA THR A 26 1.26 10.81 -1.70
C THR A 26 1.98 10.80 -3.04
N PHE A 27 2.18 9.61 -3.59
CA PHE A 27 2.85 9.47 -4.87
C PHE A 27 2.13 10.27 -5.95
N LEU A 28 0.84 10.01 -6.12
CA LEU A 28 0.04 10.71 -7.12
C LEU A 28 0.09 12.22 -6.89
N TYR A 29 -0.11 12.63 -5.65
CA TYR A 29 -0.08 14.05 -5.30
C TYR A 29 1.27 14.67 -5.63
N TRP A 30 2.34 14.02 -5.20
CA TRP A 30 3.69 14.50 -5.45
C TRP A 30 3.93 14.69 -6.94
N ARG A 31 3.66 13.65 -7.72
CA ARG A 31 3.85 13.69 -9.17
C ARG A 31 3.13 14.90 -9.76
N GLY A 32 1.85 15.04 -9.48
CA GLY A 32 1.07 16.16 -9.99
C GLY A 32 1.60 17.49 -9.50
N ARG A 33 1.95 17.56 -8.22
CA ARG A 33 2.46 18.80 -7.63
C ARG A 33 3.68 19.30 -8.41
N ARG A 34 4.79 18.58 -8.29
CA ARG A 34 6.02 18.96 -8.97
C ARG A 34 6.48 17.85 -9.92
N HIS A 35 5.72 17.66 -10.99
CA HIS A 35 6.05 16.63 -11.98
C HIS A 35 7.39 16.92 -12.64
N HIS A 36 7.53 18.14 -13.17
CA HIS A 36 8.76 18.54 -13.84
C HIS A 36 9.64 19.36 -12.90
N HIS A 37 10.77 19.82 -13.42
CA HIS A 37 11.71 20.61 -12.62
C HIS A 37 12.10 21.89 -13.36
N HIS A 38 12.58 22.88 -12.61
CA HIS A 38 12.98 24.15 -13.19
C HIS A 38 11.85 24.78 -13.98
N HIS A 39 10.62 24.59 -13.49
CA HIS A 39 9.44 25.14 -14.15
C HIS A 39 9.35 24.66 -15.60
N HIS A 40 9.56 23.36 -15.80
CA HIS A 40 9.51 22.77 -17.13
C HIS A 40 8.17 22.10 -17.38
N MET B 1 -10.17 -27.44 15.32
CA MET B 1 -10.72 -27.05 16.62
C MET B 1 -11.59 -25.80 16.46
N GLY B 2 -10.94 -24.65 16.26
CA GLY B 2 -11.68 -23.41 16.12
C GLY B 2 -10.91 -22.38 15.31
N ARG B 3 -11.10 -22.37 14.01
CA ARG B 3 -10.42 -21.44 13.13
C ARG B 3 -11.24 -21.18 11.86
N THR B 4 -12.06 -20.14 11.89
CA THR B 4 -12.89 -19.79 10.76
C THR B 4 -12.71 -18.32 10.37
N HIS B 5 -12.82 -17.43 11.35
CA HIS B 5 -12.66 -16.00 11.10
C HIS B 5 -11.24 -15.69 10.64
N LEU B 6 -10.35 -16.66 10.79
CA LEU B 6 -8.96 -16.48 10.37
C LEU B 6 -8.84 -16.43 8.85
N THR B 7 -9.72 -17.16 8.17
CA THR B 7 -9.71 -17.20 6.71
C THR B 7 -9.93 -15.81 6.13
N MET B 8 -11.04 -15.18 6.51
CA MET B 8 -11.36 -13.85 6.03
C MET B 8 -10.30 -12.83 6.46
N ALA B 9 -9.96 -12.85 7.75
CA ALA B 9 -8.96 -11.94 8.28
C ALA B 9 -7.63 -12.10 7.55
N LEU B 10 -7.25 -13.34 7.29
CA LEU B 10 -6.00 -13.64 6.61
C LEU B 10 -5.98 -13.02 5.21
N THR B 11 -7.10 -13.15 4.50
CA THR B 11 -7.22 -12.62 3.15
C THR B 11 -7.03 -11.11 3.15
N VAL B 12 -7.66 -10.43 4.10
CA VAL B 12 -7.56 -8.98 4.21
C VAL B 12 -6.10 -8.54 4.42
N ILE B 13 -5.45 -9.16 5.40
CA ILE B 13 -4.06 -8.83 5.70
C ILE B 13 -3.16 -9.09 4.48
N ALA B 14 -3.29 -10.27 3.91
CA ALA B 14 -2.50 -10.64 2.74
C ALA B 14 -2.77 -9.71 1.57
N GLY B 15 -4.03 -9.37 1.37
CA GLY B 15 -4.41 -8.48 0.29
C GLY B 15 -3.68 -7.15 0.35
N LEU B 16 -3.74 -6.51 1.50
CA LEU B 16 -3.08 -5.22 1.69
C LEU B 16 -1.58 -5.33 1.45
N VAL B 17 -0.96 -6.32 2.09
CA VAL B 17 0.48 -6.54 1.94
C VAL B 17 0.87 -6.68 0.48
N VAL B 18 0.17 -7.57 -0.23
CA VAL B 18 0.45 -7.80 -1.64
C VAL B 18 0.36 -6.51 -2.44
N ILE B 19 -0.58 -5.64 -2.05
CA ILE B 19 -0.78 -4.36 -2.72
C ILE B 19 0.42 -3.45 -2.51
N PHE B 20 0.79 -3.24 -1.25
CA PHE B 20 1.92 -2.39 -0.90
C PHE B 20 3.20 -2.88 -1.56
N MET B 21 3.37 -4.20 -1.59
CA MET B 21 4.55 -4.80 -2.18
C MET B 21 4.51 -4.70 -3.70
N MET B 22 3.42 -5.20 -4.29
CA MET B 22 3.26 -5.17 -5.74
C MET B 22 3.33 -3.73 -6.27
N LEU B 23 2.53 -2.86 -5.68
CA LEU B 23 2.49 -1.45 -6.09
C LEU B 23 3.89 -0.85 -6.02
N GLY B 24 4.56 -1.04 -4.89
CA GLY B 24 5.90 -0.50 -4.72
C GLY B 24 6.88 -1.05 -5.73
N GLY B 25 6.95 -2.37 -5.84
CA GLY B 25 7.85 -2.99 -6.79
C GLY B 25 7.47 -2.70 -8.23
N THR B 26 6.17 -2.55 -8.48
CA THR B 26 5.68 -2.28 -9.83
C THR B 26 5.99 -0.84 -10.23
N PHE B 27 5.62 0.11 -9.38
CA PHE B 27 5.85 1.52 -9.65
C PHE B 27 7.33 1.80 -9.90
N LEU B 28 8.16 1.41 -8.93
CA LEU B 28 9.60 1.62 -9.05
C LEU B 28 10.15 0.94 -10.30
N TYR B 29 9.74 -0.30 -10.53
CA TYR B 29 10.19 -1.05 -11.69
C TYR B 29 9.79 -0.35 -12.99
N TRP B 30 8.52 0.02 -13.08
CA TRP B 30 8.01 0.70 -14.27
C TRP B 30 8.80 1.98 -14.53
N ARG B 31 8.93 2.82 -13.52
CA ARG B 31 9.67 4.08 -13.66
C ARG B 31 11.06 3.83 -14.24
N GLY B 32 11.80 2.94 -13.61
CA GLY B 32 13.15 2.63 -14.08
C GLY B 32 13.16 2.07 -15.48
N ARG B 33 12.11 1.33 -15.82
CA ARG B 33 12.00 0.72 -17.15
C ARG B 33 11.81 1.80 -18.22
N ARG B 34 10.72 2.55 -18.11
CA ARG B 34 10.41 3.60 -19.07
C ARG B 34 10.92 4.95 -18.57
N HIS B 35 12.06 4.94 -17.88
CA HIS B 35 12.65 6.16 -17.34
C HIS B 35 12.82 7.21 -18.44
N HIS B 36 13.00 6.75 -19.67
CA HIS B 36 13.18 7.64 -20.81
C HIS B 36 11.84 8.26 -21.22
N HIS B 37 10.81 7.43 -21.28
CA HIS B 37 9.48 7.90 -21.66
C HIS B 37 8.71 8.41 -20.45
N HIS B 38 7.51 8.91 -20.69
CA HIS B 38 6.67 9.43 -19.60
C HIS B 38 5.22 8.99 -19.78
N HIS B 39 4.37 9.39 -18.84
CA HIS B 39 2.96 9.03 -18.89
C HIS B 39 2.08 10.27 -18.93
N HIS B 40 2.05 11.02 -17.83
CA HIS B 40 1.26 12.23 -17.74
C HIS B 40 2.08 13.37 -17.13
N MET A 1 -13.29 -16.62 23.33
CA MET A 1 -12.07 -16.14 23.95
C MET A 1 -11.13 -15.52 22.91
N GLY A 2 -10.14 -14.76 23.37
CA GLY A 2 -9.21 -14.12 22.47
C GLY A 2 -9.68 -12.76 22.01
N ARG A 3 -9.52 -11.76 22.88
CA ARG A 3 -9.93 -10.39 22.57
C ARG A 3 -8.72 -9.45 22.55
N THR A 4 -7.65 -9.87 23.20
CA THR A 4 -6.43 -9.06 23.26
C THR A 4 -5.64 -9.15 21.96
N HIS A 5 -5.74 -10.29 21.28
CA HIS A 5 -5.04 -10.49 20.02
C HIS A 5 -5.56 -9.53 18.95
N LEU A 6 -6.69 -8.91 19.23
CA LEU A 6 -7.31 -7.97 18.30
C LEU A 6 -6.47 -6.68 18.20
N THR A 7 -5.84 -6.31 19.30
CA THR A 7 -5.02 -5.11 19.35
C THR A 7 -3.87 -5.20 18.34
N MET A 8 -3.09 -6.27 18.42
CA MET A 8 -1.97 -6.47 17.52
C MET A 8 -2.45 -6.63 16.09
N ALA A 9 -3.43 -7.49 15.89
CA ALA A 9 -3.98 -7.74 14.56
C ALA A 9 -4.52 -6.45 13.94
N LEU A 10 -5.19 -5.65 14.76
CA LEU A 10 -5.76 -4.39 14.30
C LEU A 10 -4.67 -3.45 13.80
N THR A 11 -3.58 -3.38 14.55
CA THR A 11 -2.45 -2.51 14.18
C THR A 11 -1.87 -2.91 12.83
N VAL A 12 -1.70 -4.21 12.64
CA VAL A 12 -1.15 -4.73 11.39
C VAL A 12 -2.02 -4.34 10.20
N ILE A 13 -3.32 -4.62 10.31
CA ILE A 13 -4.27 -4.30 9.25
C ILE A 13 -4.28 -2.80 8.96
N ALA A 14 -4.41 -2.01 10.02
CA ALA A 14 -4.43 -0.55 9.87
C ALA A 14 -3.13 -0.04 9.27
N GLY A 15 -2.01 -0.58 9.73
CA GLY A 15 -0.72 -0.16 9.22
C GLY A 15 -0.62 -0.31 7.71
N LEU A 16 -0.96 -1.48 7.21
CA LEU A 16 -0.90 -1.74 5.78
C LEU A 16 -1.81 -0.78 5.01
N VAL A 17 -3.06 -0.69 5.45
CA VAL A 17 -4.02 0.19 4.80
C VAL A 17 -3.49 1.61 4.71
N VAL A 18 -3.04 2.15 5.84
CA VAL A 18 -2.51 3.51 5.88
C VAL A 18 -1.37 3.68 4.88
N ILE A 19 -0.56 2.63 4.71
CA ILE A 19 0.55 2.67 3.78
C ILE A 19 0.06 2.77 2.33
N PHE A 20 -0.83 1.85 1.96
CA PHE A 20 -1.38 1.82 0.61
C PHE A 20 -2.09 3.13 0.29
N MET A 21 -2.81 3.66 1.26
CA MET A 21 -3.54 4.92 1.08
C MET A 21 -2.57 6.10 1.02
N MET A 22 -1.75 6.23 2.05
CA MET A 22 -0.77 7.32 2.11
C MET A 22 0.15 7.30 0.89
N LEU A 23 0.76 6.14 0.64
CA LEU A 23 1.66 6.00 -0.50
C LEU A 23 0.97 6.39 -1.80
N GLY A 24 -0.21 5.83 -2.03
CA GLY A 24 -0.96 6.14 -3.24
C GLY A 24 -1.30 7.62 -3.34
N GLY A 25 -1.88 8.16 -2.28
CA GLY A 25 -2.26 9.56 -2.28
C GLY A 25 -1.06 10.49 -2.33
N THR A 26 0.04 10.05 -1.71
CA THR A 26 1.26 10.85 -1.69
C THR A 26 1.95 10.84 -3.05
N PHE A 27 2.21 9.64 -3.57
CA PHE A 27 2.87 9.49 -4.86
C PHE A 27 2.13 10.30 -5.94
N LEU A 28 0.84 10.03 -6.08
CA LEU A 28 0.03 10.72 -7.07
C LEU A 28 0.06 12.23 -6.85
N TYR A 29 -0.22 12.65 -5.62
CA TYR A 29 -0.22 14.07 -5.27
C TYR A 29 1.12 14.71 -5.61
N TRP A 30 2.20 14.03 -5.26
CA TRP A 30 3.54 14.53 -5.52
C TRP A 30 3.79 14.69 -7.02
N ARG A 31 3.53 13.61 -7.76
CA ARG A 31 3.72 13.62 -9.21
C ARG A 31 2.98 14.79 -9.85
N GLY A 32 1.86 15.17 -9.25
CA GLY A 32 1.09 16.29 -9.77
C GLY A 32 1.60 17.63 -9.30
N ARG A 33 1.66 17.81 -7.98
CA ARG A 33 2.13 19.06 -7.40
C ARG A 33 3.49 19.45 -7.98
N ARG A 34 4.27 18.45 -8.38
CA ARG A 34 5.58 18.69 -8.95
C ARG A 34 5.49 19.58 -10.19
N HIS A 35 4.83 19.08 -11.22
CA HIS A 35 4.67 19.84 -12.46
C HIS A 35 3.74 21.03 -12.25
N HIS A 36 2.82 20.90 -11.30
CA HIS A 36 1.87 21.96 -10.99
C HIS A 36 2.56 23.12 -10.29
N HIS A 37 1.97 24.31 -10.40
CA HIS A 37 2.53 25.50 -9.76
C HIS A 37 1.63 25.99 -8.63
N HIS A 38 2.21 26.68 -7.67
CA HIS A 38 1.46 27.21 -6.53
C HIS A 38 2.16 28.42 -5.92
N HIS A 39 1.47 29.10 -5.02
CA HIS A 39 2.02 30.28 -4.36
C HIS A 39 2.07 30.08 -2.84
N HIS A 40 2.80 30.97 -2.17
CA HIS A 40 2.92 30.90 -0.71
C HIS A 40 3.49 29.55 -0.29
N MET B 1 -9.45 -26.75 15.88
CA MET B 1 -10.15 -26.63 17.16
C MET B 1 -10.77 -25.24 17.31
N GLY B 2 -11.05 -24.60 16.19
CA GLY B 2 -11.65 -23.28 16.21
C GLY B 2 -10.86 -22.28 15.38
N ARG B 3 -11.10 -22.28 14.07
CA ARG B 3 -10.42 -21.37 13.16
C ARG B 3 -11.25 -21.11 11.91
N THR B 4 -12.05 -20.05 11.95
CA THR B 4 -12.91 -19.69 10.83
C THR B 4 -12.71 -18.24 10.43
N HIS B 5 -12.80 -17.35 11.41
CA HIS B 5 -12.64 -15.91 11.16
C HIS B 5 -11.22 -15.61 10.68
N LEU B 6 -10.33 -16.59 10.80
CA LEU B 6 -8.95 -16.43 10.38
C LEU B 6 -8.85 -16.38 8.85
N THR B 7 -9.75 -17.09 8.19
CA THR B 7 -9.76 -17.13 6.72
C THR B 7 -9.97 -15.74 6.14
N MET B 8 -11.06 -15.10 6.55
CA MET B 8 -11.38 -13.76 6.07
C MET B 8 -10.32 -12.76 6.49
N ALA B 9 -9.95 -12.78 7.77
CA ALA B 9 -8.94 -11.88 8.29
C ALA B 9 -7.62 -12.05 7.56
N LEU B 10 -7.26 -13.30 7.28
CA LEU B 10 -6.01 -13.61 6.58
C LEU B 10 -6.01 -12.99 5.18
N THR B 11 -7.14 -13.11 4.49
CA THR B 11 -7.27 -12.55 3.14
C THR B 11 -7.06 -11.04 3.14
N VAL B 12 -7.68 -10.37 4.11
CA VAL B 12 -7.57 -8.92 4.23
C VAL B 12 -6.12 -8.50 4.42
N ILE B 13 -5.45 -9.12 5.39
CA ILE B 13 -4.06 -8.80 5.68
C ILE B 13 -3.17 -9.06 4.47
N ALA B 14 -3.32 -10.25 3.87
CA ALA B 14 -2.53 -10.61 2.70
C ALA B 14 -2.80 -9.67 1.54
N GLY B 15 -4.08 -9.35 1.33
CA GLY B 15 -4.45 -8.45 0.25
C GLY B 15 -3.72 -7.12 0.32
N LEU B 16 -3.77 -6.49 1.48
CA LEU B 16 -3.10 -5.20 1.67
C LEU B 16 -1.60 -5.31 1.41
N VAL B 17 -0.97 -6.29 2.05
CA VAL B 17 0.47 -6.53 1.89
C VAL B 17 0.83 -6.66 0.42
N VAL B 18 0.13 -7.55 -0.28
CA VAL B 18 0.39 -7.78 -1.70
C VAL B 18 0.30 -6.48 -2.49
N ILE B 19 -0.62 -5.61 -2.09
CA ILE B 19 -0.81 -4.33 -2.77
C ILE B 19 0.39 -3.42 -2.55
N PHE B 20 0.76 -3.23 -1.28
CA PHE B 20 1.90 -2.38 -0.94
C PHE B 20 3.17 -2.88 -1.61
N MET B 21 3.34 -4.20 -1.64
CA MET B 21 4.52 -4.80 -2.25
C MET B 21 4.46 -4.69 -3.77
N MET B 22 3.38 -5.19 -4.35
CA MET B 22 3.20 -5.13 -5.80
C MET B 22 3.29 -3.70 -6.32
N LEU B 23 2.49 -2.82 -5.72
CA LEU B 23 2.47 -1.42 -6.11
C LEU B 23 3.87 -0.82 -6.05
N GLY B 24 4.53 -1.00 -4.91
CA GLY B 24 5.87 -0.47 -4.74
C GLY B 24 6.86 -1.04 -5.75
N GLY B 25 6.88 -2.36 -5.86
CA GLY B 25 7.78 -3.02 -6.79
C GLY B 25 7.44 -2.71 -8.23
N THR B 26 6.16 -2.54 -8.51
CA THR B 26 5.70 -2.25 -9.87
C THR B 26 6.02 -0.81 -10.25
N PHE B 27 5.59 0.14 -9.42
CA PHE B 27 5.84 1.55 -9.68
C PHE B 27 7.32 1.82 -9.91
N LEU B 28 8.15 1.43 -8.94
CA LEU B 28 9.58 1.62 -9.05
C LEU B 28 10.14 0.94 -10.29
N TYR B 29 9.80 -0.32 -10.47
CA TYR B 29 10.27 -1.08 -11.62
C TYR B 29 9.89 -0.39 -12.93
N TRP B 30 8.65 0.07 -13.00
CA TRP B 30 8.16 0.76 -14.20
C TRP B 30 8.94 2.05 -14.43
N ARG B 31 9.02 2.88 -13.41
CA ARG B 31 9.74 4.15 -13.50
C ARG B 31 11.16 3.95 -14.03
N GLY B 32 11.73 2.79 -13.72
CA GLY B 32 13.08 2.49 -14.17
C GLY B 32 13.10 1.90 -15.56
N ARG B 33 12.38 0.79 -15.75
CA ARG B 33 12.32 0.14 -17.06
C ARG B 33 11.93 1.12 -18.15
N ARG B 34 11.17 2.15 -17.77
CA ARG B 34 10.72 3.16 -18.73
C ARG B 34 11.92 3.81 -19.42
N HIS B 35 12.91 4.23 -18.63
CA HIS B 35 14.09 4.87 -19.17
C HIS B 35 13.78 6.26 -19.70
N HIS B 36 13.01 6.33 -20.78
CA HIS B 36 12.64 7.60 -21.38
C HIS B 36 13.87 8.42 -21.74
N HIS B 37 14.34 8.27 -22.97
CA HIS B 37 15.52 8.99 -23.44
C HIS B 37 15.36 10.49 -23.21
N HIS B 38 16.48 11.17 -22.98
CA HIS B 38 16.46 12.62 -22.76
C HIS B 38 17.21 13.36 -23.86
N HIS B 39 18.26 12.72 -24.38
CA HIS B 39 19.07 13.32 -25.44
C HIS B 39 18.19 13.73 -26.62
N HIS B 40 17.16 12.93 -26.89
CA HIS B 40 16.25 13.21 -27.99
C HIS B 40 14.85 12.70 -27.69
N MET A 1 -8.91 -17.63 19.00
CA MET A 1 -9.83 -16.92 19.89
C MET A 1 -9.06 -16.00 20.82
N GLY A 2 -9.77 -15.02 21.39
CA GLY A 2 -9.14 -14.08 22.31
C GLY A 2 -9.53 -12.64 22.01
N ARG A 3 -9.68 -11.84 23.06
CA ARG A 3 -10.06 -10.45 22.93
C ARG A 3 -8.84 -9.54 23.09
N THR A 4 -7.65 -10.13 23.03
CA THR A 4 -6.41 -9.37 23.18
C THR A 4 -5.60 -9.40 21.88
N HIS A 5 -5.65 -10.53 21.19
CA HIS A 5 -4.92 -10.67 19.94
C HIS A 5 -5.47 -9.72 18.87
N LEU A 6 -6.62 -9.13 19.16
CA LEU A 6 -7.25 -8.20 18.23
C LEU A 6 -6.47 -6.90 18.15
N THR A 7 -5.85 -6.51 19.26
CA THR A 7 -5.07 -5.28 19.32
C THR A 7 -3.91 -5.33 18.33
N MET A 8 -3.10 -6.37 18.41
CA MET A 8 -1.97 -6.52 17.51
C MET A 8 -2.42 -6.68 16.06
N ALA A 9 -3.38 -7.58 15.85
CA ALA A 9 -3.92 -7.82 14.51
C ALA A 9 -4.50 -6.54 13.91
N LEU A 10 -5.21 -5.77 14.73
CA LEU A 10 -5.80 -4.53 14.27
C LEU A 10 -4.74 -3.55 13.79
N THR A 11 -3.66 -3.45 14.55
CA THR A 11 -2.56 -2.55 14.20
C THR A 11 -1.96 -2.91 12.85
N VAL A 12 -1.74 -4.20 12.64
CA VAL A 12 -1.17 -4.69 11.39
C VAL A 12 -2.04 -4.32 10.20
N ILE A 13 -3.33 -4.62 10.31
CA ILE A 13 -4.28 -4.31 9.24
C ILE A 13 -4.31 -2.81 8.94
N ALA A 14 -4.45 -2.01 9.99
CA ALA A 14 -4.48 -0.56 9.85
C ALA A 14 -3.18 -0.04 9.23
N GLY A 15 -2.07 -0.56 9.72
CA GLY A 15 -0.77 -0.14 9.22
C GLY A 15 -0.66 -0.27 7.70
N LEU A 16 -0.98 -1.46 7.20
CA LEU A 16 -0.93 -1.72 5.77
C LEU A 16 -1.84 -0.77 5.00
N VAL A 17 -3.10 -0.69 5.43
CA VAL A 17 -4.07 0.18 4.78
C VAL A 17 -3.55 1.61 4.69
N VAL A 18 -3.10 2.15 5.81
CA VAL A 18 -2.57 3.51 5.85
C VAL A 18 -1.43 3.69 4.85
N ILE A 19 -0.63 2.65 4.70
CA ILE A 19 0.50 2.69 3.76
C ILE A 19 0.01 2.77 2.33
N PHE A 20 -0.87 1.85 1.95
CA PHE A 20 -1.40 1.81 0.59
C PHE A 20 -2.12 3.11 0.25
N MET A 21 -2.86 3.64 1.23
CA MET A 21 -3.58 4.90 1.03
C MET A 21 -2.63 6.08 0.97
N MET A 22 -1.81 6.22 2.01
CA MET A 22 -0.85 7.31 2.08
C MET A 22 0.08 7.30 0.86
N LEU A 23 0.70 6.15 0.62
CA LEU A 23 1.62 6.01 -0.51
C LEU A 23 0.93 6.39 -1.82
N GLY A 24 -0.25 5.83 -2.05
CA GLY A 24 -1.00 6.13 -3.26
C GLY A 24 -1.34 7.60 -3.38
N GLY A 25 -1.94 8.16 -2.34
CA GLY A 25 -2.31 9.56 -2.36
C GLY A 25 -1.10 10.47 -2.39
N THR A 26 -0.02 10.05 -1.76
CA THR A 26 1.21 10.84 -1.72
C THR A 26 1.91 10.82 -3.06
N PHE A 27 2.15 9.63 -3.60
CA PHE A 27 2.83 9.48 -4.88
C PHE A 27 2.10 10.27 -5.97
N LEU A 28 0.81 10.00 -6.12
CA LEU A 28 0.00 10.69 -7.12
C LEU A 28 0.04 12.19 -6.92
N TYR A 29 -0.18 12.61 -5.67
CA TYR A 29 -0.18 14.04 -5.34
C TYR A 29 1.17 14.67 -5.65
N TRP A 30 2.24 13.96 -5.29
CA TRP A 30 3.59 14.46 -5.54
C TRP A 30 3.84 14.66 -7.03
N ARG A 31 3.56 13.62 -7.82
CA ARG A 31 3.75 13.69 -9.26
C ARG A 31 3.04 14.90 -9.86
N GLY A 32 1.85 15.18 -9.34
CA GLY A 32 1.07 16.30 -9.82
C GLY A 32 1.57 17.63 -9.27
N ARG A 33 2.04 17.62 -8.04
CA ARG A 33 2.55 18.83 -7.40
C ARG A 33 3.72 19.40 -8.18
N ARG A 34 4.59 18.53 -8.67
CA ARG A 34 5.76 18.94 -9.43
C ARG A 34 5.61 18.58 -10.91
N HIS A 35 4.37 18.36 -11.32
CA HIS A 35 4.08 18.01 -12.71
C HIS A 35 4.45 19.14 -13.65
N HIS A 36 4.12 20.37 -13.25
CA HIS A 36 4.42 21.54 -14.06
C HIS A 36 5.70 22.22 -13.58
N HIS A 37 5.88 22.29 -12.27
CA HIS A 37 7.06 22.91 -11.68
C HIS A 37 8.32 22.14 -12.06
N HIS A 38 9.48 22.74 -11.80
CA HIS A 38 10.76 22.10 -12.10
C HIS A 38 11.56 21.84 -10.83
N HIS A 39 11.71 20.56 -10.49
CA HIS A 39 12.44 20.17 -9.30
C HIS A 39 13.92 19.97 -9.61
N HIS A 40 14.77 20.82 -9.04
CA HIS A 40 16.21 20.74 -9.26
C HIS A 40 16.85 19.75 -8.30
N MET B 1 -11.20 -27.17 17.03
CA MET B 1 -11.88 -26.29 17.97
C MET B 1 -12.78 -25.30 17.23
N GLY B 2 -12.19 -24.56 16.29
CA GLY B 2 -12.94 -23.59 15.52
C GLY B 2 -12.15 -23.01 14.37
N ARG B 3 -11.54 -21.85 14.59
CA ARG B 3 -10.74 -21.20 13.55
C ARG B 3 -11.57 -21.00 12.29
N THR B 4 -12.21 -19.84 12.18
CA THR B 4 -13.03 -19.53 11.02
C THR B 4 -12.83 -18.08 10.57
N HIS B 5 -12.93 -17.16 11.52
CA HIS B 5 -12.76 -15.74 11.24
C HIS B 5 -11.33 -15.45 10.77
N LEU B 6 -10.45 -16.43 10.93
CA LEU B 6 -9.06 -16.29 10.54
C LEU B 6 -8.93 -16.27 9.01
N THR B 7 -9.81 -17.01 8.35
CA THR B 7 -9.79 -17.09 6.89
C THR B 7 -9.99 -15.71 6.27
N MET B 8 -11.09 -15.05 6.63
CA MET B 8 -11.40 -13.73 6.10
C MET B 8 -10.33 -12.72 6.52
N ALA B 9 -10.00 -12.72 7.80
CA ALA B 9 -8.99 -11.80 8.33
C ALA B 9 -7.65 -11.99 7.62
N LEU B 10 -7.29 -13.25 7.39
CA LEU B 10 -6.04 -13.57 6.72
C LEU B 10 -6.00 -12.99 5.31
N THR B 11 -7.12 -13.13 4.59
CA THR B 11 -7.22 -12.61 3.24
C THR B 11 -7.00 -11.10 3.20
N VAL B 12 -7.65 -10.40 4.13
CA VAL B 12 -7.53 -8.94 4.21
C VAL B 12 -6.08 -8.53 4.41
N ILE B 13 -5.43 -9.13 5.40
CA ILE B 13 -4.04 -8.81 5.70
C ILE B 13 -3.14 -9.06 4.48
N ALA B 14 -3.27 -10.25 3.91
CA ALA B 14 -2.47 -10.62 2.74
C ALA B 14 -2.75 -9.67 1.57
N GLY B 15 -4.03 -9.36 1.35
CA GLY B 15 -4.40 -8.47 0.27
C GLY B 15 -3.67 -7.14 0.33
N LEU B 16 -3.72 -6.49 1.48
CA LEU B 16 -3.06 -5.20 1.68
C LEU B 16 -1.56 -5.32 1.42
N VAL B 17 -0.93 -6.30 2.09
CA VAL B 17 0.50 -6.51 1.94
C VAL B 17 0.89 -6.67 0.47
N VAL B 18 0.19 -7.55 -0.23
CA VAL B 18 0.46 -7.78 -1.65
C VAL B 18 0.37 -6.49 -2.44
N ILE B 19 -0.57 -5.63 -2.06
CA ILE B 19 -0.76 -4.36 -2.73
C ILE B 19 0.44 -3.43 -2.51
N PHE B 20 0.79 -3.23 -1.25
CA PHE B 20 1.92 -2.37 -0.91
C PHE B 20 3.21 -2.87 -1.57
N MET B 21 3.38 -4.19 -1.58
CA MET B 21 4.57 -4.78 -2.18
C MET B 21 4.53 -4.68 -3.71
N MET B 22 3.44 -5.18 -4.29
CA MET B 22 3.28 -5.15 -5.75
C MET B 22 3.36 -3.72 -6.26
N LEU B 23 2.54 -2.84 -5.68
CA LEU B 23 2.51 -1.44 -6.09
C LEU B 23 3.90 -0.82 -6.01
N GLY B 24 4.57 -1.01 -4.88
CA GLY B 24 5.91 -0.47 -4.71
C GLY B 24 6.89 -1.02 -5.71
N GLY B 25 6.95 -2.34 -5.82
CA GLY B 25 7.86 -2.98 -6.75
C GLY B 25 7.51 -2.69 -8.20
N THR B 26 6.22 -2.53 -8.47
CA THR B 26 5.75 -2.25 -9.82
C THR B 26 6.06 -0.81 -10.23
N PHE B 27 5.64 0.13 -9.39
CA PHE B 27 5.87 1.55 -9.66
C PHE B 27 7.36 1.82 -9.88
N LEU B 28 8.18 1.45 -8.91
CA LEU B 28 9.62 1.65 -9.00
C LEU B 28 10.19 0.98 -10.25
N TYR B 29 9.80 -0.27 -10.47
CA TYR B 29 10.27 -1.02 -11.63
C TYR B 29 9.86 -0.33 -12.93
N TRP B 30 8.61 0.13 -12.97
CA TRP B 30 8.09 0.81 -14.16
C TRP B 30 8.90 2.07 -14.45
N ARG B 31 9.02 2.93 -13.45
CA ARG B 31 9.76 4.17 -13.60
C ARG B 31 11.15 3.92 -14.16
N GLY B 32 11.77 2.84 -13.72
CA GLY B 32 13.10 2.49 -14.19
C GLY B 32 13.11 2.02 -15.63
N ARG B 33 12.35 0.97 -15.91
CA ARG B 33 12.27 0.42 -17.25
C ARG B 33 11.85 1.48 -18.25
N ARG B 34 11.05 2.44 -17.79
CA ARG B 34 10.57 3.52 -18.65
C ARG B 34 11.46 4.75 -18.50
N HIS B 35 12.72 4.54 -18.14
CA HIS B 35 13.66 5.64 -17.98
C HIS B 35 13.68 6.53 -19.21
N HIS B 36 13.40 5.94 -20.37
CA HIS B 36 13.38 6.69 -21.62
C HIS B 36 11.95 6.95 -22.08
N HIS B 37 11.31 7.94 -21.47
CA HIS B 37 9.94 8.29 -21.82
C HIS B 37 9.89 9.61 -22.58
N HIS B 38 10.63 10.60 -22.08
CA HIS B 38 10.67 11.92 -22.71
C HIS B 38 12.07 12.51 -22.65
N HIS B 39 12.47 12.96 -21.47
CA HIS B 39 13.79 13.56 -21.28
C HIS B 39 14.24 13.40 -19.83
N HIS B 40 15.51 13.03 -19.65
CA HIS B 40 16.07 12.85 -18.32
C HIS B 40 17.49 13.40 -18.25
N MET A 1 -11.22 -15.25 25.75
CA MET A 1 -9.88 -15.66 25.34
C MET A 1 -8.84 -14.63 25.77
N GLY A 2 -9.23 -13.36 25.76
CA GLY A 2 -8.32 -12.30 26.15
C GLY A 2 -8.64 -10.98 25.46
N ARG A 3 -8.90 -11.04 24.16
CA ARG A 3 -9.22 -9.84 23.39
C ARG A 3 -8.05 -8.86 23.39
N THR A 4 -6.88 -9.35 23.79
CA THR A 4 -5.68 -8.52 23.85
C THR A 4 -4.89 -8.62 22.55
N HIS A 5 -4.91 -9.79 21.93
CA HIS A 5 -4.21 -10.00 20.67
C HIS A 5 -4.78 -9.13 19.56
N LEU A 6 -5.95 -8.56 19.82
CA LEU A 6 -6.61 -7.70 18.84
C LEU A 6 -5.87 -6.38 18.68
N THR A 7 -5.26 -5.92 19.76
CA THR A 7 -4.50 -4.66 19.75
C THR A 7 -3.36 -4.73 18.75
N MET A 8 -2.50 -5.75 18.88
CA MET A 8 -1.38 -5.93 17.98
C MET A 8 -1.84 -6.18 16.56
N ALA A 9 -2.78 -7.11 16.40
CA ALA A 9 -3.30 -7.44 15.09
C ALA A 9 -3.92 -6.23 14.42
N LEU A 10 -4.63 -5.43 15.19
CA LEU A 10 -5.28 -4.22 14.67
C LEU A 10 -4.25 -3.24 14.13
N THR A 11 -3.16 -3.06 14.89
CA THR A 11 -2.10 -2.15 14.48
C THR A 11 -1.49 -2.58 13.15
N VAL A 12 -1.24 -3.88 13.00
CA VAL A 12 -0.66 -4.41 11.78
C VAL A 12 -1.56 -4.14 10.58
N ILE A 13 -2.83 -4.52 10.71
CA ILE A 13 -3.80 -4.31 9.63
C ILE A 13 -3.92 -2.84 9.27
N ALA A 14 -4.04 -2.00 10.30
CA ALA A 14 -4.17 -0.57 10.09
C ALA A 14 -2.91 0.01 9.43
N GLY A 15 -1.75 -0.48 9.85
CA GLY A 15 -0.50 -0.01 9.30
C GLY A 15 -0.41 -0.23 7.80
N LEU A 16 -0.68 -1.46 7.37
CA LEU A 16 -0.62 -1.80 5.96
C LEU A 16 -1.60 -0.95 5.15
N VAL A 17 -2.82 -0.82 5.66
CA VAL A 17 -3.85 -0.03 5.00
C VAL A 17 -3.39 1.42 4.81
N VAL A 18 -2.99 2.04 5.92
CA VAL A 18 -2.53 3.43 5.88
C VAL A 18 -1.41 3.61 4.87
N ILE A 19 -0.59 2.58 4.70
CA ILE A 19 0.53 2.62 3.76
C ILE A 19 0.03 2.70 2.32
N PHE A 20 -0.85 1.78 1.96
CA PHE A 20 -1.41 1.74 0.60
C PHE A 20 -2.13 3.05 0.29
N MET A 21 -2.87 3.57 1.26
CA MET A 21 -3.61 4.81 1.08
C MET A 21 -2.66 6.01 1.01
N MET A 22 -1.83 6.15 2.04
CA MET A 22 -0.87 7.25 2.10
C MET A 22 0.04 7.24 0.88
N LEU A 23 0.68 6.10 0.63
CA LEU A 23 1.58 5.97 -0.51
C LEU A 23 0.88 6.33 -1.81
N GLY A 24 -0.31 5.78 -2.01
CA GLY A 24 -1.07 6.06 -3.22
C GLY A 24 -1.41 7.54 -3.34
N GLY A 25 -2.03 8.09 -2.31
CA GLY A 25 -2.41 9.49 -2.33
C GLY A 25 -1.21 10.41 -2.36
N THR A 26 -0.11 9.98 -1.74
CA THR A 26 1.11 10.78 -1.71
C THR A 26 1.82 10.78 -3.05
N PHE A 27 2.08 9.59 -3.58
CA PHE A 27 2.76 9.45 -4.86
C PHE A 27 2.00 10.21 -5.95
N LEU A 28 0.72 9.90 -6.10
CA LEU A 28 -0.11 10.56 -7.10
C LEU A 28 -0.11 12.07 -6.92
N TYR A 29 -0.34 12.52 -5.68
CA TYR A 29 -0.35 13.95 -5.38
C TYR A 29 0.98 14.59 -5.73
N TRP A 30 2.07 13.96 -5.29
CA TRP A 30 3.41 14.47 -5.55
C TRP A 30 3.64 14.64 -7.05
N ARG A 31 3.39 13.57 -7.80
CA ARG A 31 3.57 13.59 -9.25
C ARG A 31 2.83 14.78 -9.88
N GLY A 32 1.54 14.88 -9.58
CA GLY A 32 0.73 15.96 -10.12
C GLY A 32 1.17 17.31 -9.60
N ARG A 33 1.76 17.33 -8.41
CA ARG A 33 2.21 18.58 -7.80
C ARG A 33 3.35 19.19 -8.60
N ARG A 34 4.46 18.46 -8.71
CA ARG A 34 5.62 18.93 -9.46
C ARG A 34 5.24 19.31 -10.88
N HIS A 35 4.28 18.57 -11.45
CA HIS A 35 3.82 18.84 -12.80
C HIS A 35 3.33 20.28 -12.94
N HIS A 36 2.86 20.84 -11.83
CA HIS A 36 2.36 22.22 -11.83
C HIS A 36 3.26 23.12 -10.99
N HIS A 37 3.64 24.26 -11.56
CA HIS A 37 4.51 25.21 -10.87
C HIS A 37 3.73 25.96 -9.79
N HIS A 38 2.81 26.81 -10.21
CA HIS A 38 1.99 27.59 -9.28
C HIS A 38 1.18 26.67 -8.36
N HIS A 39 1.28 26.92 -7.06
CA HIS A 39 0.56 26.10 -6.08
C HIS A 39 -0.72 26.80 -5.64
N HIS A 40 -1.68 26.01 -5.17
CA HIS A 40 -2.96 26.55 -4.71
C HIS A 40 -2.79 27.32 -3.40
N MET B 1 -12.26 -28.49 16.37
CA MET B 1 -11.51 -27.51 15.59
C MET B 1 -12.44 -26.68 14.72
N GLY B 2 -12.34 -25.36 14.83
CA GLY B 2 -13.17 -24.48 14.04
C GLY B 2 -12.38 -23.69 13.00
N ARG B 3 -11.95 -22.49 13.39
CA ARG B 3 -11.18 -21.64 12.49
C ARG B 3 -11.93 -21.42 11.18
N THR B 4 -12.71 -20.34 11.14
CA THR B 4 -13.49 -20.01 9.94
C THR B 4 -13.30 -18.54 9.56
N HIS B 5 -13.48 -17.66 10.53
CA HIS B 5 -13.34 -16.22 10.29
C HIS B 5 -11.89 -15.89 9.90
N LEU B 6 -10.99 -16.84 10.09
CA LEU B 6 -9.60 -16.65 9.76
C LEU B 6 -9.39 -16.59 8.25
N THR B 7 -10.21 -17.33 7.51
CA THR B 7 -10.13 -17.37 6.06
C THR B 7 -10.34 -15.98 5.46
N MET B 8 -11.47 -15.37 5.79
CA MET B 8 -11.79 -14.04 5.29
C MET B 8 -10.77 -13.01 5.77
N ALA B 9 -10.50 -13.03 7.08
CA ALA B 9 -9.54 -12.10 7.68
C ALA B 9 -8.17 -12.24 7.03
N LEU B 10 -7.77 -13.48 6.78
CA LEU B 10 -6.47 -13.75 6.16
C LEU B 10 -6.38 -13.13 4.77
N THR B 11 -7.46 -13.28 4.00
CA THR B 11 -7.51 -12.74 2.65
C THR B 11 -7.34 -11.23 2.65
N VAL B 12 -8.04 -10.57 3.59
CA VAL B 12 -7.96 -9.12 3.70
C VAL B 12 -6.54 -8.66 4.01
N ILE B 13 -5.95 -9.24 5.04
CA ILE B 13 -4.59 -8.90 5.43
C ILE B 13 -3.60 -9.15 4.30
N ALA B 14 -3.72 -10.31 3.67
CA ALA B 14 -2.84 -10.67 2.56
C ALA B 14 -3.03 -9.73 1.38
N GLY B 15 -4.28 -9.36 1.11
CA GLY B 15 -4.58 -8.47 0.01
C GLY B 15 -3.88 -7.14 0.14
N LEU B 16 -4.04 -6.50 1.29
CA LEU B 16 -3.42 -5.20 1.55
C LEU B 16 -1.90 -5.28 1.42
N VAL B 17 -1.33 -6.33 2.02
CA VAL B 17 0.12 -6.53 1.97
C VAL B 17 0.61 -6.65 0.52
N VAL B 18 0.00 -7.56 -0.22
CA VAL B 18 0.37 -7.78 -1.62
C VAL B 18 0.29 -6.48 -2.41
N ILE B 19 -0.64 -5.62 -2.03
CA ILE B 19 -0.82 -4.33 -2.72
C ILE B 19 0.39 -3.43 -2.49
N PHE B 20 0.74 -3.23 -1.22
CA PHE B 20 1.87 -2.39 -0.87
C PHE B 20 3.16 -2.89 -1.51
N MET B 21 3.33 -4.21 -1.52
CA MET B 21 4.52 -4.82 -2.11
C MET B 21 4.48 -4.71 -3.64
N MET B 22 3.40 -5.21 -4.23
CA MET B 22 3.25 -5.18 -5.68
C MET B 22 3.34 -3.75 -6.20
N LEU B 23 2.52 -2.86 -5.64
CA LEU B 23 2.51 -1.46 -6.05
C LEU B 23 3.91 -0.85 -5.96
N GLY B 24 4.56 -1.07 -4.81
CA GLY B 24 5.90 -0.53 -4.61
C GLY B 24 6.89 -1.08 -5.62
N GLY B 25 6.96 -2.41 -5.72
CA GLY B 25 7.88 -3.04 -6.65
C GLY B 25 7.53 -2.75 -8.10
N THR B 26 6.24 -2.60 -8.38
CA THR B 26 5.77 -2.31 -9.72
C THR B 26 6.09 -0.88 -10.13
N PHE B 27 5.66 0.07 -9.31
CA PHE B 27 5.89 1.49 -9.58
C PHE B 27 7.38 1.76 -9.77
N LEU B 28 8.18 1.39 -8.78
CA LEU B 28 9.62 1.60 -8.83
C LEU B 28 10.21 0.95 -10.08
N TYR B 29 9.86 -0.32 -10.30
CA TYR B 29 10.36 -1.06 -11.45
C TYR B 29 9.99 -0.35 -12.75
N TRP B 30 8.72 0.02 -12.88
CA TRP B 30 8.23 0.70 -14.07
C TRP B 30 9.02 1.97 -14.33
N ARG B 31 9.11 2.82 -13.31
CA ARG B 31 9.83 4.08 -13.42
C ARG B 31 11.26 3.86 -13.93
N GLY B 32 11.98 2.98 -13.23
CA GLY B 32 13.35 2.68 -13.63
C GLY B 32 13.44 2.05 -15.00
N ARG B 33 12.41 1.28 -15.36
CA ARG B 33 12.39 0.61 -16.66
C ARG B 33 12.39 1.62 -17.79
N ARG B 34 11.38 2.48 -17.84
CA ARG B 34 11.27 3.49 -18.87
C ARG B 34 11.27 4.89 -18.26
N HIS B 35 12.42 5.30 -17.72
CA HIS B 35 12.56 6.60 -17.11
C HIS B 35 12.83 7.67 -18.16
N HIS B 36 11.96 7.77 -19.16
CA HIS B 36 12.11 8.74 -20.23
C HIS B 36 10.76 9.21 -20.74
N HIS B 37 9.77 9.26 -19.85
CA HIS B 37 8.43 9.68 -20.21
C HIS B 37 7.86 10.64 -19.15
N HIS B 38 7.53 10.10 -17.99
CA HIS B 38 6.98 10.91 -16.91
C HIS B 38 5.73 11.64 -17.36
N HIS B 39 5.04 11.07 -18.35
CA HIS B 39 3.82 11.67 -18.87
C HIS B 39 2.91 10.61 -19.48
N HIS B 40 1.65 10.97 -19.70
CA HIS B 40 0.68 10.04 -20.29
C HIS B 40 0.61 10.21 -21.80
N MET A 1 -4.91 -13.94 23.74
CA MET A 1 -5.41 -15.08 24.49
C MET A 1 -6.85 -14.84 24.95
N GLY A 2 -7.50 -13.85 24.34
CA GLY A 2 -8.87 -13.53 24.70
C GLY A 2 -9.20 -12.08 24.48
N ARG A 3 -9.64 -11.75 23.27
CA ARG A 3 -10.00 -10.37 22.94
C ARG A 3 -8.78 -9.45 23.05
N THR A 4 -7.60 -10.05 23.12
CA THR A 4 -6.36 -9.29 23.22
C THR A 4 -5.57 -9.34 21.92
N HIS A 5 -5.64 -10.47 21.24
CA HIS A 5 -4.93 -10.64 19.97
C HIS A 5 -5.46 -9.69 18.91
N LEU A 6 -6.62 -9.08 19.20
CA LEU A 6 -7.24 -8.14 18.28
C LEU A 6 -6.43 -6.85 18.19
N THR A 7 -5.80 -6.47 19.29
CA THR A 7 -4.99 -5.25 19.34
C THR A 7 -3.85 -5.31 18.33
N MET A 8 -3.06 -6.38 18.41
CA MET A 8 -1.92 -6.55 17.51
C MET A 8 -2.40 -6.71 16.07
N ALA A 9 -3.37 -7.58 15.86
CA ALA A 9 -3.92 -7.82 14.53
C ALA A 9 -4.48 -6.54 13.93
N LEU A 10 -5.17 -5.75 14.75
CA LEU A 10 -5.75 -4.50 14.30
C LEU A 10 -4.67 -3.53 13.81
N THR A 11 -3.57 -3.45 14.55
CA THR A 11 -2.47 -2.57 14.19
C THR A 11 -1.88 -2.95 12.84
N VAL A 12 -1.68 -4.26 12.63
CA VAL A 12 -1.13 -4.74 11.38
C VAL A 12 -2.01 -4.35 10.20
N ILE A 13 -3.30 -4.64 10.32
CA ILE A 13 -4.25 -4.32 9.26
C ILE A 13 -4.27 -2.83 8.97
N ALA A 14 -4.41 -2.02 10.02
CA ALA A 14 -4.43 -0.57 9.87
C ALA A 14 -3.13 -0.06 9.27
N GLY A 15 -2.01 -0.59 9.74
CA GLY A 15 -0.72 -0.18 9.23
C GLY A 15 -0.61 -0.31 7.72
N LEU A 16 -0.96 -1.49 7.21
CA LEU A 16 -0.90 -1.74 5.78
C LEU A 16 -1.82 -0.79 5.01
N VAL A 17 -3.06 -0.70 5.45
CA VAL A 17 -4.03 0.18 4.82
C VAL A 17 -3.50 1.61 4.72
N VAL A 18 -3.05 2.14 5.84
CA VAL A 18 -2.52 3.50 5.90
C VAL A 18 -1.39 3.67 4.88
N ILE A 19 -0.58 2.63 4.73
CA ILE A 19 0.54 2.66 3.78
C ILE A 19 0.05 2.75 2.35
N PHE A 20 -0.84 1.84 1.97
CA PHE A 20 -1.38 1.81 0.62
C PHE A 20 -2.09 3.13 0.29
N MET A 21 -2.82 3.66 1.27
CA MET A 21 -3.54 4.92 1.08
C MET A 21 -2.57 6.10 1.02
N MET A 22 -1.74 6.23 2.06
CA MET A 22 -0.77 7.31 2.12
C MET A 22 0.15 7.29 0.90
N LEU A 23 0.76 6.14 0.65
CA LEU A 23 1.67 5.99 -0.48
C LEU A 23 0.97 6.39 -1.78
N GLY A 24 -0.21 5.83 -2.02
CA GLY A 24 -0.95 6.14 -3.22
C GLY A 24 -1.29 7.61 -3.33
N GLY A 25 -1.89 8.17 -2.28
CA GLY A 25 -2.25 9.58 -2.29
C GLY A 25 -1.04 10.49 -2.32
N THR A 26 0.05 10.05 -1.70
CA THR A 26 1.27 10.84 -1.66
C THR A 26 1.97 10.83 -3.02
N PHE A 27 2.18 9.64 -3.56
CA PHE A 27 2.84 9.49 -4.86
C PHE A 27 2.10 10.28 -5.93
N LEU A 28 0.81 10.01 -6.07
CA LEU A 28 -0.01 10.68 -7.06
C LEU A 28 0.02 12.20 -6.86
N TYR A 29 -0.16 12.62 -5.61
CA TYR A 29 -0.16 14.04 -5.27
C TYR A 29 1.18 14.68 -5.63
N TRP A 30 2.27 14.04 -5.20
CA TRP A 30 3.61 14.53 -5.48
C TRP A 30 3.83 14.71 -6.98
N ARG A 31 3.56 13.66 -7.74
CA ARG A 31 3.73 13.69 -9.18
C ARG A 31 3.01 14.91 -9.78
N GLY A 32 1.72 15.03 -9.48
CA GLY A 32 0.94 16.13 -10.00
C GLY A 32 1.48 17.48 -9.55
N ARG A 33 1.88 17.56 -8.29
CA ARG A 33 2.41 18.81 -7.74
C ARG A 33 3.56 19.33 -8.60
N ARG A 34 4.56 18.49 -8.83
CA ARG A 34 5.72 18.87 -9.62
C ARG A 34 5.32 19.10 -11.08
N HIS A 35 4.27 18.40 -11.52
CA HIS A 35 3.80 18.52 -12.89
C HIS A 35 3.15 19.89 -13.12
N HIS A 36 2.62 20.48 -12.04
CA HIS A 36 1.99 21.79 -12.13
C HIS A 36 3.02 22.90 -12.03
N HIS A 37 3.84 22.86 -10.99
CA HIS A 37 4.87 23.88 -10.80
C HIS A 37 6.21 23.43 -11.38
N HIS A 38 6.77 24.24 -12.26
CA HIS A 38 8.03 23.92 -12.90
C HIS A 38 9.17 23.90 -11.87
N HIS A 39 9.95 22.83 -11.88
CA HIS A 39 11.06 22.69 -10.96
C HIS A 39 12.35 23.25 -11.57
N HIS A 40 13.42 23.25 -10.77
CA HIS A 40 14.70 23.76 -11.23
C HIS A 40 15.61 22.63 -11.69
N MET B 1 -15.18 -26.39 12.82
CA MET B 1 -15.04 -26.73 14.23
C MET B 1 -13.85 -26.01 14.85
N GLY B 2 -13.71 -24.72 14.54
CA GLY B 2 -12.60 -23.94 15.08
C GLY B 2 -11.86 -23.19 14.00
N ARG B 3 -11.34 -22.01 14.35
CA ARG B 3 -10.60 -21.19 13.40
C ARG B 3 -11.41 -20.96 12.13
N THR B 4 -12.21 -19.90 12.12
CA THR B 4 -13.03 -19.58 10.96
C THR B 4 -12.83 -18.13 10.53
N HIS B 5 -12.93 -17.21 11.49
CA HIS B 5 -12.75 -15.79 11.21
C HIS B 5 -11.33 -15.50 10.73
N LEU B 6 -10.45 -16.48 10.88
CA LEU B 6 -9.06 -16.33 10.46
C LEU B 6 -8.95 -16.31 8.95
N THR B 7 -9.84 -17.03 8.27
CA THR B 7 -9.84 -17.08 6.82
C THR B 7 -10.04 -15.70 6.21
N MET B 8 -11.14 -15.04 6.60
CA MET B 8 -11.44 -13.71 6.09
C MET B 8 -10.36 -12.72 6.51
N ALA B 9 -10.02 -12.73 7.79
CA ALA B 9 -9.00 -11.82 8.32
C ALA B 9 -7.67 -12.02 7.59
N LEU B 10 -7.31 -13.27 7.33
CA LEU B 10 -6.07 -13.59 6.65
C LEU B 10 -6.05 -12.98 5.25
N THR B 11 -7.17 -13.10 4.54
CA THR B 11 -7.29 -12.57 3.19
C THR B 11 -7.07 -11.06 3.18
N VAL B 12 -7.70 -10.37 4.12
CA VAL B 12 -7.58 -8.92 4.22
C VAL B 12 -6.12 -8.50 4.42
N ILE B 13 -5.46 -9.12 5.39
CA ILE B 13 -4.07 -8.82 5.68
C ILE B 13 -3.19 -9.07 4.47
N ALA B 14 -3.32 -10.25 3.87
CA ALA B 14 -2.54 -10.62 2.70
C ALA B 14 -2.81 -9.66 1.55
N GLY B 15 -4.09 -9.34 1.34
CA GLY B 15 -4.46 -8.44 0.26
C GLY B 15 -3.72 -7.13 0.33
N LEU B 16 -3.76 -6.48 1.49
CA LEU B 16 -3.09 -5.20 1.67
C LEU B 16 -1.60 -5.33 1.42
N VAL B 17 -0.97 -6.30 2.06
CA VAL B 17 0.47 -6.53 1.91
C VAL B 17 0.84 -6.67 0.43
N VAL B 18 0.14 -7.55 -0.27
CA VAL B 18 0.40 -7.78 -1.68
C VAL B 18 0.30 -6.48 -2.47
N ILE B 19 -0.62 -5.62 -2.07
CA ILE B 19 -0.81 -4.34 -2.75
C ILE B 19 0.39 -3.42 -2.53
N PHE B 20 0.77 -3.24 -1.27
CA PHE B 20 1.90 -2.38 -0.92
C PHE B 20 3.17 -2.88 -1.60
N MET B 21 3.34 -4.20 -1.63
CA MET B 21 4.52 -4.80 -2.24
C MET B 21 4.47 -4.69 -3.76
N MET B 22 3.38 -5.18 -4.34
CA MET B 22 3.20 -5.14 -5.79
C MET B 22 3.28 -3.70 -6.30
N LEU B 23 2.48 -2.82 -5.72
CA LEU B 23 2.46 -1.41 -6.11
C LEU B 23 3.85 -0.82 -6.04
N GLY B 24 4.53 -1.00 -4.91
CA GLY B 24 5.87 -0.47 -4.74
C GLY B 24 6.84 -1.04 -5.75
N GLY B 25 6.89 -2.37 -5.85
CA GLY B 25 7.79 -3.00 -6.79
C GLY B 25 7.44 -2.71 -8.24
N THR B 26 6.14 -2.54 -8.50
CA THR B 26 5.68 -2.25 -9.86
C THR B 26 6.00 -0.81 -10.25
N PHE B 27 5.61 0.13 -9.40
CA PHE B 27 5.86 1.54 -9.66
C PHE B 27 7.34 1.81 -9.88
N LEU B 28 8.15 1.41 -8.90
CA LEU B 28 9.60 1.61 -8.99
C LEU B 28 10.16 0.95 -10.23
N TYR B 29 9.76 -0.30 -10.47
CA TYR B 29 10.23 -1.04 -11.63
C TYR B 29 9.85 -0.33 -12.93
N TRP B 30 8.58 0.06 -13.04
CA TRP B 30 8.09 0.75 -14.23
C TRP B 30 8.90 2.02 -14.49
N ARG B 31 9.01 2.87 -13.46
CA ARG B 31 9.75 4.11 -13.58
C ARG B 31 11.16 3.86 -14.11
N GLY B 32 11.89 2.97 -13.45
CA GLY B 32 13.23 2.66 -13.87
C GLY B 32 13.29 2.07 -15.27
N ARG B 33 12.37 1.16 -15.56
CA ARG B 33 12.32 0.53 -16.87
C ARG B 33 12.30 1.57 -17.98
N ARG B 34 11.26 2.39 -18.00
CA ARG B 34 11.13 3.43 -19.02
C ARG B 34 11.08 4.81 -18.37
N HIS B 35 12.21 5.24 -17.82
CA HIS B 35 12.30 6.54 -17.17
C HIS B 35 12.41 7.65 -18.21
N HIS B 36 11.40 7.76 -19.07
CA HIS B 36 11.39 8.78 -20.10
C HIS B 36 9.96 9.04 -20.60
N HIS B 37 9.22 9.87 -19.86
CA HIS B 37 7.85 10.20 -20.23
C HIS B 37 7.50 11.62 -19.80
N HIS B 38 6.50 12.20 -20.47
CA HIS B 38 6.07 13.56 -20.15
C HIS B 38 4.69 13.84 -20.76
N HIS B 39 3.69 13.11 -20.26
CA HIS B 39 2.32 13.28 -20.75
C HIS B 39 1.74 14.62 -20.27
N HIS B 40 0.69 15.06 -20.95
CA HIS B 40 0.04 16.33 -20.60
C HIS B 40 -0.97 16.12 -19.48
N MET A 1 -14.41 -8.39 27.75
CA MET A 1 -13.51 -8.84 28.81
C MET A 1 -12.30 -9.54 28.21
N GLY A 2 -12.46 -10.08 27.00
CA GLY A 2 -11.37 -10.78 26.35
C GLY A 2 -10.98 -10.13 25.04
N ARG A 3 -10.13 -9.10 25.12
CA ARG A 3 -9.68 -8.40 23.92
C ARG A 3 -8.29 -7.80 24.15
N THR A 4 -7.25 -8.56 23.77
CA THR A 4 -5.88 -8.11 23.92
C THR A 4 -5.10 -8.27 22.62
N HIS A 5 -5.19 -9.45 22.02
CA HIS A 5 -4.49 -9.72 20.76
C HIS A 5 -5.03 -8.84 19.65
N LEU A 6 -6.15 -8.17 19.90
CA LEU A 6 -6.77 -7.30 18.92
C LEU A 6 -5.93 -6.03 18.72
N THR A 7 -5.29 -5.58 19.79
CA THR A 7 -4.47 -4.39 19.73
C THR A 7 -3.34 -4.54 18.73
N MET A 8 -2.56 -5.61 18.87
CA MET A 8 -1.44 -5.87 17.97
C MET A 8 -1.95 -6.13 16.55
N ALA A 9 -2.93 -7.01 16.42
CA ALA A 9 -3.50 -7.33 15.12
C ALA A 9 -4.04 -6.09 14.43
N LEU A 10 -4.69 -5.23 15.20
CA LEU A 10 -5.26 -3.99 14.67
C LEU A 10 -4.17 -3.09 14.10
N THR A 11 -3.07 -2.97 14.85
CA THR A 11 -1.95 -2.14 14.42
C THR A 11 -1.38 -2.62 13.09
N VAL A 12 -1.24 -3.93 12.96
CA VAL A 12 -0.70 -4.52 11.74
C VAL A 12 -1.61 -4.23 10.53
N ILE A 13 -2.90 -4.54 10.69
CA ILE A 13 -3.86 -4.31 9.63
C ILE A 13 -3.96 -2.83 9.27
N ALA A 14 -4.02 -1.99 10.30
CA ALA A 14 -4.11 -0.55 10.12
C ALA A 14 -2.84 -0.01 9.45
N GLY A 15 -1.70 -0.52 9.88
CA GLY A 15 -0.44 -0.07 9.31
C GLY A 15 -0.36 -0.28 7.81
N LEU A 16 -0.65 -1.51 7.38
CA LEU A 16 -0.61 -1.84 5.97
C LEU A 16 -1.58 -0.98 5.17
N VAL A 17 -2.79 -0.84 5.69
CA VAL A 17 -3.81 -0.02 5.02
C VAL A 17 -3.34 1.42 4.86
N VAL A 18 -2.92 2.03 5.95
CA VAL A 18 -2.44 3.41 5.93
C VAL A 18 -1.31 3.58 4.91
N ILE A 19 -0.52 2.54 4.74
CA ILE A 19 0.60 2.58 3.79
C ILE A 19 0.08 2.67 2.36
N PHE A 20 -0.81 1.76 1.99
CA PHE A 20 -1.36 1.74 0.64
C PHE A 20 -2.07 3.05 0.33
N MET A 21 -2.80 3.57 1.32
CA MET A 21 -3.53 4.83 1.14
C MET A 21 -2.57 6.01 1.08
N MET A 22 -1.73 6.15 2.10
CA MET A 22 -0.77 7.23 2.17
C MET A 22 0.15 7.22 0.94
N LEU A 23 0.76 6.07 0.68
CA LEU A 23 1.66 5.94 -0.47
C LEU A 23 0.95 6.32 -1.77
N GLY A 24 -0.24 5.76 -1.97
CA GLY A 24 -0.99 6.06 -3.17
C GLY A 24 -1.35 7.53 -3.29
N GLY A 25 -1.94 8.08 -2.22
CA GLY A 25 -2.32 9.47 -2.21
C GLY A 25 -1.12 10.40 -2.27
N THR A 26 -0.02 9.98 -1.67
CA THR A 26 1.20 10.79 -1.66
C THR A 26 1.88 10.78 -3.02
N PHE A 27 2.14 9.58 -3.53
CA PHE A 27 2.79 9.44 -4.84
C PHE A 27 2.03 10.20 -5.91
N LEU A 28 0.74 9.91 -6.05
CA LEU A 28 -0.10 10.58 -7.03
C LEU A 28 -0.08 12.09 -6.84
N TYR A 29 -0.34 12.53 -5.61
CA TYR A 29 -0.36 13.94 -5.29
C TYR A 29 0.97 14.60 -5.65
N TRP A 30 2.07 13.95 -5.28
CA TRP A 30 3.39 14.47 -5.57
C TRP A 30 3.61 14.62 -7.07
N ARG A 31 3.35 13.55 -7.81
CA ARG A 31 3.51 13.56 -9.26
C ARG A 31 2.75 14.72 -9.88
N GLY A 32 1.62 15.08 -9.28
CA GLY A 32 0.81 16.17 -9.79
C GLY A 32 1.33 17.52 -9.34
N ARG A 33 1.42 17.72 -8.04
CA ARG A 33 1.91 18.99 -7.49
C ARG A 33 3.24 19.38 -8.11
N ARG A 34 4.00 18.38 -8.54
CA ARG A 34 5.30 18.62 -9.16
C ARG A 34 5.15 18.88 -10.66
N HIS A 35 4.16 18.27 -11.26
CA HIS A 35 3.90 18.45 -12.69
C HIS A 35 3.52 19.89 -13.00
N HIS A 36 2.75 20.50 -12.10
CA HIS A 36 2.32 21.88 -12.29
C HIS A 36 3.51 22.83 -12.23
N HIS A 37 3.90 23.35 -13.39
CA HIS A 37 5.02 24.28 -13.49
C HIS A 37 4.85 25.43 -12.50
N HIS A 38 5.61 25.38 -11.41
CA HIS A 38 5.55 26.43 -10.39
C HIS A 38 6.19 27.71 -10.89
N HIS A 39 7.42 27.61 -11.37
CA HIS A 39 8.15 28.76 -11.89
C HIS A 39 8.20 29.88 -10.85
N HIS A 40 8.48 29.51 -9.60
CA HIS A 40 8.57 30.47 -8.51
C HIS A 40 10.00 30.61 -8.00
N MET B 1 -13.08 -29.14 15.46
CA MET B 1 -12.26 -27.95 15.25
C MET B 1 -13.07 -26.86 14.54
N GLY B 2 -12.61 -25.62 14.67
CA GLY B 2 -13.29 -24.52 14.03
C GLY B 2 -12.47 -23.88 12.92
N ARG B 3 -11.86 -22.74 13.22
CA ARG B 3 -11.04 -22.04 12.25
C ARG B 3 -11.83 -21.77 10.96
N THR B 4 -12.47 -20.61 10.91
CA THR B 4 -13.26 -20.24 9.74
C THR B 4 -13.10 -18.77 9.41
N HIS B 5 -13.24 -17.91 10.43
CA HIS B 5 -13.10 -16.48 10.24
C HIS B 5 -11.68 -16.12 9.82
N LEU B 6 -10.77 -17.08 9.93
CA LEU B 6 -9.38 -16.87 9.57
C LEU B 6 -9.22 -16.74 8.06
N THR B 7 -10.07 -17.46 7.31
CA THR B 7 -10.02 -17.43 5.86
C THR B 7 -10.25 -16.02 5.33
N MET B 8 -11.37 -15.42 5.72
CA MET B 8 -11.70 -14.07 5.29
C MET B 8 -10.68 -13.06 5.79
N ALA B 9 -10.37 -13.13 7.08
CA ALA B 9 -9.40 -12.23 7.69
C ALA B 9 -8.04 -12.34 7.00
N LEU B 10 -7.64 -13.57 6.66
CA LEU B 10 -6.37 -13.80 6.00
C LEU B 10 -6.34 -13.14 4.63
N THR B 11 -7.44 -13.26 3.89
CA THR B 11 -7.55 -12.67 2.56
C THR B 11 -7.37 -11.16 2.62
N VAL B 12 -8.01 -10.53 3.61
CA VAL B 12 -7.94 -9.08 3.78
C VAL B 12 -6.51 -8.64 4.07
N ILE B 13 -5.89 -9.27 5.07
CA ILE B 13 -4.52 -8.93 5.44
C ILE B 13 -3.56 -9.19 4.29
N ALA B 14 -3.73 -10.33 3.63
CA ALA B 14 -2.87 -10.69 2.50
C ALA B 14 -3.08 -9.74 1.33
N GLY B 15 -4.32 -9.37 1.08
CA GLY B 15 -4.63 -8.45 -0.01
C GLY B 15 -3.92 -7.12 0.13
N LEU B 16 -4.07 -6.50 1.30
CA LEU B 16 -3.44 -5.20 1.55
C LEU B 16 -1.93 -5.30 1.40
N VAL B 17 -1.34 -6.35 1.98
CA VAL B 17 0.10 -6.55 1.92
C VAL B 17 0.57 -6.67 0.47
N VAL B 18 -0.06 -7.58 -0.28
CA VAL B 18 0.29 -7.79 -1.68
C VAL B 18 0.22 -6.48 -2.46
N ILE B 19 -0.70 -5.61 -2.07
CA ILE B 19 -0.87 -4.32 -2.74
C ILE B 19 0.34 -3.42 -2.52
N PHE B 20 0.71 -3.24 -1.25
CA PHE B 20 1.85 -2.40 -0.91
C PHE B 20 3.12 -2.92 -1.56
N MET B 21 3.28 -4.24 -1.58
CA MET B 21 4.45 -4.86 -2.19
C MET B 21 4.41 -4.75 -3.71
N MET B 22 3.32 -5.23 -4.30
CA MET B 22 3.16 -5.18 -5.75
C MET B 22 3.26 -3.74 -6.26
N LEU B 23 2.46 -2.86 -5.69
CA LEU B 23 2.46 -1.46 -6.08
C LEU B 23 3.86 -0.87 -6.00
N GLY B 24 4.51 -1.06 -4.86
CA GLY B 24 5.85 -0.55 -4.67
C GLY B 24 6.84 -1.12 -5.67
N GLY B 25 6.87 -2.45 -5.77
CA GLY B 25 7.77 -3.10 -6.70
C GLY B 25 7.45 -2.79 -8.15
N THR B 26 6.16 -2.61 -8.43
CA THR B 26 5.72 -2.32 -9.79
C THR B 26 6.06 -0.88 -10.18
N PHE B 27 5.61 0.07 -9.36
CA PHE B 27 5.86 1.48 -9.61
C PHE B 27 7.36 1.75 -9.80
N LEU B 28 8.14 1.35 -8.81
CA LEU B 28 9.59 1.55 -8.87
C LEU B 28 10.18 0.88 -10.10
N TYR B 29 9.84 -0.38 -10.32
CA TYR B 29 10.34 -1.13 -11.47
C TYR B 29 9.98 -0.42 -12.76
N TRP B 30 8.73 0.01 -12.88
CA TRP B 30 8.26 0.70 -14.07
C TRP B 30 9.05 1.99 -14.30
N ARG B 31 9.13 2.82 -13.27
CA ARG B 31 9.86 4.08 -13.37
C ARG B 31 11.29 3.85 -13.84
N GLY B 32 11.86 2.71 -13.48
CA GLY B 32 13.21 2.39 -13.88
C GLY B 32 13.29 1.92 -15.31
N ARG B 33 12.54 0.87 -15.64
CA ARG B 33 12.53 0.33 -17.00
C ARG B 33 12.16 1.41 -18.02
N ARG B 34 11.34 2.37 -17.59
CA ARG B 34 10.92 3.45 -18.47
C ARG B 34 11.83 4.67 -18.31
N HIS B 35 13.03 4.44 -17.77
CA HIS B 35 13.99 5.52 -17.56
C HIS B 35 14.20 6.32 -18.84
N HIS B 36 14.06 5.64 -19.98
CA HIS B 36 14.23 6.29 -21.28
C HIS B 36 13.40 7.56 -21.37
N HIS B 37 14.07 8.71 -21.42
CA HIS B 37 13.38 9.99 -21.52
C HIS B 37 12.91 10.25 -22.94
N HIS B 38 11.72 9.76 -23.27
CA HIS B 38 11.16 9.95 -24.60
C HIS B 38 9.63 9.98 -24.55
N HIS B 39 9.08 11.15 -24.25
CA HIS B 39 7.64 11.33 -24.17
C HIS B 39 7.10 12.02 -25.41
N HIS B 40 5.95 11.56 -25.90
CA HIS B 40 5.33 12.15 -27.08
C HIS B 40 6.26 12.03 -28.30
N MET A 1 -6.89 -18.34 19.92
CA MET A 1 -7.83 -17.28 19.54
C MET A 1 -8.46 -16.66 20.78
N GLY A 2 -8.24 -15.35 20.96
CA GLY A 2 -8.81 -14.67 22.11
C GLY A 2 -9.36 -13.30 21.75
N ARG A 3 -9.19 -12.34 22.64
CA ARG A 3 -9.68 -10.99 22.42
C ARG A 3 -8.53 -9.98 22.38
N THR A 4 -7.42 -10.33 23.05
CA THR A 4 -6.25 -9.47 23.10
C THR A 4 -5.49 -9.50 21.78
N HIS A 5 -5.51 -10.66 21.12
CA HIS A 5 -4.82 -10.82 19.85
C HIS A 5 -5.39 -9.88 18.79
N LEU A 6 -6.56 -9.32 19.07
CA LEU A 6 -7.20 -8.40 18.16
C LEU A 6 -6.46 -7.07 18.10
N THR A 7 -5.85 -6.69 19.21
CA THR A 7 -5.11 -5.43 19.29
C THR A 7 -3.94 -5.43 18.30
N MET A 8 -3.10 -6.45 18.38
CA MET A 8 -1.95 -6.57 17.49
C MET A 8 -2.40 -6.72 16.04
N ALA A 9 -3.32 -7.64 15.80
CA ALA A 9 -3.84 -7.89 14.46
C ALA A 9 -4.45 -6.62 13.87
N LEU A 10 -5.19 -5.88 14.70
CA LEU A 10 -5.83 -4.65 14.25
C LEU A 10 -4.79 -3.63 13.80
N THR A 11 -3.71 -3.51 14.56
CA THR A 11 -2.64 -2.57 14.24
C THR A 11 -2.01 -2.90 12.89
N VAL A 12 -1.76 -4.18 12.66
CA VAL A 12 -1.16 -4.64 11.40
C VAL A 12 -2.04 -4.26 10.20
N ILE A 13 -3.33 -4.59 10.29
CA ILE A 13 -4.27 -4.29 9.24
C ILE A 13 -4.30 -2.80 8.93
N ALA A 14 -4.45 -1.99 9.98
CA ALA A 14 -4.50 -0.53 9.82
C ALA A 14 -3.20 -0.02 9.22
N GLY A 15 -2.07 -0.54 9.70
CA GLY A 15 -0.78 -0.11 9.20
C GLY A 15 -0.67 -0.25 7.70
N LEU A 16 -0.99 -1.43 7.19
CA LEU A 16 -0.93 -1.70 5.76
C LEU A 16 -1.85 -0.75 4.98
N VAL A 17 -3.11 -0.68 5.41
CA VAL A 17 -4.08 0.19 4.76
C VAL A 17 -3.57 1.62 4.66
N VAL A 18 -3.11 2.17 5.78
CA VAL A 18 -2.60 3.52 5.82
C VAL A 18 -1.46 3.71 4.83
N ILE A 19 -0.64 2.66 4.67
CA ILE A 19 0.48 2.70 3.74
C ILE A 19 0.00 2.79 2.30
N PHE A 20 -0.87 1.86 1.92
CA PHE A 20 -1.41 1.83 0.56
C PHE A 20 -2.13 3.13 0.22
N MET A 21 -2.87 3.65 1.20
CA MET A 21 -3.61 4.90 1.00
C MET A 21 -2.65 6.09 0.94
N MET A 22 -1.82 6.23 1.98
CA MET A 22 -0.86 7.32 2.04
C MET A 22 0.06 7.30 0.82
N LEU A 23 0.68 6.15 0.59
CA LEU A 23 1.60 6.01 -0.54
C LEU A 23 0.92 6.39 -1.85
N GLY A 24 -0.27 5.84 -2.07
CA GLY A 24 -1.02 6.13 -3.29
C GLY A 24 -1.34 7.61 -3.43
N GLY A 25 -1.96 8.17 -2.38
CA GLY A 25 -2.31 9.58 -2.41
C GLY A 25 -1.11 10.49 -2.43
N THR A 26 -0.03 10.05 -1.80
CA THR A 26 1.20 10.84 -1.75
C THR A 26 1.92 10.83 -3.09
N PHE A 27 2.15 9.63 -3.62
CA PHE A 27 2.83 9.48 -4.91
C PHE A 27 2.12 10.29 -5.98
N LEU A 28 0.83 10.03 -6.15
CA LEU A 28 0.02 10.72 -7.16
C LEU A 28 0.06 12.22 -6.93
N TYR A 29 -0.18 12.64 -5.70
CA TYR A 29 -0.18 14.06 -5.36
C TYR A 29 1.16 14.69 -5.69
N TRP A 30 2.24 14.04 -5.26
CA TRP A 30 3.59 14.54 -5.51
C TRP A 30 3.84 14.70 -7.00
N ARG A 31 3.58 13.64 -7.77
CA ARG A 31 3.78 13.66 -9.21
C ARG A 31 3.01 14.82 -9.84
N GLY A 32 1.88 15.18 -9.24
CA GLY A 32 1.07 16.25 -9.76
C GLY A 32 1.59 17.61 -9.35
N ARG A 33 1.72 17.84 -8.05
CA ARG A 33 2.21 19.10 -7.53
C ARG A 33 3.54 19.48 -8.17
N ARG A 34 4.29 18.47 -8.59
CA ARG A 34 5.59 18.69 -9.22
C ARG A 34 5.44 19.47 -10.52
N HIS A 35 4.33 19.22 -11.22
CA HIS A 35 4.06 19.89 -12.48
C HIS A 35 3.85 21.39 -12.27
N HIS A 36 3.64 21.77 -11.02
CA HIS A 36 3.42 23.18 -10.68
C HIS A 36 2.25 23.75 -11.47
N HIS A 37 1.06 23.19 -11.26
CA HIS A 37 -0.13 23.65 -11.96
C HIS A 37 -1.21 24.09 -10.96
N HIS A 38 -1.28 23.40 -9.82
CA HIS A 38 -2.26 23.72 -8.79
C HIS A 38 -1.66 23.54 -7.40
N HIS A 39 -2.40 23.96 -6.38
CA HIS A 39 -1.95 23.85 -5.00
C HIS A 39 -3.11 23.58 -4.06
N HIS A 40 -2.81 23.01 -2.90
CA HIS A 40 -3.84 22.71 -1.91
C HIS A 40 -3.67 23.56 -0.66
N MET B 1 -10.53 -25.88 17.28
CA MET B 1 -11.82 -25.83 17.96
C MET B 1 -12.61 -24.60 17.52
N GLY B 2 -11.89 -23.55 17.14
CA GLY B 2 -12.54 -22.32 16.71
C GLY B 2 -11.65 -21.48 15.82
N ARG B 3 -11.66 -21.79 14.53
CA ARG B 3 -10.84 -21.05 13.57
C ARG B 3 -11.61 -20.82 12.27
N THR B 4 -12.33 -19.70 12.22
CA THR B 4 -13.12 -19.37 11.03
C THR B 4 -12.89 -17.92 10.62
N HIS B 5 -13.04 -17.00 11.58
CA HIS B 5 -12.83 -15.58 11.31
C HIS B 5 -11.40 -15.31 10.85
N LEU B 6 -10.53 -16.28 11.06
CA LEU B 6 -9.13 -16.15 10.66
C LEU B 6 -8.99 -16.18 9.15
N THR B 7 -9.85 -16.93 8.49
CA THR B 7 -9.83 -17.03 7.03
C THR B 7 -10.02 -15.68 6.37
N MET B 8 -11.11 -15.01 6.71
CA MET B 8 -11.42 -13.69 6.15
C MET B 8 -10.35 -12.68 6.55
N ALA B 9 -10.04 -12.63 7.84
CA ALA B 9 -9.04 -11.71 8.35
C ALA B 9 -7.69 -11.92 7.66
N LEU B 10 -7.33 -13.19 7.47
CA LEU B 10 -6.06 -13.52 6.82
C LEU B 10 -6.01 -12.98 5.40
N THR B 11 -7.12 -13.13 4.68
CA THR B 11 -7.20 -12.66 3.30
C THR B 11 -6.99 -11.16 3.23
N VAL B 12 -7.64 -10.43 4.14
CA VAL B 12 -7.52 -8.97 4.18
C VAL B 12 -6.07 -8.54 4.38
N ILE B 13 -5.42 -9.12 5.39
CA ILE B 13 -4.03 -8.80 5.69
C ILE B 13 -3.14 -9.05 4.48
N ALA B 14 -3.26 -10.24 3.90
CA ALA B 14 -2.46 -10.60 2.74
C ALA B 14 -2.74 -9.66 1.57
N GLY B 15 -4.01 -9.35 1.35
CA GLY B 15 -4.39 -8.46 0.26
C GLY B 15 -3.65 -7.14 0.32
N LEU B 16 -3.72 -6.49 1.48
CA LEU B 16 -3.04 -5.20 1.66
C LEU B 16 -1.55 -5.32 1.43
N VAL B 17 -0.92 -6.28 2.09
CA VAL B 17 0.51 -6.50 1.94
C VAL B 17 0.90 -6.65 0.48
N VAL B 18 0.21 -7.54 -0.23
CA VAL B 18 0.49 -7.78 -1.64
C VAL B 18 0.40 -6.48 -2.44
N ILE B 19 -0.55 -5.63 -2.05
CA ILE B 19 -0.74 -4.35 -2.75
C ILE B 19 0.45 -3.42 -2.52
N PHE B 20 0.81 -3.22 -1.26
CA PHE B 20 1.93 -2.36 -0.92
C PHE B 20 3.23 -2.86 -1.57
N MET B 21 3.40 -4.17 -1.58
CA MET B 21 4.59 -4.78 -2.18
C MET B 21 4.55 -4.68 -3.71
N MET B 22 3.47 -5.18 -4.29
CA MET B 22 3.31 -5.13 -5.74
C MET B 22 3.38 -3.71 -6.27
N LEU B 23 2.56 -2.83 -5.69
CA LEU B 23 2.53 -1.43 -6.09
C LEU B 23 3.92 -0.81 -6.02
N GLY B 24 4.59 -1.01 -4.89
CA GLY B 24 5.92 -0.46 -4.71
C GLY B 24 6.90 -1.01 -5.72
N GLY B 25 6.97 -2.33 -5.83
CA GLY B 25 7.89 -2.96 -6.77
C GLY B 25 7.52 -2.66 -8.21
N THR B 26 6.23 -2.51 -8.47
CA THR B 26 5.75 -2.24 -9.82
C THR B 26 6.05 -0.80 -10.23
N PHE B 27 5.65 0.15 -9.39
CA PHE B 27 5.87 1.56 -9.66
C PHE B 27 7.35 1.84 -9.90
N LEU B 28 8.18 1.46 -8.93
CA LEU B 28 9.62 1.66 -9.04
C LEU B 28 10.18 1.00 -10.28
N TYR B 29 9.81 -0.27 -10.50
CA TYR B 29 10.27 -1.02 -11.65
C TYR B 29 9.88 -0.32 -12.94
N TRP B 30 8.62 0.07 -13.04
CA TRP B 30 8.10 0.75 -14.22
C TRP B 30 8.88 2.04 -14.49
N ARG B 31 8.99 2.88 -13.48
CA ARG B 31 9.70 4.14 -13.60
C ARG B 31 11.14 3.91 -14.08
N GLY B 32 11.70 2.77 -13.72
CA GLY B 32 13.05 2.45 -14.12
C GLY B 32 13.12 1.91 -15.55
N ARG B 33 12.40 0.82 -15.80
CA ARG B 33 12.39 0.21 -17.12
C ARG B 33 12.10 1.25 -18.20
N ARG B 34 11.32 2.27 -17.84
CA ARG B 34 10.96 3.33 -18.77
C ARG B 34 11.97 4.48 -18.70
N HIS B 35 12.12 5.05 -17.51
CA HIS B 35 13.04 6.14 -17.30
C HIS B 35 12.81 7.25 -18.32
N HIS B 36 11.55 7.65 -18.46
CA HIS B 36 11.18 8.71 -19.41
C HIS B 36 10.40 9.81 -18.71
N HIS B 37 11.04 10.47 -17.74
CA HIS B 37 10.41 11.55 -16.99
C HIS B 37 11.22 12.84 -17.12
N HIS B 38 12.47 12.79 -16.68
CA HIS B 38 13.35 13.94 -16.73
C HIS B 38 12.81 15.08 -15.87
N HIS B 39 13.61 16.12 -15.69
CA HIS B 39 13.21 17.27 -14.89
C HIS B 39 14.00 18.52 -15.28
N HIS B 40 13.37 19.37 -16.10
CA HIS B 40 14.02 20.59 -16.55
C HIS B 40 13.62 21.78 -15.67
N MET A 1 -5.17 -16.42 23.96
CA MET A 1 -5.63 -15.37 23.04
C MET A 1 -7.16 -15.33 23.00
N GLY A 2 -7.70 -14.20 22.56
CA GLY A 2 -9.14 -14.05 22.48
C GLY A 2 -9.56 -12.61 22.20
N ARG A 3 -9.55 -11.78 23.23
CA ARG A 3 -9.94 -10.38 23.08
C ARG A 3 -8.72 -9.46 23.21
N THR A 4 -7.53 -10.05 23.13
CA THR A 4 -6.29 -9.30 23.25
C THR A 4 -5.51 -9.33 21.94
N HIS A 5 -5.54 -10.47 21.26
CA HIS A 5 -4.83 -10.63 20.00
C HIS A 5 -5.39 -9.70 18.94
N LEU A 6 -6.55 -9.11 19.22
CA LEU A 6 -7.19 -8.19 18.29
C LEU A 6 -6.43 -6.88 18.20
N THR A 7 -5.80 -6.48 19.30
CA THR A 7 -5.02 -5.25 19.35
C THR A 7 -3.88 -5.28 18.35
N MET A 8 -3.06 -6.33 18.43
CA MET A 8 -1.93 -6.48 17.52
C MET A 8 -2.40 -6.65 16.09
N ALA A 9 -3.35 -7.55 15.88
CA ALA A 9 -3.89 -7.80 14.55
C ALA A 9 -4.48 -6.53 13.94
N LEU A 10 -5.19 -5.76 14.76
CA LEU A 10 -5.80 -4.53 14.31
C LEU A 10 -4.74 -3.54 13.81
N THR A 11 -3.65 -3.43 14.56
CA THR A 11 -2.57 -2.53 14.20
C THR A 11 -1.97 -2.90 12.85
N VAL A 12 -1.73 -4.19 12.64
CA VAL A 12 -1.18 -4.68 11.39
C VAL A 12 -2.06 -4.31 10.21
N ILE A 13 -3.35 -4.62 10.32
CA ILE A 13 -4.31 -4.31 9.26
C ILE A 13 -4.33 -2.83 8.95
N ALA A 14 -4.48 -2.02 10.00
CA ALA A 14 -4.53 -0.56 9.84
C ALA A 14 -3.23 -0.05 9.23
N GLY A 15 -2.10 -0.55 9.73
CA GLY A 15 -0.81 -0.12 9.23
C GLY A 15 -0.70 -0.26 7.73
N LEU A 16 -1.02 -1.45 7.22
CA LEU A 16 -0.95 -1.71 5.79
C LEU A 16 -1.88 -0.78 5.01
N VAL A 17 -3.13 -0.71 5.43
CA VAL A 17 -4.11 0.16 4.78
C VAL A 17 -3.60 1.59 4.68
N VAL A 18 -3.16 2.14 5.81
CA VAL A 18 -2.64 3.50 5.84
C VAL A 18 -1.50 3.68 4.85
N ILE A 19 -0.68 2.64 4.70
CA ILE A 19 0.44 2.69 3.77
C ILE A 19 -0.03 2.76 2.32
N PHE A 20 -0.90 1.83 1.95
CA PHE A 20 -1.44 1.80 0.59
C PHE A 20 -2.15 3.11 0.25
N MET A 21 -2.90 3.63 1.21
CA MET A 21 -3.64 4.87 1.01
C MET A 21 -2.68 6.06 0.96
N MET A 22 -1.87 6.20 2.00
CA MET A 22 -0.91 7.30 2.07
C MET A 22 0.03 7.29 0.86
N LEU A 23 0.65 6.14 0.63
CA LEU A 23 1.57 6.00 -0.50
C LEU A 23 0.90 6.37 -1.82
N GLY A 24 -0.29 5.81 -2.04
CA GLY A 24 -1.03 6.11 -3.26
C GLY A 24 -1.36 7.58 -3.40
N GLY A 25 -1.97 8.15 -2.36
CA GLY A 25 -2.33 9.56 -2.39
C GLY A 25 -1.12 10.46 -2.40
N THR A 26 -0.04 10.03 -1.77
CA THR A 26 1.18 10.81 -1.71
C THR A 26 1.91 10.81 -3.05
N PHE A 27 2.11 9.62 -3.60
CA PHE A 27 2.79 9.47 -4.87
C PHE A 27 2.08 10.27 -5.96
N LEU A 28 0.79 10.00 -6.13
CA LEU A 28 -0.01 10.70 -7.14
C LEU A 28 0.02 12.21 -6.91
N TYR A 29 -0.15 12.61 -5.66
CA TYR A 29 -0.15 14.03 -5.32
C TYR A 29 1.21 14.67 -5.62
N TRP A 30 2.27 13.98 -5.23
CA TRP A 30 3.63 14.47 -5.47
C TRP A 30 3.87 14.68 -6.95
N ARG A 31 3.60 13.65 -7.75
CA ARG A 31 3.79 13.74 -9.20
C ARG A 31 3.08 14.96 -9.78
N GLY A 32 1.79 15.07 -9.48
CA GLY A 32 1.01 16.19 -9.99
C GLY A 32 1.53 17.53 -9.49
N ARG A 33 2.23 17.50 -8.35
CA ARG A 33 2.78 18.72 -7.77
C ARG A 33 4.10 19.10 -8.46
N ARG A 34 4.91 18.09 -8.76
CA ARG A 34 6.20 18.32 -9.39
C ARG A 34 6.01 18.77 -10.85
N HIS A 35 4.89 18.35 -11.45
CA HIS A 35 4.59 18.72 -12.82
C HIS A 35 4.12 20.16 -12.92
N HIS A 36 3.22 20.54 -12.01
CA HIS A 36 2.69 21.90 -11.99
C HIS A 36 3.76 22.90 -11.56
N HIS A 37 3.93 23.95 -12.35
CA HIS A 37 4.91 24.98 -12.05
C HIS A 37 4.55 25.73 -10.77
N HIS A 38 5.39 25.59 -9.75
CA HIS A 38 5.16 26.25 -8.47
C HIS A 38 6.48 26.66 -7.82
N HIS A 39 6.44 27.73 -7.04
CA HIS A 39 7.64 28.22 -6.36
C HIS A 39 8.02 27.29 -5.20
N HIS A 40 9.30 26.95 -5.13
CA HIS A 40 9.80 26.07 -4.09
C HIS A 40 10.20 26.87 -2.85
N MET B 1 -11.60 -27.58 17.46
CA MET B 1 -11.02 -27.24 16.17
C MET B 1 -11.94 -26.28 15.41
N GLY B 2 -11.84 -25.00 15.72
CA GLY B 2 -12.66 -24.00 15.05
C GLY B 2 -11.89 -23.24 13.98
N ARG B 3 -11.44 -22.04 14.33
CA ARG B 3 -10.69 -21.21 13.40
C ARG B 3 -11.48 -20.99 12.11
N THR B 4 -12.26 -19.91 12.08
CA THR B 4 -13.06 -19.58 10.91
C THR B 4 -12.85 -18.13 10.49
N HIS B 5 -12.98 -17.22 11.44
CA HIS B 5 -12.80 -15.80 11.16
C HIS B 5 -11.38 -15.51 10.71
N LEU B 6 -10.49 -16.48 10.88
CA LEU B 6 -9.09 -16.33 10.49
C LEU B 6 -8.95 -16.31 8.97
N THR B 7 -9.82 -17.05 8.30
CA THR B 7 -9.79 -17.12 6.84
C THR B 7 -9.99 -15.75 6.22
N MET B 8 -11.10 -15.09 6.58
CA MET B 8 -11.40 -13.76 6.05
C MET B 8 -10.34 -12.76 6.48
N ALA B 9 -10.02 -12.75 7.76
CA ALA B 9 -9.02 -11.84 8.30
C ALA B 9 -7.67 -12.02 7.60
N LEU B 10 -7.30 -13.27 7.37
CA LEU B 10 -6.04 -13.59 6.71
C LEU B 10 -6.00 -13.00 5.30
N THR B 11 -7.10 -13.14 4.58
CA THR B 11 -7.20 -12.62 3.22
C THR B 11 -7.00 -11.11 3.19
N VAL B 12 -7.65 -10.42 4.12
CA VAL B 12 -7.53 -8.96 4.21
C VAL B 12 -6.09 -8.53 4.42
N ILE B 13 -5.44 -9.14 5.41
CA ILE B 13 -4.04 -8.82 5.72
C ILE B 13 -3.15 -9.07 4.51
N ALA B 14 -3.26 -10.26 3.93
CA ALA B 14 -2.46 -10.61 2.77
C ALA B 14 -2.73 -9.68 1.60
N GLY B 15 -4.01 -9.39 1.37
CA GLY B 15 -4.38 -8.49 0.28
C GLY B 15 -3.66 -7.17 0.34
N LEU B 16 -3.72 -6.51 1.50
CA LEU B 16 -3.06 -5.22 1.69
C LEU B 16 -1.56 -5.34 1.45
N VAL B 17 -0.93 -6.30 2.12
CA VAL B 17 0.51 -6.51 1.98
C VAL B 17 0.90 -6.67 0.51
N VAL B 18 0.21 -7.56 -0.19
CA VAL B 18 0.50 -7.79 -1.61
C VAL B 18 0.40 -6.50 -2.41
N ILE B 19 -0.55 -5.65 -2.02
CA ILE B 19 -0.75 -4.37 -2.71
C ILE B 19 0.44 -3.44 -2.48
N PHE B 20 0.80 -3.23 -1.23
CA PHE B 20 1.91 -2.37 -0.88
C PHE B 20 3.21 -2.85 -1.53
N MET B 21 3.39 -4.17 -1.56
CA MET B 21 4.58 -4.76 -2.15
C MET B 21 4.54 -4.67 -3.67
N MET B 22 3.46 -5.18 -4.25
CA MET B 22 3.30 -5.14 -5.71
C MET B 22 3.36 -3.71 -6.23
N LEU B 23 2.54 -2.85 -5.66
CA LEU B 23 2.51 -1.44 -6.07
C LEU B 23 3.89 -0.82 -5.99
N GLY B 24 4.55 -1.00 -4.86
CA GLY B 24 5.89 -0.45 -4.68
C GLY B 24 6.88 -0.99 -5.69
N GLY B 25 6.95 -2.32 -5.80
CA GLY B 25 7.87 -2.93 -6.74
C GLY B 25 7.49 -2.66 -8.18
N THR B 26 6.21 -2.51 -8.44
CA THR B 26 5.72 -2.24 -9.79
C THR B 26 6.01 -0.80 -10.21
N PHE B 27 5.64 0.14 -9.35
CA PHE B 27 5.86 1.56 -9.62
C PHE B 27 7.34 1.83 -9.87
N LEU B 28 8.17 1.46 -8.91
CA LEU B 28 9.61 1.67 -9.02
C LEU B 28 10.17 1.00 -10.27
N TYR B 29 9.75 -0.25 -10.49
CA TYR B 29 10.21 -1.01 -11.65
C TYR B 29 9.79 -0.32 -12.95
N TRP B 30 8.53 0.10 -13.00
CA TRP B 30 8.00 0.76 -14.19
C TRP B 30 8.81 2.03 -14.51
N ARG B 31 8.94 2.89 -13.51
CA ARG B 31 9.69 4.14 -13.69
C ARG B 31 11.08 3.86 -14.24
N GLY B 32 11.82 2.98 -13.56
CA GLY B 32 13.16 2.65 -14.00
C GLY B 32 13.18 1.99 -15.36
N ARG B 33 12.04 1.42 -15.76
CA ARG B 33 11.93 0.76 -17.06
C ARG B 33 11.54 1.75 -18.15
N ARG B 34 11.02 2.90 -17.74
CA ARG B 34 10.61 3.93 -18.68
C ARG B 34 11.79 4.75 -19.15
N HIS B 35 12.26 5.66 -18.30
CA HIS B 35 13.40 6.51 -18.62
C HIS B 35 14.31 6.71 -17.41
N HIS B 36 14.15 5.83 -16.42
CA HIS B 36 14.95 5.91 -15.20
C HIS B 36 15.77 4.63 -15.02
N HIS B 37 16.19 4.03 -16.13
CA HIS B 37 16.98 2.81 -16.10
C HIS B 37 18.37 3.09 -15.53
N HIS B 38 18.83 4.32 -15.67
CA HIS B 38 20.14 4.71 -15.17
C HIS B 38 20.28 4.38 -13.69
N HIS B 39 21.50 4.02 -13.29
CA HIS B 39 21.77 3.66 -11.90
C HIS B 39 23.02 4.37 -11.39
N HIS B 40 23.07 5.69 -11.57
CA HIS B 40 24.21 6.48 -11.14
C HIS B 40 23.76 7.67 -10.31
N MET A 1 -5.21 -15.04 25.77
CA MET A 1 -5.59 -14.96 24.37
C MET A 1 -7.10 -15.02 24.21
N GLY A 2 -7.60 -14.53 23.08
CA GLY A 2 -9.03 -14.54 22.84
C GLY A 2 -9.51 -13.25 22.19
N ARG A 3 -9.43 -12.15 22.92
CA ARG A 3 -9.87 -10.86 22.41
C ARG A 3 -8.71 -9.86 22.41
N THR A 4 -7.61 -10.23 23.07
CA THR A 4 -6.44 -9.36 23.14
C THR A 4 -5.65 -9.40 21.85
N HIS A 5 -5.69 -10.55 21.17
CA HIS A 5 -4.97 -10.70 19.91
C HIS A 5 -5.53 -9.77 18.84
N LEU A 6 -6.69 -9.19 19.12
CA LEU A 6 -7.34 -8.28 18.18
C LEU A 6 -6.58 -6.96 18.10
N THR A 7 -5.98 -6.56 19.22
CA THR A 7 -5.22 -5.32 19.28
C THR A 7 -4.06 -5.33 18.29
N MET A 8 -3.23 -6.36 18.37
CA MET A 8 -2.08 -6.50 17.48
C MET A 8 -2.54 -6.67 16.03
N ALA A 9 -3.47 -7.58 15.81
CA ALA A 9 -4.00 -7.84 14.47
C ALA A 9 -4.58 -6.57 13.87
N LEU A 10 -5.32 -5.82 14.68
CA LEU A 10 -5.94 -4.57 14.22
C LEU A 10 -4.88 -3.59 13.75
N THR A 11 -3.80 -3.46 14.52
CA THR A 11 -2.72 -2.54 14.18
C THR A 11 -2.11 -2.90 12.83
N VAL A 12 -1.87 -4.18 12.61
CA VAL A 12 -1.28 -4.66 11.37
C VAL A 12 -2.16 -4.29 10.17
N ILE A 13 -3.44 -4.62 10.27
CA ILE A 13 -4.39 -4.33 9.19
C ILE A 13 -4.43 -2.84 8.89
N ALA A 14 -4.58 -2.04 9.93
CA ALA A 14 -4.64 -0.59 9.79
C ALA A 14 -3.33 -0.05 9.21
N GLY A 15 -2.21 -0.59 9.68
CA GLY A 15 -0.92 -0.15 9.21
C GLY A 15 -0.78 -0.27 7.71
N LEU A 16 -1.09 -1.45 7.17
CA LEU A 16 -1.00 -1.69 5.74
C LEU A 16 -1.93 -0.77 4.97
N VAL A 17 -3.19 -0.71 5.39
CA VAL A 17 -4.19 0.13 4.75
C VAL A 17 -3.69 1.57 4.64
N VAL A 18 -3.23 2.11 5.77
CA VAL A 18 -2.72 3.48 5.80
C VAL A 18 -1.57 3.67 4.82
N ILE A 19 -0.73 2.65 4.70
CA ILE A 19 0.40 2.71 3.78
C ILE A 19 -0.06 2.76 2.33
N PHE A 20 -1.00 1.90 1.98
CA PHE A 20 -1.53 1.84 0.62
C PHE A 20 -2.22 3.15 0.25
N MET A 21 -2.99 3.69 1.20
CA MET A 21 -3.71 4.93 0.97
C MET A 21 -2.74 6.12 0.95
N MET A 22 -1.84 6.16 1.92
CA MET A 22 -0.86 7.23 2.00
C MET A 22 0.08 7.20 0.80
N LEU A 23 0.72 6.06 0.58
CA LEU A 23 1.65 5.91 -0.54
C LEU A 23 0.98 6.26 -1.86
N GLY A 24 -0.23 5.75 -2.05
CA GLY A 24 -0.95 6.03 -3.28
C GLY A 24 -1.24 7.51 -3.46
N GLY A 25 -1.85 8.13 -2.45
CA GLY A 25 -2.17 9.54 -2.52
C GLY A 25 -0.92 10.41 -2.52
N THR A 26 0.12 9.95 -1.85
CA THR A 26 1.37 10.70 -1.77
C THR A 26 2.12 10.64 -3.09
N PHE A 27 2.36 9.44 -3.58
CA PHE A 27 3.07 9.25 -4.84
C PHE A 27 2.42 10.04 -5.96
N LEU A 28 1.13 9.81 -6.17
CA LEU A 28 0.37 10.50 -7.20
C LEU A 28 0.45 12.02 -7.01
N TYR A 29 0.15 12.47 -5.80
CA TYR A 29 0.17 13.89 -5.49
C TYR A 29 1.55 14.49 -5.78
N TRP A 30 2.59 13.79 -5.34
CA TRP A 30 3.96 14.25 -5.55
C TRP A 30 4.27 14.35 -7.05
N ARG A 31 4.01 13.27 -7.78
CA ARG A 31 4.26 13.24 -9.22
C ARG A 31 3.51 14.36 -9.92
N GLY A 32 2.36 14.73 -9.38
CA GLY A 32 1.56 15.79 -9.98
C GLY A 32 2.08 17.17 -9.63
N ARG A 33 2.16 17.46 -8.32
CA ARG A 33 2.64 18.75 -7.86
C ARG A 33 3.97 19.11 -8.51
N ARG A 34 4.76 18.09 -8.82
CA ARG A 34 6.07 18.28 -9.44
C ARG A 34 5.94 18.38 -10.96
N HIS A 35 5.01 17.62 -11.51
CA HIS A 35 4.78 17.62 -12.95
C HIS A 35 4.43 19.02 -13.45
N HIS A 36 3.41 19.62 -12.84
CA HIS A 36 2.98 20.96 -13.23
C HIS A 36 4.03 22.00 -12.84
N HIS A 37 4.00 23.14 -13.52
CA HIS A 37 4.96 24.22 -13.25
C HIS A 37 6.39 23.73 -13.46
N HIS A 38 6.61 23.03 -14.57
CA HIS A 38 7.93 22.51 -14.89
C HIS A 38 8.82 23.62 -15.45
N HIS A 39 10.13 23.49 -15.22
CA HIS A 39 11.10 24.48 -15.70
C HIS A 39 12.15 23.83 -16.59
N HIS A 40 12.61 24.57 -17.58
CA HIS A 40 13.62 24.06 -18.51
C HIS A 40 15.01 24.55 -18.11
N MET B 1 -9.30 -25.62 17.85
CA MET B 1 -10.74 -25.41 17.87
C MET B 1 -11.09 -23.93 17.81
N GLY B 2 -12.07 -23.59 16.97
CA GLY B 2 -12.47 -22.20 16.84
C GLY B 2 -11.57 -21.43 15.90
N ARG B 3 -11.59 -21.78 14.62
CA ARG B 3 -10.76 -21.11 13.63
C ARG B 3 -11.53 -20.91 12.32
N THR B 4 -12.24 -19.79 12.22
CA THR B 4 -13.02 -19.49 11.03
C THR B 4 -12.80 -18.04 10.59
N HIS B 5 -12.92 -17.12 11.54
CA HIS B 5 -12.75 -15.70 11.25
C HIS B 5 -11.32 -15.41 10.80
N LEU B 6 -10.44 -16.39 10.99
CA LEU B 6 -9.04 -16.25 10.61
C LEU B 6 -8.89 -16.25 9.10
N THR B 7 -9.74 -17.00 8.42
CA THR B 7 -9.71 -17.09 6.97
C THR B 7 -9.90 -15.73 6.33
N MET B 8 -11.01 -15.07 6.66
CA MET B 8 -11.31 -13.75 6.11
C MET B 8 -10.26 -12.74 6.53
N ALA B 9 -9.94 -12.71 7.83
CA ALA B 9 -8.95 -11.78 8.34
C ALA B 9 -7.60 -11.98 7.67
N LEU B 10 -7.23 -13.24 7.46
CA LEU B 10 -5.95 -13.56 6.81
C LEU B 10 -5.90 -13.01 5.39
N THR B 11 -7.01 -13.16 4.66
CA THR B 11 -7.09 -12.66 3.30
C THR B 11 -6.89 -11.15 3.24
N VAL B 12 -7.54 -10.44 4.16
CA VAL B 12 -7.43 -8.98 4.22
C VAL B 12 -5.98 -8.55 4.44
N ILE B 13 -5.35 -9.14 5.45
CA ILE B 13 -3.96 -8.81 5.76
C ILE B 13 -3.05 -9.07 4.57
N ALA B 14 -3.17 -10.26 3.99
CA ALA B 14 -2.35 -10.63 2.84
C ALA B 14 -2.63 -9.72 1.65
N GLY B 15 -3.90 -9.40 1.44
CA GLY B 15 -4.29 -8.54 0.35
C GLY B 15 -3.56 -7.20 0.38
N LEU B 16 -3.62 -6.53 1.52
CA LEU B 16 -2.96 -5.23 1.68
C LEU B 16 -1.45 -5.36 1.47
N VAL B 17 -0.84 -6.32 2.16
CA VAL B 17 0.60 -6.54 2.05
C VAL B 17 1.01 -6.69 0.59
N VAL B 18 0.31 -7.56 -0.14
CA VAL B 18 0.61 -7.81 -1.54
C VAL B 18 0.51 -6.51 -2.35
N ILE B 19 -0.45 -5.68 -2.01
CA ILE B 19 -0.65 -4.40 -2.70
C ILE B 19 0.52 -3.47 -2.46
N PHE B 20 0.92 -3.34 -1.21
CA PHE B 20 2.04 -2.48 -0.84
C PHE B 20 3.34 -2.94 -1.51
N MET B 21 3.55 -4.24 -1.52
CA MET B 21 4.75 -4.82 -2.12
C MET B 21 4.68 -4.72 -3.65
N MET B 22 3.53 -5.09 -4.20
CA MET B 22 3.34 -5.06 -5.65
C MET B 22 3.41 -3.62 -6.17
N LEU B 23 2.56 -2.76 -5.61
CA LEU B 23 2.51 -1.36 -6.02
C LEU B 23 3.90 -0.72 -5.92
N GLY B 24 4.59 -0.96 -4.80
CA GLY B 24 5.90 -0.40 -4.62
C GLY B 24 6.89 -0.89 -5.66
N GLY B 25 7.00 -2.20 -5.80
CA GLY B 25 7.92 -2.77 -6.77
C GLY B 25 7.51 -2.49 -8.20
N THR B 26 6.20 -2.36 -8.43
CA THR B 26 5.68 -2.09 -9.76
C THR B 26 5.93 -0.64 -10.15
N PHE B 27 5.47 0.29 -9.31
CA PHE B 27 5.65 1.71 -9.57
C PHE B 27 7.12 2.04 -9.84
N LEU B 28 7.97 1.68 -8.88
CA LEU B 28 9.41 1.94 -9.01
C LEU B 28 9.96 1.31 -10.28
N TYR B 29 9.66 0.03 -10.47
CA TYR B 29 10.14 -0.69 -11.65
C TYR B 29 9.70 0.00 -12.93
N TRP B 30 8.43 0.39 -12.99
CA TRP B 30 7.88 1.06 -14.16
C TRP B 30 8.59 2.38 -14.39
N ARG B 31 8.65 3.22 -13.37
CA ARG B 31 9.29 4.52 -13.47
C ARG B 31 10.74 4.37 -13.93
N GLY B 32 11.38 3.26 -13.54
CA GLY B 32 12.75 3.02 -13.93
C GLY B 32 12.87 2.40 -15.31
N ARG B 33 11.85 1.65 -15.71
CA ARG B 33 11.84 1.01 -17.02
C ARG B 33 11.64 2.03 -18.13
N ARG B 34 10.46 2.64 -18.15
CA ARG B 34 10.15 3.65 -19.16
C ARG B 34 9.83 4.99 -18.53
N HIS B 35 10.85 5.63 -17.96
CA HIS B 35 10.68 6.92 -17.31
C HIS B 35 10.09 7.94 -18.27
N HIS B 36 10.41 7.79 -19.55
CA HIS B 36 9.90 8.69 -20.58
C HIS B 36 8.39 8.54 -20.74
N HIS B 37 7.64 9.54 -20.29
CA HIS B 37 6.19 9.52 -20.39
C HIS B 37 5.61 10.91 -20.23
N HIS B 38 5.01 11.44 -21.30
CA HIS B 38 4.41 12.77 -21.27
C HIS B 38 2.92 12.69 -21.53
N HIS B 39 2.14 12.78 -20.46
CA HIS B 39 0.68 12.73 -20.57
C HIS B 39 0.14 14.01 -21.18
N HIS B 40 0.40 15.14 -20.51
CA HIS B 40 -0.06 16.43 -21.00
C HIS B 40 0.55 17.57 -20.17
N MET A 1 -10.19 -17.69 19.25
CA MET A 1 -10.15 -17.55 20.70
C MET A 1 -9.20 -16.44 21.12
N GLY A 2 -9.67 -15.57 22.01
CA GLY A 2 -8.85 -14.46 22.48
C GLY A 2 -9.36 -13.12 22.01
N ARG A 3 -9.22 -12.11 22.88
CA ARG A 3 -9.67 -10.76 22.55
C ARG A 3 -8.50 -9.78 22.53
N THR A 4 -7.41 -10.17 23.17
CA THR A 4 -6.22 -9.33 23.23
C THR A 4 -5.44 -9.37 21.92
N HIS A 5 -5.52 -10.51 21.23
CA HIS A 5 -4.82 -10.68 19.96
C HIS A 5 -5.38 -9.72 18.91
N LEU A 6 -6.52 -9.13 19.20
CA LEU A 6 -7.16 -8.19 18.28
C LEU A 6 -6.37 -6.89 18.19
N THR A 7 -5.74 -6.51 19.29
CA THR A 7 -4.95 -5.30 19.34
C THR A 7 -3.80 -5.33 18.33
N MET A 8 -3.00 -6.39 18.40
CA MET A 8 -1.87 -6.56 17.49
C MET A 8 -2.34 -6.71 16.05
N ALA A 9 -3.32 -7.60 15.85
CA ALA A 9 -3.86 -7.83 14.52
C ALA A 9 -4.43 -6.56 13.92
N LEU A 10 -5.13 -5.78 14.75
CA LEU A 10 -5.73 -4.52 14.30
C LEU A 10 -4.66 -3.56 13.81
N THR A 11 -3.56 -3.46 14.55
CA THR A 11 -2.47 -2.57 14.19
C THR A 11 -1.88 -2.95 12.84
N VAL A 12 -1.67 -4.24 12.63
CA VAL A 12 -1.12 -4.73 11.36
C VAL A 12 -2.01 -4.33 10.19
N ILE A 13 -3.30 -4.63 10.30
CA ILE A 13 -4.25 -4.31 9.25
C ILE A 13 -4.27 -2.81 8.96
N ALA A 14 -4.41 -2.01 10.01
CA ALA A 14 -4.43 -0.56 9.87
C ALA A 14 -3.13 -0.04 9.27
N GLY A 15 -2.01 -0.58 9.72
CA GLY A 15 -0.72 -0.17 9.22
C GLY A 15 -0.61 -0.30 7.71
N LEU A 16 -0.96 -1.48 7.20
CA LEU A 16 -0.90 -1.74 5.77
C LEU A 16 -1.82 -0.77 5.01
N VAL A 17 -3.07 -0.69 5.44
CA VAL A 17 -4.04 0.19 4.81
C VAL A 17 -3.51 1.62 4.71
N VAL A 18 -3.06 2.15 5.84
CA VAL A 18 -2.52 3.51 5.88
C VAL A 18 -1.39 3.68 4.88
N ILE A 19 -0.59 2.65 4.71
CA ILE A 19 0.53 2.67 3.78
C ILE A 19 0.05 2.77 2.35
N PHE A 20 -0.84 1.85 1.96
CA PHE A 20 -1.38 1.82 0.61
C PHE A 20 -2.09 3.14 0.28
N MET A 21 -2.83 3.66 1.26
CA MET A 21 -3.55 4.92 1.07
C MET A 21 -2.58 6.10 1.01
N MET A 22 -1.75 6.23 2.04
CA MET A 22 -0.78 7.31 2.11
C MET A 22 0.13 7.29 0.89
N LEU A 23 0.75 6.14 0.64
CA LEU A 23 1.65 5.99 -0.49
C LEU A 23 0.97 6.38 -1.80
N GLY A 24 -0.21 5.83 -2.03
CA GLY A 24 -0.96 6.14 -3.24
C GLY A 24 -1.30 7.61 -3.35
N GLY A 25 -1.91 8.15 -2.30
CA GLY A 25 -2.29 9.55 -2.30
C GLY A 25 -1.08 10.48 -2.33
N THR A 26 0.00 10.05 -1.72
CA THR A 26 1.23 10.85 -1.69
C THR A 26 1.92 10.84 -3.04
N PHE A 27 2.16 9.65 -3.58
CA PHE A 27 2.81 9.50 -4.87
C PHE A 27 2.06 10.26 -5.96
N LEU A 28 0.78 9.98 -6.09
CA LEU A 28 -0.06 10.63 -7.10
C LEU A 28 -0.05 12.14 -6.89
N TYR A 29 -0.24 12.58 -5.66
CA TYR A 29 -0.24 14.00 -5.34
C TYR A 29 1.09 14.65 -5.71
N TRP A 30 2.18 14.03 -5.28
CA TRP A 30 3.52 14.55 -5.55
C TRP A 30 3.73 14.72 -7.05
N ARG A 31 3.46 13.66 -7.81
CA ARG A 31 3.62 13.69 -9.26
C ARG A 31 2.88 14.88 -9.86
N GLY A 32 1.60 14.99 -9.55
CA GLY A 32 0.80 16.08 -10.07
C GLY A 32 1.31 17.43 -9.63
N ARG A 33 1.81 17.51 -8.39
CA ARG A 33 2.33 18.76 -7.85
C ARG A 33 3.56 19.22 -8.64
N ARG A 34 4.65 18.47 -8.53
CA ARG A 34 5.88 18.80 -9.23
C ARG A 34 5.73 18.60 -10.73
N HIS A 35 5.59 17.34 -11.14
CA HIS A 35 5.43 17.01 -12.56
C HIS A 35 6.53 17.65 -13.39
N HIS A 36 7.77 17.44 -12.98
CA HIS A 36 8.93 17.99 -13.69
C HIS A 36 9.87 16.89 -14.16
N HIS A 37 10.87 17.26 -14.95
CA HIS A 37 11.84 16.31 -15.47
C HIS A 37 12.44 15.48 -14.33
N HIS A 38 13.01 16.16 -13.34
CA HIS A 38 13.61 15.48 -12.20
C HIS A 38 14.69 14.50 -12.66
N HIS A 39 15.41 14.87 -13.71
CA HIS A 39 16.47 14.02 -14.25
C HIS A 39 17.58 13.82 -13.23
N HIS A 40 18.33 12.73 -13.37
CA HIS A 40 19.42 12.43 -12.45
C HIS A 40 20.77 12.66 -13.13
N MET B 1 -11.17 -26.92 18.94
CA MET B 1 -11.20 -26.43 17.57
C MET B 1 -11.93 -25.09 17.47
N GLY B 2 -11.46 -24.21 16.60
CA GLY B 2 -12.08 -22.91 16.44
C GLY B 2 -11.26 -21.98 15.57
N ARG B 3 -11.47 -22.03 14.26
CA ARG B 3 -10.74 -21.18 13.33
C ARG B 3 -11.55 -20.94 12.07
N THR B 4 -12.31 -19.85 12.05
CA THR B 4 -13.14 -19.51 10.90
C THR B 4 -12.93 -18.05 10.48
N HIS B 5 -13.01 -17.15 11.45
CA HIS B 5 -12.83 -15.72 11.18
C HIS B 5 -11.40 -15.44 10.71
N LEU B 6 -10.53 -16.43 10.87
CA LEU B 6 -9.14 -16.29 10.46
C LEU B 6 -9.01 -16.26 8.94
N THR B 7 -9.90 -16.98 8.27
CA THR B 7 -9.89 -17.04 6.81
C THR B 7 -10.09 -15.66 6.21
N MET B 8 -11.18 -15.00 6.58
CA MET B 8 -11.48 -13.66 6.07
C MET B 8 -10.40 -12.67 6.49
N ALA B 9 -10.05 -12.68 7.78
CA ALA B 9 -9.04 -11.78 8.30
C ALA B 9 -7.71 -11.98 7.59
N LEU B 10 -7.35 -13.23 7.34
CA LEU B 10 -6.10 -13.55 6.66
C LEU B 10 -6.08 -12.95 5.25
N THR B 11 -7.20 -13.07 4.55
CA THR B 11 -7.29 -12.54 3.19
C THR B 11 -7.08 -11.04 3.18
N VAL B 12 -7.70 -10.34 4.12
CA VAL B 12 -7.58 -8.89 4.21
C VAL B 12 -6.12 -8.48 4.41
N ILE B 13 -5.47 -9.10 5.39
CA ILE B 13 -4.07 -8.80 5.68
C ILE B 13 -3.19 -9.05 4.46
N ALA B 14 -3.32 -10.24 3.88
CA ALA B 14 -2.53 -10.60 2.70
C ALA B 14 -2.82 -9.65 1.54
N GLY B 15 -4.09 -9.32 1.34
CA GLY B 15 -4.47 -8.43 0.26
C GLY B 15 -3.72 -7.11 0.33
N LEU B 16 -3.75 -6.46 1.48
CA LEU B 16 -3.08 -5.18 1.67
C LEU B 16 -1.59 -5.31 1.41
N VAL B 17 -0.97 -6.29 2.06
CA VAL B 17 0.46 -6.52 1.91
C VAL B 17 0.84 -6.67 0.43
N VAL B 18 0.14 -7.55 -0.27
CA VAL B 18 0.41 -7.78 -1.67
C VAL B 18 0.31 -6.49 -2.47
N ILE B 19 -0.61 -5.62 -2.07
CA ILE B 19 -0.80 -4.34 -2.75
C ILE B 19 0.40 -3.43 -2.53
N PHE B 20 0.77 -3.23 -1.27
CA PHE B 20 1.90 -2.38 -0.92
C PHE B 20 3.18 -2.88 -1.59
N MET B 21 3.34 -4.20 -1.62
CA MET B 21 4.53 -4.80 -2.23
C MET B 21 4.48 -4.70 -3.74
N MET B 22 3.39 -5.19 -4.33
CA MET B 22 3.22 -5.15 -5.78
C MET B 22 3.30 -3.71 -6.30
N LEU B 23 2.50 -2.83 -5.70
CA LEU B 23 2.47 -1.43 -6.10
C LEU B 23 3.88 -0.82 -6.04
N GLY B 24 4.53 -1.00 -4.90
CA GLY B 24 5.87 -0.47 -4.73
C GLY B 24 6.86 -1.04 -5.73
N GLY B 25 6.90 -2.37 -5.82
CA GLY B 25 7.81 -3.02 -6.74
C GLY B 25 7.48 -2.73 -8.19
N THR B 26 6.18 -2.56 -8.48
CA THR B 26 5.73 -2.27 -9.84
C THR B 26 6.05 -0.83 -10.23
N PHE B 27 5.65 0.11 -9.39
CA PHE B 27 5.89 1.53 -9.65
C PHE B 27 7.38 1.79 -9.84
N LEU B 28 8.18 1.40 -8.85
CA LEU B 28 9.63 1.61 -8.91
C LEU B 28 10.22 0.94 -10.15
N TYR B 29 9.81 -0.31 -10.40
CA TYR B 29 10.30 -1.05 -11.55
C TYR B 29 9.95 -0.33 -12.85
N TRP B 30 8.68 0.04 -12.99
CA TRP B 30 8.22 0.73 -14.18
C TRP B 30 9.03 2.00 -14.42
N ARG B 31 9.13 2.84 -13.41
CA ARG B 31 9.88 4.09 -13.51
C ARG B 31 11.29 3.84 -14.03
N GLY B 32 12.01 2.94 -13.36
CA GLY B 32 13.37 2.62 -13.77
C GLY B 32 13.42 1.94 -15.12
N ARG B 33 12.28 1.39 -15.55
CA ARG B 33 12.21 0.70 -16.84
C ARG B 33 12.19 1.69 -17.99
N ARG B 34 11.11 2.48 -18.07
CA ARG B 34 10.98 3.47 -19.13
C ARG B 34 10.76 4.86 -18.54
N HIS B 35 11.79 5.39 -17.88
CA HIS B 35 11.71 6.72 -17.28
C HIS B 35 13.03 7.07 -16.59
N HIS B 36 14.13 6.62 -17.16
CA HIS B 36 15.45 6.89 -16.60
C HIS B 36 15.92 8.30 -16.98
N HIS B 37 16.00 8.56 -18.28
CA HIS B 37 16.44 9.87 -18.76
C HIS B 37 15.30 10.58 -19.51
N HIS B 38 14.20 10.82 -18.81
CA HIS B 38 13.05 11.48 -19.40
C HIS B 38 13.43 12.88 -19.90
N HIS B 39 12.94 13.23 -21.08
CA HIS B 39 13.23 14.54 -21.66
C HIS B 39 12.19 14.91 -22.71
N HIS B 40 12.10 14.09 -23.76
CA HIS B 40 11.14 14.33 -24.83
C HIS B 40 10.49 13.03 -25.28
N MET A 1 -12.25 -16.21 24.57
CA MET A 1 -12.46 -16.19 23.13
C MET A 1 -11.33 -15.45 22.43
N GLY A 2 -10.67 -14.55 23.15
CA GLY A 2 -9.57 -13.80 22.57
C GLY A 2 -10.00 -12.42 22.10
N ARG A 3 -9.77 -11.42 22.95
CA ARG A 3 -10.13 -10.05 22.62
C ARG A 3 -8.90 -9.15 22.57
N THR A 4 -7.83 -9.57 23.26
CA THR A 4 -6.59 -8.81 23.29
C THR A 4 -5.82 -8.94 21.98
N HIS A 5 -5.97 -10.10 21.33
CA HIS A 5 -5.30 -10.35 20.06
C HIS A 5 -5.77 -9.38 18.98
N LEU A 6 -6.89 -8.70 19.26
CA LEU A 6 -7.45 -7.75 18.32
C LEU A 6 -6.58 -6.50 18.21
N THR A 7 -5.93 -6.14 19.32
CA THR A 7 -5.07 -4.98 19.36
C THR A 7 -3.92 -5.10 18.35
N MET A 8 -3.19 -6.20 18.45
CA MET A 8 -2.06 -6.45 17.55
C MET A 8 -2.55 -6.60 16.11
N ALA A 9 -3.56 -7.44 15.91
CA ALA A 9 -4.11 -7.68 14.58
C ALA A 9 -4.60 -6.37 13.96
N LEU A 10 -5.25 -5.54 14.77
CA LEU A 10 -5.78 -4.26 14.30
C LEU A 10 -4.65 -3.36 13.80
N THR A 11 -3.55 -3.32 14.55
CA THR A 11 -2.40 -2.50 14.19
C THR A 11 -1.82 -2.93 12.84
N VAL A 12 -1.70 -4.25 12.65
CA VAL A 12 -1.17 -4.78 11.40
C VAL A 12 -2.04 -4.40 10.21
N ILE A 13 -3.34 -4.64 10.34
CA ILE A 13 -4.28 -4.31 9.27
C ILE A 13 -4.29 -2.81 8.99
N ALA A 14 -4.40 -2.02 10.05
CA ALA A 14 -4.42 -0.57 9.92
C ALA A 14 -3.11 -0.06 9.30
N GLY A 15 -2.00 -0.61 9.76
CA GLY A 15 -0.70 -0.20 9.25
C GLY A 15 -0.60 -0.35 7.74
N LEU A 16 -0.95 -1.52 7.23
CA LEU A 16 -0.89 -1.80 5.81
C LEU A 16 -1.79 -0.83 5.04
N VAL A 17 -3.04 -0.71 5.49
CA VAL A 17 -4.00 0.19 4.84
C VAL A 17 -3.45 1.60 4.74
N VAL A 18 -2.99 2.13 5.88
CA VAL A 18 -2.44 3.48 5.92
C VAL A 18 -1.31 3.65 4.91
N ILE A 19 -0.52 2.59 4.74
CA ILE A 19 0.59 2.62 3.79
C ILE A 19 0.10 2.73 2.35
N PHE A 20 -0.80 1.82 1.98
CA PHE A 20 -1.35 1.80 0.63
C PHE A 20 -2.05 3.13 0.32
N MET A 21 -2.77 3.65 1.29
CA MET A 21 -3.48 4.92 1.12
C MET A 21 -2.52 6.09 1.06
N MET A 22 -1.68 6.21 2.09
CA MET A 22 -0.70 7.29 2.16
C MET A 22 0.21 7.27 0.93
N LEU A 23 0.82 6.12 0.67
CA LEU A 23 1.72 5.96 -0.47
C LEU A 23 1.02 6.37 -1.77
N GLY A 24 -0.17 5.82 -1.99
CA GLY A 24 -0.93 6.14 -3.18
C GLY A 24 -1.25 7.61 -3.30
N GLY A 25 -1.84 8.17 -2.24
CA GLY A 25 -2.19 9.58 -2.25
C GLY A 25 -0.98 10.48 -2.27
N THR A 26 0.12 10.03 -1.66
CA THR A 26 1.35 10.81 -1.62
C THR A 26 2.05 10.81 -2.98
N PHE A 27 2.24 9.62 -3.53
CA PHE A 27 2.90 9.48 -4.82
C PHE A 27 2.17 10.28 -5.90
N LEU A 28 0.88 10.02 -6.04
CA LEU A 28 0.05 10.71 -7.02
C LEU A 28 0.11 12.22 -6.80
N TYR A 29 -0.08 12.64 -5.55
CA TYR A 29 -0.06 14.06 -5.20
C TYR A 29 1.29 14.68 -5.55
N TRP A 30 2.36 14.02 -5.14
CA TRP A 30 3.71 14.52 -5.41
C TRP A 30 3.93 14.71 -6.91
N ARG A 31 3.64 13.66 -7.68
CA ARG A 31 3.82 13.71 -9.13
C ARG A 31 3.11 14.93 -9.71
N GLY A 32 1.82 15.06 -9.40
CA GLY A 32 1.05 16.17 -9.92
C GLY A 32 1.56 17.51 -9.41
N ARG A 33 1.96 17.55 -8.15
CA ARG A 33 2.47 18.78 -7.54
C ARG A 33 3.63 19.34 -8.37
N ARG A 34 4.66 18.52 -8.58
CA ARG A 34 5.82 18.94 -9.35
C ARG A 34 5.42 19.38 -10.75
N HIS A 35 4.31 18.85 -11.24
CA HIS A 35 3.81 19.18 -12.56
C HIS A 35 3.23 20.59 -12.59
N HIS A 36 3.08 21.19 -11.40
CA HIS A 36 2.54 22.54 -11.29
C HIS A 36 1.41 22.76 -12.29
N HIS A 37 0.55 21.76 -12.41
CA HIS A 37 -0.59 21.83 -13.33
C HIS A 37 -1.91 21.77 -12.57
N HIS A 38 -1.90 21.12 -11.40
CA HIS A 38 -3.09 21.00 -10.58
C HIS A 38 -3.27 22.22 -9.70
N HIS A 39 -2.17 22.86 -9.33
CA HIS A 39 -2.20 24.05 -8.49
C HIS A 39 -2.77 23.72 -7.12
N HIS A 40 -2.09 22.85 -6.39
CA HIS A 40 -2.54 22.45 -5.06
C HIS A 40 -1.33 22.28 -4.12
N MET B 1 -10.11 -27.82 17.51
CA MET B 1 -10.33 -27.36 16.15
C MET B 1 -11.19 -26.10 16.13
N GLY B 2 -10.54 -24.95 15.93
CA GLY B 2 -11.26 -23.69 15.91
C GLY B 2 -10.52 -22.63 15.11
N ARG B 3 -10.78 -22.57 13.81
CA ARG B 3 -10.14 -21.59 12.94
C ARG B 3 -11.01 -21.30 11.72
N THR B 4 -11.84 -20.26 11.82
CA THR B 4 -12.71 -19.88 10.73
C THR B 4 -12.54 -18.41 10.37
N HIS B 5 -12.61 -17.55 11.38
CA HIS B 5 -12.47 -16.11 11.17
C HIS B 5 -11.06 -15.79 10.66
N LEU B 6 -10.17 -16.76 10.74
CA LEU B 6 -8.79 -16.58 10.28
C LEU B 6 -8.73 -16.50 8.77
N THR B 7 -9.62 -17.21 8.10
CA THR B 7 -9.68 -17.22 6.64
C THR B 7 -9.92 -15.81 6.09
N MET B 8 -11.00 -15.19 6.54
CA MET B 8 -11.33 -13.84 6.09
C MET B 8 -10.26 -12.84 6.51
N ALA B 9 -9.87 -12.89 7.78
CA ALA B 9 -8.86 -11.99 8.30
C ALA B 9 -7.54 -12.14 7.54
N LEU B 10 -7.18 -13.38 7.22
CA LEU B 10 -5.96 -13.65 6.48
C LEU B 10 -5.99 -13.02 5.11
N THR B 11 -7.13 -13.12 4.44
CA THR B 11 -7.30 -12.55 3.10
C THR B 11 -7.10 -11.04 3.13
N VAL B 12 -7.69 -10.38 4.13
CA VAL B 12 -7.59 -8.94 4.27
C VAL B 12 -6.14 -8.51 4.45
N ILE B 13 -5.46 -9.15 5.41
CA ILE B 13 -4.06 -8.83 5.69
C ILE B 13 -3.18 -9.09 4.48
N ALA B 14 -3.34 -10.27 3.88
CA ALA B 14 -2.57 -10.65 2.71
C ALA B 14 -2.84 -9.69 1.54
N GLY B 15 -4.12 -9.36 1.35
CA GLY B 15 -4.48 -8.47 0.27
C GLY B 15 -3.75 -7.14 0.34
N LEU B 16 -3.79 -6.50 1.51
CA LEU B 16 -3.13 -5.21 1.70
C LEU B 16 -1.63 -5.33 1.43
N VAL B 17 -1.00 -6.33 2.05
CA VAL B 17 0.43 -6.55 1.88
C VAL B 17 0.79 -6.68 0.41
N VAL B 18 0.09 -7.56 -0.30
CA VAL B 18 0.33 -7.78 -1.71
C VAL B 18 0.24 -6.48 -2.49
N ILE B 19 -0.67 -5.61 -2.09
CA ILE B 19 -0.85 -4.32 -2.75
C ILE B 19 0.35 -3.42 -2.53
N PHE B 20 0.73 -3.23 -1.28
CA PHE B 20 1.88 -2.39 -0.93
C PHE B 20 3.14 -2.89 -1.61
N MET B 21 3.30 -4.22 -1.65
CA MET B 21 4.48 -4.83 -2.27
C MET B 21 4.42 -4.71 -3.78
N MET B 22 3.33 -5.19 -4.37
CA MET B 22 3.14 -5.14 -5.82
C MET B 22 3.24 -3.70 -6.32
N LEU B 23 2.44 -2.82 -5.72
CA LEU B 23 2.42 -1.42 -6.12
C LEU B 23 3.82 -0.82 -6.04
N GLY B 24 4.50 -1.03 -4.92
CA GLY B 24 5.84 -0.51 -4.75
C GLY B 24 6.82 -1.07 -5.76
N GLY B 25 6.85 -2.39 -5.88
CA GLY B 25 7.75 -3.03 -6.82
C GLY B 25 7.39 -2.73 -8.26
N THR B 26 6.10 -2.55 -8.52
CA THR B 26 5.62 -2.26 -9.87
C THR B 26 5.95 -0.83 -10.26
N PHE B 27 5.58 0.13 -9.41
CA PHE B 27 5.83 1.53 -9.67
C PHE B 27 7.31 1.78 -9.90
N LEU B 28 8.14 1.39 -8.94
CA LEU B 28 9.58 1.56 -9.04
C LEU B 28 10.13 0.89 -10.29
N TYR B 29 9.71 -0.34 -10.52
CA TYR B 29 10.16 -1.10 -11.69
C TYR B 29 9.79 -0.38 -12.98
N TRP B 30 8.53 0.02 -13.08
CA TRP B 30 8.03 0.71 -14.26
C TRP B 30 8.84 1.98 -14.52
N ARG B 31 8.96 2.83 -13.50
CA ARG B 31 9.71 4.08 -13.62
C ARG B 31 11.11 3.81 -14.17
N GLY B 32 11.84 2.92 -13.51
CA GLY B 32 13.19 2.59 -13.94
C GLY B 32 13.22 1.90 -15.29
N ARG B 33 12.10 1.27 -15.66
CA ARG B 33 12.00 0.57 -16.92
C ARG B 33 11.99 1.55 -18.09
N ARG B 34 10.92 2.33 -18.18
CA ARG B 34 10.78 3.31 -19.26
C ARG B 34 10.70 4.73 -18.68
N HIS B 35 10.10 4.85 -17.50
CA HIS B 35 9.95 6.15 -16.86
C HIS B 35 8.93 7.02 -17.59
N HIS B 36 9.27 7.44 -18.80
CA HIS B 36 8.39 8.27 -19.60
C HIS B 36 8.14 9.61 -18.92
N HIS B 37 7.72 10.60 -19.71
CA HIS B 37 7.45 11.94 -19.18
C HIS B 37 6.33 11.88 -18.14
N HIS B 38 6.22 12.94 -17.34
CA HIS B 38 5.20 13.02 -16.31
C HIS B 38 3.82 12.74 -16.89
N HIS B 39 2.85 12.47 -16.02
CA HIS B 39 1.48 12.19 -16.45
C HIS B 39 0.61 13.43 -16.33
N HIS B 40 0.20 13.97 -17.47
CA HIS B 40 -0.64 15.16 -17.49
C HIS B 40 -1.91 14.94 -16.67
N MET A 1 -11.51 -15.13 25.49
CA MET A 1 -11.45 -15.46 24.07
C MET A 1 -10.25 -14.81 23.41
N GLY A 2 -10.23 -13.49 23.37
CA GLY A 2 -9.11 -12.77 22.77
C GLY A 2 -9.44 -11.30 22.52
N ARG A 3 -9.12 -10.46 23.49
CA ARG A 3 -9.38 -9.03 23.38
C ARG A 3 -8.08 -8.24 23.40
N THR A 4 -7.00 -8.89 23.82
CA THR A 4 -5.69 -8.24 23.89
C THR A 4 -4.95 -8.38 22.56
N HIS A 5 -4.94 -9.59 22.01
CA HIS A 5 -4.27 -9.86 20.74
C HIS A 5 -4.84 -8.97 19.64
N LEU A 6 -5.99 -8.38 19.89
CA LEU A 6 -6.65 -7.52 18.91
C LEU A 6 -5.86 -6.22 18.72
N THR A 7 -5.23 -5.76 19.79
CA THR A 7 -4.44 -4.53 19.74
C THR A 7 -3.31 -4.65 18.74
N MET A 8 -2.49 -5.69 18.88
CA MET A 8 -1.36 -5.91 17.99
C MET A 8 -1.85 -6.17 16.56
N ALA A 9 -2.81 -7.08 16.42
CA ALA A 9 -3.36 -7.42 15.11
C ALA A 9 -3.95 -6.18 14.43
N LEU A 10 -4.63 -5.34 15.21
CA LEU A 10 -5.24 -4.13 14.68
C LEU A 10 -4.18 -3.18 14.13
N THR A 11 -3.09 -3.02 14.88
CA THR A 11 -2.00 -2.14 14.47
C THR A 11 -1.42 -2.60 13.14
N VAL A 12 -1.22 -3.90 12.99
CA VAL A 12 -0.66 -4.46 11.77
C VAL A 12 -1.57 -4.19 10.57
N ILE A 13 -2.85 -4.54 10.71
CA ILE A 13 -3.82 -4.32 9.64
C ILE A 13 -3.93 -2.85 9.29
N ALA A 14 -4.01 -2.00 10.32
CA ALA A 14 -4.13 -0.57 10.12
C ALA A 14 -2.87 -0.01 9.46
N GLY A 15 -1.71 -0.51 9.87
CA GLY A 15 -0.46 -0.05 9.31
C GLY A 15 -0.38 -0.26 7.81
N LEU A 16 -0.66 -1.50 7.38
CA LEU A 16 -0.60 -1.83 5.97
C LEU A 16 -1.58 -0.97 5.16
N VAL A 17 -2.81 -0.83 5.69
CA VAL A 17 -3.82 -0.04 5.03
C VAL A 17 -3.38 1.41 4.85
N VAL A 18 -2.96 2.03 5.95
CA VAL A 18 -2.50 3.42 5.92
C VAL A 18 -1.38 3.60 4.90
N ILE A 19 -0.57 2.55 4.74
CA ILE A 19 0.55 2.60 3.79
C ILE A 19 0.05 2.69 2.36
N PHE A 20 -0.84 1.76 1.99
CA PHE A 20 -1.39 1.73 0.64
C PHE A 20 -2.11 3.05 0.32
N MET A 21 -2.84 3.57 1.29
CA MET A 21 -3.58 4.82 1.12
C MET A 21 -2.62 6.00 1.05
N MET A 22 -1.80 6.14 2.09
CA MET A 22 -0.83 7.24 2.15
C MET A 22 0.08 7.23 0.93
N LEU A 23 0.72 6.08 0.67
CA LEU A 23 1.61 5.95 -0.47
C LEU A 23 0.91 6.32 -1.77
N GLY A 24 -0.28 5.77 -1.97
CA GLY A 24 -1.04 6.06 -3.18
C GLY A 24 -1.38 7.53 -3.30
N GLY A 25 -1.99 8.09 -2.25
CA GLY A 25 -2.37 9.48 -2.27
C GLY A 25 -1.17 10.40 -2.31
N THR A 26 -0.07 9.98 -1.69
CA THR A 26 1.14 10.78 -1.65
C THR A 26 1.84 10.78 -3.01
N PHE A 27 2.11 9.59 -3.52
CA PHE A 27 2.77 9.45 -4.81
C PHE A 27 2.02 10.20 -5.90
N LEU A 28 0.73 9.89 -6.04
CA LEU A 28 -0.11 10.55 -7.05
C LEU A 28 -0.09 12.06 -6.86
N TYR A 29 -0.31 12.50 -5.64
CA TYR A 29 -0.33 13.93 -5.32
C TYR A 29 1.00 14.58 -5.68
N TRP A 30 2.09 13.97 -5.24
CA TRP A 30 3.43 14.49 -5.51
C TRP A 30 3.65 14.65 -7.01
N ARG A 31 3.39 13.60 -7.76
CA ARG A 31 3.56 13.63 -9.21
C ARG A 31 2.83 14.82 -9.83
N GLY A 32 1.54 14.93 -9.51
CA GLY A 32 0.74 16.02 -10.04
C GLY A 32 1.24 17.38 -9.57
N ARG A 33 1.60 17.47 -8.30
CA ARG A 33 2.09 18.72 -7.73
C ARG A 33 3.23 19.28 -8.57
N ARG A 34 4.24 18.46 -8.82
CA ARG A 34 5.40 18.88 -9.61
C ARG A 34 4.99 19.13 -11.06
N HIS A 35 4.32 18.16 -11.66
CA HIS A 35 3.88 18.28 -13.05
C HIS A 35 5.03 18.68 -13.96
N HIS A 36 6.17 18.00 -13.80
CA HIS A 36 7.35 18.28 -14.61
C HIS A 36 7.71 19.76 -14.54
N HIS A 37 8.12 20.22 -13.36
CA HIS A 37 8.49 21.62 -13.16
C HIS A 37 9.51 21.75 -12.03
N HIS A 38 10.29 22.83 -12.07
CA HIS A 38 11.30 23.07 -11.04
C HIS A 38 11.13 24.47 -10.45
N HIS A 39 11.11 24.55 -9.12
CA HIS A 39 10.96 25.82 -8.44
C HIS A 39 12.00 25.96 -7.32
N HIS A 40 12.15 27.19 -6.82
CA HIS A 40 13.12 27.46 -5.75
C HIS A 40 12.40 27.73 -4.44
N MET B 1 -12.68 -29.21 15.44
CA MET B 1 -12.00 -28.37 14.46
C MET B 1 -12.90 -27.23 14.00
N GLY B 2 -12.29 -26.07 13.76
CA GLY B 2 -13.06 -24.92 13.31
C GLY B 2 -12.27 -24.03 12.37
N ARG B 3 -11.87 -22.86 12.85
CA ARG B 3 -11.10 -21.92 12.04
C ARG B 3 -11.85 -21.60 10.75
N THR B 4 -12.66 -20.55 10.77
CA THR B 4 -13.42 -20.14 9.61
C THR B 4 -13.22 -18.65 9.31
N HIS B 5 -13.44 -17.82 10.32
CA HIS B 5 -13.29 -16.37 10.17
C HIS B 5 -11.85 -16.03 9.77
N LEU B 6 -10.95 -16.98 9.94
CA LEU B 6 -9.55 -16.78 9.60
C LEU B 6 -9.36 -16.67 8.09
N THR B 7 -10.18 -17.40 7.34
CA THR B 7 -10.11 -17.38 5.89
C THR B 7 -10.33 -15.97 5.34
N MET B 8 -11.45 -15.37 5.71
CA MET B 8 -11.78 -14.03 5.25
C MET B 8 -10.76 -13.01 5.75
N ALA B 9 -10.47 -13.06 7.05
CA ALA B 9 -9.51 -12.16 7.66
C ALA B 9 -8.15 -12.28 6.99
N LEU B 10 -7.74 -13.51 6.70
CA LEU B 10 -6.46 -13.77 6.06
C LEU B 10 -6.40 -13.11 4.67
N THR B 11 -7.47 -13.26 3.91
CA THR B 11 -7.55 -12.68 2.57
C THR B 11 -7.38 -11.17 2.62
N VAL B 12 -8.04 -10.53 3.58
CA VAL B 12 -7.97 -9.08 3.74
C VAL B 12 -6.53 -8.64 4.04
N ILE B 13 -5.94 -9.24 5.06
CA ILE B 13 -4.57 -8.90 5.45
C ILE B 13 -3.60 -9.16 4.31
N ALA B 14 -3.74 -10.31 3.65
CA ALA B 14 -2.87 -10.67 2.54
C ALA B 14 -3.06 -9.72 1.37
N GLY B 15 -4.32 -9.34 1.12
CA GLY B 15 -4.61 -8.44 0.02
C GLY B 15 -3.90 -7.10 0.16
N LEU B 16 -4.05 -6.48 1.32
CA LEU B 16 -3.43 -5.18 1.58
C LEU B 16 -1.90 -5.28 1.45
N VAL B 17 -1.34 -6.32 2.03
CA VAL B 17 0.11 -6.54 1.98
C VAL B 17 0.59 -6.66 0.54
N VAL B 18 -0.02 -7.57 -0.22
CA VAL B 18 0.34 -7.78 -1.61
C VAL B 18 0.27 -6.48 -2.40
N ILE B 19 -0.66 -5.61 -2.01
CA ILE B 19 -0.83 -4.33 -2.69
C ILE B 19 0.38 -3.42 -2.46
N PHE B 20 0.74 -3.23 -1.20
CA PHE B 20 1.87 -2.39 -0.85
C PHE B 20 3.15 -2.90 -1.50
N MET B 21 3.31 -4.22 -1.52
CA MET B 21 4.50 -4.84 -2.11
C MET B 21 4.46 -4.72 -3.63
N MET B 22 3.38 -5.22 -4.23
CA MET B 22 3.22 -5.18 -5.68
C MET B 22 3.31 -3.75 -6.20
N LEU B 23 2.50 -2.86 -5.63
CA LEU B 23 2.50 -1.46 -6.04
C LEU B 23 3.89 -0.86 -5.94
N GLY B 24 4.54 -1.07 -4.80
CA GLY B 24 5.88 -0.54 -4.60
C GLY B 24 6.88 -1.09 -5.60
N GLY B 25 6.93 -2.42 -5.71
CA GLY B 25 7.85 -3.06 -6.63
C GLY B 25 7.51 -2.77 -8.08
N THR B 26 6.22 -2.61 -8.36
CA THR B 26 5.77 -2.32 -9.71
C THR B 26 6.09 -0.89 -10.11
N PHE B 27 5.65 0.06 -9.29
CA PHE B 27 5.89 1.48 -9.56
C PHE B 27 7.39 1.75 -9.76
N LEU B 28 8.18 1.38 -8.76
CA LEU B 28 9.62 1.58 -8.81
C LEU B 28 10.22 0.92 -10.05
N TYR B 29 9.84 -0.34 -10.28
CA TYR B 29 10.35 -1.08 -11.43
C TYR B 29 9.99 -0.38 -12.73
N TRP B 30 8.72 0.00 -12.87
CA TRP B 30 8.25 0.68 -14.07
C TRP B 30 9.06 1.96 -14.32
N ARG B 31 9.15 2.80 -13.30
CA ARG B 31 9.89 4.05 -13.41
C ARG B 31 11.30 3.80 -13.93
N GLY B 32 12.03 2.91 -13.26
CA GLY B 32 13.39 2.59 -13.67
C GLY B 32 13.45 2.02 -15.06
N ARG B 33 12.49 1.17 -15.40
CA ARG B 33 12.44 0.54 -16.72
C ARG B 33 12.38 1.60 -17.82
N ARG B 34 11.24 2.27 -17.91
CA ARG B 34 11.05 3.31 -18.91
C ARG B 34 10.82 4.67 -18.26
N HIS B 35 11.85 5.21 -17.63
CA HIS B 35 11.76 6.50 -16.96
C HIS B 35 11.34 7.58 -17.95
N HIS B 36 11.82 7.47 -19.19
CA HIS B 36 11.50 8.45 -20.21
C HIS B 36 9.99 8.59 -20.38
N HIS B 37 9.58 9.56 -21.18
CA HIS B 37 8.16 9.81 -21.43
C HIS B 37 7.45 10.18 -20.13
N HIS B 38 6.20 10.62 -20.25
CA HIS B 38 5.40 11.00 -19.09
C HIS B 38 4.28 10.00 -18.85
N HIS B 39 3.49 10.25 -17.80
CA HIS B 39 2.39 9.37 -17.46
C HIS B 39 1.04 10.04 -17.74
N HIS B 40 -0.02 9.25 -17.81
CA HIS B 40 -1.35 9.76 -18.08
C HIS B 40 -2.30 9.43 -16.93
N MET A 1 -10.52 -17.38 17.88
CA MET A 1 -11.07 -16.47 18.89
C MET A 1 -9.97 -15.61 19.50
N GLY A 2 -10.36 -14.73 20.43
CA GLY A 2 -9.40 -13.86 21.07
C GLY A 2 -9.93 -12.45 21.28
N ARG A 3 -9.55 -11.83 22.38
CA ARG A 3 -9.99 -10.48 22.69
C ARG A 3 -8.81 -9.52 22.76
N THR A 4 -7.64 -10.05 23.12
CA THR A 4 -6.43 -9.24 23.23
C THR A 4 -5.63 -9.28 21.93
N HIS A 5 -5.68 -10.41 21.25
CA HIS A 5 -4.97 -10.58 19.99
C HIS A 5 -5.51 -9.63 18.92
N LEU A 6 -6.66 -9.03 19.20
CA LEU A 6 -7.28 -8.11 18.26
C LEU A 6 -6.48 -6.81 18.17
N THR A 7 -5.86 -6.42 19.28
CA THR A 7 -5.07 -5.20 19.32
C THR A 7 -3.91 -5.25 18.33
N MET A 8 -3.11 -6.31 18.41
CA MET A 8 -1.98 -6.48 17.52
C MET A 8 -2.44 -6.65 16.08
N ALA A 9 -3.41 -7.53 15.87
CA ALA A 9 -3.94 -7.77 14.54
C ALA A 9 -4.51 -6.50 13.92
N LEU A 10 -5.21 -5.72 14.74
CA LEU A 10 -5.80 -4.47 14.27
C LEU A 10 -4.72 -3.50 13.78
N THR A 11 -3.64 -3.41 14.54
CA THR A 11 -2.53 -2.53 14.19
C THR A 11 -1.93 -2.91 12.84
N VAL A 12 -1.73 -4.21 12.63
CA VAL A 12 -1.17 -4.71 11.38
C VAL A 12 -2.04 -4.32 10.20
N ILE A 13 -3.34 -4.62 10.31
CA ILE A 13 -4.28 -4.31 9.24
C ILE A 13 -4.31 -2.81 8.94
N ALA A 14 -4.45 -2.01 9.99
CA ALA A 14 -4.48 -0.56 9.85
C ALA A 14 -3.19 -0.04 9.24
N GLY A 15 -2.06 -0.56 9.73
CA GLY A 15 -0.77 -0.14 9.22
C GLY A 15 -0.66 -0.28 7.72
N LEU A 16 -0.99 -1.47 7.21
CA LEU A 16 -0.92 -1.72 5.78
C LEU A 16 -1.83 -0.78 5.01
N VAL A 17 -3.09 -0.70 5.43
CA VAL A 17 -4.06 0.18 4.79
C VAL A 17 -3.54 1.60 4.69
N VAL A 18 -3.10 2.15 5.81
CA VAL A 18 -2.56 3.50 5.85
C VAL A 18 -1.42 3.68 4.85
N ILE A 19 -0.62 2.64 4.70
CA ILE A 19 0.50 2.67 3.77
C ILE A 19 0.02 2.76 2.33
N PHE A 20 -0.85 1.84 1.94
CA PHE A 20 -1.39 1.81 0.58
C PHE A 20 -2.10 3.12 0.25
N MET A 21 -2.84 3.64 1.22
CA MET A 21 -3.57 4.89 1.03
C MET A 21 -2.62 6.08 0.97
N MET A 22 -1.78 6.21 2.01
CA MET A 22 -0.83 7.31 2.07
C MET A 22 0.10 7.29 0.87
N LEU A 23 0.73 6.14 0.61
CA LEU A 23 1.64 5.99 -0.51
C LEU A 23 0.95 6.38 -1.82
N GLY A 24 -0.24 5.82 -2.03
CA GLY A 24 -0.98 6.12 -3.25
C GLY A 24 -1.30 7.59 -3.38
N GLY A 25 -1.91 8.16 -2.34
CA GLY A 25 -2.27 9.56 -2.37
C GLY A 25 -1.07 10.47 -2.39
N THR A 26 0.02 10.03 -1.76
CA THR A 26 1.24 10.82 -1.70
C THR A 26 1.96 10.80 -3.05
N PHE A 27 2.19 9.62 -3.59
CA PHE A 27 2.86 9.47 -4.87
C PHE A 27 2.14 10.27 -5.95
N LEU A 28 0.85 10.01 -6.12
CA LEU A 28 0.05 10.70 -7.12
C LEU A 28 0.08 12.21 -6.90
N TYR A 29 -0.15 12.63 -5.66
CA TYR A 29 -0.14 14.05 -5.31
C TYR A 29 1.21 14.68 -5.65
N TRP A 30 2.28 14.03 -5.23
CA TRP A 30 3.63 14.53 -5.47
C TRP A 30 3.88 14.70 -6.97
N ARG A 31 3.62 13.63 -7.74
CA ARG A 31 3.81 13.67 -9.18
C ARG A 31 3.05 14.82 -9.81
N GLY A 32 1.91 15.16 -9.21
CA GLY A 32 1.09 16.24 -9.73
C GLY A 32 1.62 17.61 -9.31
N ARG A 33 1.74 17.82 -8.00
CA ARG A 33 2.23 19.09 -7.48
C ARG A 33 3.56 19.47 -8.13
N ARG A 34 4.31 18.46 -8.55
CA ARG A 34 5.61 18.69 -9.18
C ARG A 34 5.45 19.47 -10.49
N HIS A 35 4.50 19.05 -11.31
CA HIS A 35 4.24 19.71 -12.59
C HIS A 35 3.45 20.99 -12.38
N HIS A 36 2.65 21.03 -11.31
CA HIS A 36 1.85 22.21 -11.01
C HIS A 36 2.73 23.36 -10.54
N HIS A 37 3.81 23.04 -9.85
CA HIS A 37 4.73 24.05 -9.34
C HIS A 37 5.84 24.32 -10.36
N HIS A 38 6.62 25.37 -10.10
CA HIS A 38 7.71 25.74 -10.99
C HIS A 38 9.04 25.17 -10.49
N HIS A 39 10.04 25.14 -11.36
CA HIS A 39 11.35 24.62 -11.01
C HIS A 39 12.27 25.74 -10.55
N HIS A 40 12.08 26.93 -11.12
CA HIS A 40 12.90 28.09 -10.78
C HIS A 40 12.35 28.78 -9.54
N MET B 1 -9.95 -26.24 18.85
CA MET B 1 -10.93 -26.38 17.78
C MET B 1 -11.72 -25.08 17.60
N GLY B 2 -11.22 -24.20 16.74
CA GLY B 2 -11.89 -22.94 16.50
C GLY B 2 -11.08 -22.00 15.62
N ARG B 3 -11.31 -22.07 14.32
CA ARG B 3 -10.59 -21.23 13.37
C ARG B 3 -11.40 -21.01 12.11
N THR B 4 -12.18 -19.93 12.08
CA THR B 4 -13.01 -19.60 10.94
C THR B 4 -12.81 -18.15 10.50
N HIS B 5 -12.91 -17.23 11.46
CA HIS B 5 -12.73 -15.81 11.18
C HIS B 5 -11.32 -15.51 10.71
N LEU B 6 -10.43 -16.50 10.86
CA LEU B 6 -9.03 -16.34 10.46
C LEU B 6 -8.91 -16.32 8.94
N THR B 7 -9.79 -17.05 8.27
CA THR B 7 -9.78 -17.11 6.81
C THR B 7 -9.98 -15.72 6.20
N MET B 8 -11.09 -15.07 6.57
CA MET B 8 -11.39 -13.75 6.07
C MET B 8 -10.33 -12.74 6.49
N ALA B 9 -9.99 -12.75 7.78
CA ALA B 9 -8.98 -11.84 8.31
C ALA B 9 -7.64 -12.02 7.58
N LEU B 10 -7.28 -13.27 7.34
CA LEU B 10 -6.03 -13.58 6.67
C LEU B 10 -6.00 -12.99 5.26
N THR B 11 -7.12 -13.12 4.55
CA THR B 11 -7.23 -12.59 3.20
C THR B 11 -7.02 -11.07 3.18
N VAL B 12 -7.65 -10.38 4.12
CA VAL B 12 -7.53 -8.94 4.21
C VAL B 12 -6.09 -8.51 4.42
N ILE B 13 -5.43 -9.12 5.40
CA ILE B 13 -4.04 -8.81 5.70
C ILE B 13 -3.15 -9.06 4.49
N ALA B 14 -3.28 -10.24 3.90
CA ALA B 14 -2.49 -10.61 2.74
C ALA B 14 -2.76 -9.68 1.57
N GLY B 15 -4.03 -9.36 1.35
CA GLY B 15 -4.40 -8.47 0.27
C GLY B 15 -3.67 -7.15 0.33
N LEU B 16 -3.72 -6.49 1.48
CA LEU B 16 -3.05 -5.21 1.67
C LEU B 16 -1.55 -5.33 1.43
N VAL B 17 -0.93 -6.30 2.09
CA VAL B 17 0.50 -6.52 1.95
C VAL B 17 0.88 -6.67 0.48
N VAL B 18 0.19 -7.55 -0.23
CA VAL B 18 0.47 -7.79 -1.64
C VAL B 18 0.38 -6.50 -2.44
N ILE B 19 -0.56 -5.63 -2.05
CA ILE B 19 -0.76 -4.36 -2.73
C ILE B 19 0.44 -3.43 -2.51
N PHE B 20 0.80 -3.24 -1.25
CA PHE B 20 1.93 -2.37 -0.90
C PHE B 20 3.22 -2.87 -1.55
N MET B 21 3.39 -4.19 -1.58
CA MET B 21 4.57 -4.80 -2.18
C MET B 21 4.53 -4.69 -3.69
N MET B 22 3.45 -5.19 -4.29
CA MET B 22 3.29 -5.15 -5.74
C MET B 22 3.36 -3.72 -6.25
N LEU B 23 2.55 -2.84 -5.68
CA LEU B 23 2.53 -1.44 -6.08
C LEU B 23 3.92 -0.82 -6.00
N GLY B 24 4.58 -1.02 -4.87
CA GLY B 24 5.93 -0.49 -4.69
C GLY B 24 6.91 -1.03 -5.70
N GLY B 25 6.97 -2.36 -5.81
CA GLY B 25 7.89 -2.98 -6.74
C GLY B 25 7.52 -2.69 -8.19
N THR B 26 6.23 -2.54 -8.45
CA THR B 26 5.75 -2.26 -9.81
C THR B 26 6.06 -0.82 -10.21
N PHE B 27 5.66 0.12 -9.36
CA PHE B 27 5.89 1.54 -9.64
C PHE B 27 7.37 1.81 -9.86
N LEU B 28 8.20 1.43 -8.90
CA LEU B 28 9.64 1.63 -9.00
C LEU B 28 10.21 0.96 -10.25
N TYR B 29 9.83 -0.30 -10.46
CA TYR B 29 10.29 -1.05 -11.61
C TYR B 29 9.90 -0.35 -12.92
N TRP B 30 8.64 0.04 -13.01
CA TRP B 30 8.13 0.72 -14.20
C TRP B 30 8.92 2.00 -14.47
N ARG B 31 9.02 2.85 -13.45
CA ARG B 31 9.75 4.10 -13.57
C ARG B 31 11.17 3.87 -14.06
N GLY B 32 11.74 2.73 -13.67
CA GLY B 32 13.10 2.40 -14.09
C GLY B 32 13.15 1.72 -15.44
N ARG B 33 12.03 1.14 -15.84
CA ARG B 33 11.95 0.45 -17.13
C ARG B 33 11.87 1.46 -18.28
N ARG B 34 10.86 2.33 -18.23
CA ARG B 34 10.67 3.33 -19.26
C ARG B 34 11.70 4.46 -19.12
N HIS B 35 12.15 4.69 -17.89
CA HIS B 35 13.13 5.74 -17.63
C HIS B 35 12.50 7.12 -17.77
N HIS B 36 12.17 7.49 -19.01
CA HIS B 36 11.56 8.78 -19.28
C HIS B 36 10.04 8.72 -19.12
N HIS B 37 9.38 9.86 -19.28
CA HIS B 37 7.93 9.94 -19.15
C HIS B 37 7.39 11.18 -19.85
N HIS B 38 6.22 11.04 -20.47
CA HIS B 38 5.59 12.14 -21.18
C HIS B 38 4.52 12.80 -20.31
N HIS B 39 4.86 13.95 -19.74
CA HIS B 39 3.93 14.69 -18.89
C HIS B 39 2.97 15.52 -19.73
N HIS B 40 2.02 16.17 -19.07
CA HIS B 40 1.03 16.99 -19.75
C HIS B 40 1.62 18.36 -20.11
#